data_7XXV
# 
_entry.id   7XXV 
# 
_audit_conform.dict_name       mmcif_pdbx.dic 
_audit_conform.dict_version    5.380 
_audit_conform.dict_location   http://mmcif.pdb.org/dictionaries/ascii/mmcif_pdbx.dic 
# 
loop_
_database_2.database_id 
_database_2.database_code 
_database_2.pdbx_database_accession 
_database_2.pdbx_DOI 
PDB   7XXV         pdb_00007xxv 10.2210/pdb7xxv/pdb 
WWPDB D_1300029901 ?            ?                   
# 
_pdbx_database_status.status_code                     REL 
_pdbx_database_status.status_code_sf                  REL 
_pdbx_database_status.status_code_mr                  ? 
_pdbx_database_status.entry_id                        7XXV 
_pdbx_database_status.recvd_initial_deposition_date   2022-05-31 
_pdbx_database_status.SG_entry                        N 
_pdbx_database_status.deposit_site                    PDBJ 
_pdbx_database_status.process_site                    PDBJ 
_pdbx_database_status.status_code_cs                  ? 
_pdbx_database_status.status_code_nmr_data            ? 
_pdbx_database_status.methods_development_category    ? 
_pdbx_database_status.pdb_format_compatible           Y 
# 
_audit_author.name               'Su, J.Y.' 
_audit_author.pdbx_ordinal       1 
_audit_author.identifier_ORCID   ? 
# 
_citation.abstract                  ? 
_citation.abstract_id_CAS           ? 
_citation.book_id_ISBN              ? 
_citation.book_publisher            ? 
_citation.book_publisher_city       ? 
_citation.book_title                ? 
_citation.coordinate_linkage        ? 
_citation.country                   CN 
_citation.database_id_Medline       ? 
_citation.details                   ? 
_citation.id                        primary 
_citation.journal_abbrev            'Acta Biochim.Biophys.Sin.' 
_citation.journal_id_ASTM           ? 
_citation.journal_id_CSD            ? 
_citation.journal_id_ISSN           1745-7270 
_citation.journal_full              ? 
_citation.journal_issue             ? 
_citation.journal_volume            55 
_citation.language                  ? 
_citation.page_first                613 
_citation.page_last                 622 
_citation.title                     
'Glutathione disrupts galectin-10 Charcot-Leyden crystal formation to possibly ameliorate eosinophil-based diseases such as asthma.' 
_citation.year                      2023 
_citation.database_id_CSD           ? 
_citation.pdbx_database_id_DOI      10.3724/abbs.2023050 
_citation.pdbx_database_id_PubMed   36988350 
_citation.pdbx_database_id_patent   ? 
_citation.unpublished_flag          ? 
# 
loop_
_citation_author.citation_id 
_citation_author.name 
_citation_author.ordinal 
_citation_author.identifier_ORCID 
primary 'Na, H.'      1 ? 
primary 'Sayed, H.'   2 ? 
primary 'Ayala, G.J.' 3 ? 
primary 'Wang, X.'    4 ? 
primary 'Liu, Y.'     5 ? 
primary 'Yu, J.'      6 ? 
primary 'Liu, T.'     7 ? 
primary 'Mayo, K.H.'  8 ? 
primary 'Su, J.'      9 ? 
# 
_cell.angle_alpha                  90.000 
_cell.angle_alpha_esd              ? 
_cell.angle_beta                   90.000 
_cell.angle_beta_esd               ? 
_cell.angle_gamma                  120.000 
_cell.angle_gamma_esd              ? 
_cell.entry_id                     7XXV 
_cell.details                      ? 
_cell.formula_units_Z              ? 
_cell.length_a                     48.528 
_cell.length_a_esd                 ? 
_cell.length_b                     48.528 
_cell.length_b_esd                 ? 
_cell.length_c                     256.565 
_cell.length_c_esd                 ? 
_cell.volume                       ? 
_cell.volume_esd                   ? 
_cell.Z_PDB                        12 
_cell.reciprocal_angle_alpha       ? 
_cell.reciprocal_angle_beta        ? 
_cell.reciprocal_angle_gamma       ? 
_cell.reciprocal_angle_alpha_esd   ? 
_cell.reciprocal_angle_beta_esd    ? 
_cell.reciprocal_angle_gamma_esd   ? 
_cell.reciprocal_length_a          ? 
_cell.reciprocal_length_b          ? 
_cell.reciprocal_length_c          ? 
_cell.reciprocal_length_a_esd      ? 
_cell.reciprocal_length_b_esd      ? 
_cell.reciprocal_length_c_esd      ? 
_cell.pdbx_unique_axis             ? 
_cell.pdbx_esd_method              ? 
# 
_symmetry.entry_id                         7XXV 
_symmetry.cell_setting                     ? 
_symmetry.Int_Tables_number                179 
_symmetry.space_group_name_Hall            ? 
_symmetry.space_group_name_H-M             'P 65 2 2' 
_symmetry.pdbx_full_space_group_name_H-M   ? 
# 
loop_
_entity.id 
_entity.type 
_entity.src_method 
_entity.pdbx_description 
_entity.formula_weight 
_entity.pdbx_number_of_molecules 
_entity.pdbx_ec 
_entity.pdbx_mutation 
_entity.pdbx_fragment 
_entity.details 
1 polymer  man Galectin                                            16198.312 1   ? ? ? ? 
2 branched syn 'beta-D-galactopyranose-(1-4)-beta-D-glucopyranose' 342.297   1   ? ? ? ? 
3 water    nat water                                               18.015    169 ? ? ? ? 
# 
_entity_name_com.entity_id   1 
_entity_name_com.name        'galectin-10/Charcot-Leyden crystal protein' 
# 
_entity_poly.entity_id                      1 
_entity_poly.type                           'polypeptide(L)' 
_entity_poly.nstd_linkage                   no 
_entity_poly.nstd_monomer                   no 
_entity_poly.pdbx_seq_one_letter_code       
;GSHMQVPHTESVSLSAGSTVTIKGRPLVCFFNEPHLQVDFHTEMKEDSDIAFHFQVYFGNRVVMNSREFKIWKEEVESKN
MPFQDGQEFELSILVLEDKYQVMVNGQAYYNFNHRIPVSSVKMVQVWRDISLTKFNVSN
;
_entity_poly.pdbx_seq_one_letter_code_can   
;GSHMQVPHTESVSLSAGSTVTIKGRPLVCFFNEPHLQVDFHTEMKEDSDIAFHFQVYFGNRVVMNSREFKIWKEEVESKN
MPFQDGQEFELSILVLEDKYQVMVNGQAYYNFNHRIPVSSVKMVQVWRDISLTKFNVSN
;
_entity_poly.pdbx_strand_id                 A 
_entity_poly.pdbx_target_identifier         ? 
# 
loop_
_entity_poly_seq.entity_id 
_entity_poly_seq.num 
_entity_poly_seq.mon_id 
_entity_poly_seq.hetero 
1 1   GLY n 
1 2   SER n 
1 3   HIS n 
1 4   MET n 
1 5   GLN n 
1 6   VAL n 
1 7   PRO n 
1 8   HIS n 
1 9   THR n 
1 10  GLU n 
1 11  SER n 
1 12  VAL n 
1 13  SER n 
1 14  LEU n 
1 15  SER n 
1 16  ALA n 
1 17  GLY n 
1 18  SER n 
1 19  THR n 
1 20  VAL n 
1 21  THR n 
1 22  ILE n 
1 23  LYS n 
1 24  GLY n 
1 25  ARG n 
1 26  PRO n 
1 27  LEU n 
1 28  VAL n 
1 29  CYS n 
1 30  PHE n 
1 31  PHE n 
1 32  ASN n 
1 33  GLU n 
1 34  PRO n 
1 35  HIS n 
1 36  LEU n 
1 37  GLN n 
1 38  VAL n 
1 39  ASP n 
1 40  PHE n 
1 41  HIS n 
1 42  THR n 
1 43  GLU n 
1 44  MET n 
1 45  LYS n 
1 46  GLU n 
1 47  ASP n 
1 48  SER n 
1 49  ASP n 
1 50  ILE n 
1 51  ALA n 
1 52  PHE n 
1 53  HIS n 
1 54  PHE n 
1 55  GLN n 
1 56  VAL n 
1 57  TYR n 
1 58  PHE n 
1 59  GLY n 
1 60  ASN n 
1 61  ARG n 
1 62  VAL n 
1 63  VAL n 
1 64  MET n 
1 65  ASN n 
1 66  SER n 
1 67  ARG n 
1 68  GLU n 
1 69  PHE n 
1 70  LYS n 
1 71  ILE n 
1 72  TRP n 
1 73  LYS n 
1 74  GLU n 
1 75  GLU n 
1 76  VAL n 
1 77  GLU n 
1 78  SER n 
1 79  LYS n 
1 80  ASN n 
1 81  MET n 
1 82  PRO n 
1 83  PHE n 
1 84  GLN n 
1 85  ASP n 
1 86  GLY n 
1 87  GLN n 
1 88  GLU n 
1 89  PHE n 
1 90  GLU n 
1 91  LEU n 
1 92  SER n 
1 93  ILE n 
1 94  LEU n 
1 95  VAL n 
1 96  LEU n 
1 97  GLU n 
1 98  ASP n 
1 99  LYS n 
1 100 TYR n 
1 101 GLN n 
1 102 VAL n 
1 103 MET n 
1 104 VAL n 
1 105 ASN n 
1 106 GLY n 
1 107 GLN n 
1 108 ALA n 
1 109 TYR n 
1 110 TYR n 
1 111 ASN n 
1 112 PHE n 
1 113 ASN n 
1 114 HIS n 
1 115 ARG n 
1 116 ILE n 
1 117 PRO n 
1 118 VAL n 
1 119 SER n 
1 120 SER n 
1 121 VAL n 
1 122 LYS n 
1 123 MET n 
1 124 VAL n 
1 125 GLN n 
1 126 VAL n 
1 127 TRP n 
1 128 ARG n 
1 129 ASP n 
1 130 ILE n 
1 131 SER n 
1 132 LEU n 
1 133 THR n 
1 134 LYS n 
1 135 PHE n 
1 136 ASN n 
1 137 VAL n 
1 138 SER n 
1 139 ASN n 
# 
_entity_src_gen.entity_id                          1 
_entity_src_gen.pdbx_src_id                        1 
_entity_src_gen.pdbx_alt_source_flag               sample 
_entity_src_gen.pdbx_seq_type                      'Biological sequence' 
_entity_src_gen.pdbx_beg_seq_num                   1 
_entity_src_gen.pdbx_end_seq_num                   139 
_entity_src_gen.gene_src_common_name               'crab-eating macaque' 
_entity_src_gen.gene_src_genus                     ? 
_entity_src_gen.pdbx_gene_src_gene                 EGM_09723 
_entity_src_gen.gene_src_species                   ? 
_entity_src_gen.gene_src_strain                    ? 
_entity_src_gen.gene_src_tissue                    ? 
_entity_src_gen.gene_src_tissue_fraction           ? 
_entity_src_gen.gene_src_details                   ? 
_entity_src_gen.pdbx_gene_src_fragment             ? 
_entity_src_gen.pdbx_gene_src_scientific_name      'Macaca fascicularis' 
_entity_src_gen.pdbx_gene_src_ncbi_taxonomy_id     9541 
_entity_src_gen.pdbx_gene_src_variant              ? 
_entity_src_gen.pdbx_gene_src_cell_line            ? 
_entity_src_gen.pdbx_gene_src_atcc                 ? 
_entity_src_gen.pdbx_gene_src_organ                ? 
_entity_src_gen.pdbx_gene_src_organelle            ? 
_entity_src_gen.pdbx_gene_src_cell                 ? 
_entity_src_gen.pdbx_gene_src_cellular_location    ? 
_entity_src_gen.host_org_common_name               ? 
_entity_src_gen.pdbx_host_org_scientific_name      'Escherichia coli' 
_entity_src_gen.pdbx_host_org_ncbi_taxonomy_id     562 
_entity_src_gen.host_org_genus                     ? 
_entity_src_gen.pdbx_host_org_gene                 ? 
_entity_src_gen.pdbx_host_org_organ                ? 
_entity_src_gen.host_org_species                   ? 
_entity_src_gen.pdbx_host_org_tissue               ? 
_entity_src_gen.pdbx_host_org_tissue_fraction      ? 
_entity_src_gen.pdbx_host_org_strain               ? 
_entity_src_gen.pdbx_host_org_variant              ? 
_entity_src_gen.pdbx_host_org_cell_line            ? 
_entity_src_gen.pdbx_host_org_atcc                 ? 
_entity_src_gen.pdbx_host_org_culture_collection   ? 
_entity_src_gen.pdbx_host_org_cell                 ? 
_entity_src_gen.pdbx_host_org_organelle            ? 
_entity_src_gen.pdbx_host_org_cellular_location    ? 
_entity_src_gen.pdbx_host_org_vector_type          ? 
_entity_src_gen.pdbx_host_org_vector               ? 
_entity_src_gen.host_org_details                   ? 
_entity_src_gen.expression_system_id               ? 
_entity_src_gen.plasmid_name                       ? 
_entity_src_gen.plasmid_details                    ? 
_entity_src_gen.pdbx_description                   ? 
# 
_struct_ref.id                         1 
_struct_ref.db_name                    UNP 
_struct_ref.db_code                    G7PXK5_MACFA 
_struct_ref.pdbx_db_accession          G7PXK5 
_struct_ref.pdbx_db_isoform            ? 
_struct_ref.entity_id                  1 
_struct_ref.pdbx_seq_one_letter_code   
;QVPHTESVSLSAGSTVTIKGRPLVCFFNEPHLQVDFHTEMKEDSDIAFHFQVYFGNRVVMNSREFKIWKEEVESKNMPFQ
DGQEFELSILVLEDKYQVMVNGQAYYNFNHRIPVSSVKMVQVWRDISLTKFNVSN
;
_struct_ref.pdbx_align_begin           1 
# 
_struct_ref_seq.align_id                      1 
_struct_ref_seq.ref_id                        1 
_struct_ref_seq.pdbx_PDB_id_code              7XXV 
_struct_ref_seq.pdbx_strand_id                A 
_struct_ref_seq.seq_align_beg                 5 
_struct_ref_seq.pdbx_seq_align_beg_ins_code   ? 
_struct_ref_seq.seq_align_end                 139 
_struct_ref_seq.pdbx_seq_align_end_ins_code   ? 
_struct_ref_seq.pdbx_db_accession             G7PXK5 
_struct_ref_seq.db_align_beg                  1 
_struct_ref_seq.pdbx_db_align_beg_ins_code    ? 
_struct_ref_seq.db_align_end                  135 
_struct_ref_seq.pdbx_db_align_end_ins_code    ? 
_struct_ref_seq.pdbx_auth_seq_align_beg       5 
_struct_ref_seq.pdbx_auth_seq_align_end       139 
# 
loop_
_struct_ref_seq_dif.align_id 
_struct_ref_seq_dif.pdbx_pdb_id_code 
_struct_ref_seq_dif.mon_id 
_struct_ref_seq_dif.pdbx_pdb_strand_id 
_struct_ref_seq_dif.seq_num 
_struct_ref_seq_dif.pdbx_pdb_ins_code 
_struct_ref_seq_dif.pdbx_seq_db_name 
_struct_ref_seq_dif.pdbx_seq_db_accession_code 
_struct_ref_seq_dif.db_mon_id 
_struct_ref_seq_dif.pdbx_seq_db_seq_num 
_struct_ref_seq_dif.details 
_struct_ref_seq_dif.pdbx_auth_seq_num 
_struct_ref_seq_dif.pdbx_ordinal 
1 7XXV GLY A 1 ? UNP G7PXK5 ? ? 'expression tag' 1 1 
1 7XXV SER A 2 ? UNP G7PXK5 ? ? 'expression tag' 2 2 
1 7XXV HIS A 3 ? UNP G7PXK5 ? ? 'expression tag' 3 3 
1 7XXV MET A 4 ? UNP G7PXK5 ? ? 'expression tag' 4 4 
# 
loop_
_chem_comp.id 
_chem_comp.type 
_chem_comp.mon_nstd_flag 
_chem_comp.name 
_chem_comp.pdbx_synonyms 
_chem_comp.formula 
_chem_comp.formula_weight 
ALA 'L-peptide linking'          y ALANINE                ?                                          'C3 H7 N O2'     89.093  
ARG 'L-peptide linking'          y ARGININE               ?                                          'C6 H15 N4 O2 1' 175.209 
ASN 'L-peptide linking'          y ASPARAGINE             ?                                          'C4 H8 N2 O3'    132.118 
ASP 'L-peptide linking'          y 'ASPARTIC ACID'        ?                                          'C4 H7 N O4'     133.103 
BGC 'D-saccharide, beta linking' . beta-D-glucopyranose   'beta-D-glucose; D-glucose; glucose'       'C6 H12 O6'      180.156 
CYS 'L-peptide linking'          y CYSTEINE               ?                                          'C3 H7 N O2 S'   121.158 
GAL 'D-saccharide, beta linking' . beta-D-galactopyranose 'beta-D-galactose; D-galactose; galactose' 'C6 H12 O6'      180.156 
GLN 'L-peptide linking'          y GLUTAMINE              ?                                          'C5 H10 N2 O3'   146.144 
GLU 'L-peptide linking'          y 'GLUTAMIC ACID'        ?                                          'C5 H9 N O4'     147.129 
GLY 'peptide linking'            y GLYCINE                ?                                          'C2 H5 N O2'     75.067  
HIS 'L-peptide linking'          y HISTIDINE              ?                                          'C6 H10 N3 O2 1' 156.162 
HOH non-polymer                  . WATER                  ?                                          'H2 O'           18.015  
ILE 'L-peptide linking'          y ISOLEUCINE             ?                                          'C6 H13 N O2'    131.173 
LEU 'L-peptide linking'          y LEUCINE                ?                                          'C6 H13 N O2'    131.173 
LYS 'L-peptide linking'          y LYSINE                 ?                                          'C6 H15 N2 O2 1' 147.195 
MET 'L-peptide linking'          y METHIONINE             ?                                          'C5 H11 N O2 S'  149.211 
PHE 'L-peptide linking'          y PHENYLALANINE          ?                                          'C9 H11 N O2'    165.189 
PRO 'L-peptide linking'          y PROLINE                ?                                          'C5 H9 N O2'     115.130 
SER 'L-peptide linking'          y SERINE                 ?                                          'C3 H7 N O3'     105.093 
THR 'L-peptide linking'          y THREONINE              ?                                          'C4 H9 N O3'     119.119 
TRP 'L-peptide linking'          y TRYPTOPHAN             ?                                          'C11 H12 N2 O2'  204.225 
TYR 'L-peptide linking'          y TYROSINE               ?                                          'C9 H11 N O3'    181.189 
VAL 'L-peptide linking'          y VALINE                 ?                                          'C5 H11 N O2'    117.146 
# 
_exptl.absorpt_coefficient_mu     ? 
_exptl.absorpt_correction_T_max   ? 
_exptl.absorpt_correction_T_min   ? 
_exptl.absorpt_correction_type    ? 
_exptl.absorpt_process_details    ? 
_exptl.entry_id                   7XXV 
_exptl.crystals_number            1 
_exptl.details                    ? 
_exptl.method                     'X-RAY DIFFRACTION' 
_exptl.method_details             ? 
# 
_exptl_crystal.colour                       ? 
_exptl_crystal.density_diffrn               ? 
_exptl_crystal.density_Matthews             2.69 
_exptl_crystal.density_method               ? 
_exptl_crystal.density_percent_sol          54.31 
_exptl_crystal.description                  ? 
_exptl_crystal.F_000                        ? 
_exptl_crystal.id                           1 
_exptl_crystal.preparation                  ? 
_exptl_crystal.size_max                     ? 
_exptl_crystal.size_mid                     ? 
_exptl_crystal.size_min                     ? 
_exptl_crystal.size_rad                     ? 
_exptl_crystal.colour_lustre                ? 
_exptl_crystal.colour_modifier              ? 
_exptl_crystal.colour_primary               ? 
_exptl_crystal.density_meas                 ? 
_exptl_crystal.density_meas_esd             ? 
_exptl_crystal.density_meas_gt              ? 
_exptl_crystal.density_meas_lt              ? 
_exptl_crystal.density_meas_temp            ? 
_exptl_crystal.density_meas_temp_esd        ? 
_exptl_crystal.density_meas_temp_gt         ? 
_exptl_crystal.density_meas_temp_lt         ? 
_exptl_crystal.pdbx_crystal_image_url       ? 
_exptl_crystal.pdbx_crystal_image_format    ? 
_exptl_crystal.pdbx_mosaicity               ? 
_exptl_crystal.pdbx_mosaicity_esd           ? 
_exptl_crystal.pdbx_mosaic_method           ? 
_exptl_crystal.pdbx_mosaic_block_size       ? 
_exptl_crystal.pdbx_mosaic_block_size_esd   ? 
# 
_exptl_crystal_grow.apparatus       ? 
_exptl_crystal_grow.atmosphere      ? 
_exptl_crystal_grow.crystal_id      1 
_exptl_crystal_grow.details         ? 
_exptl_crystal_grow.method          'VAPOR DIFFUSION, HANGING DROP' 
_exptl_crystal_grow.method_ref      ? 
_exptl_crystal_grow.pH              ? 
_exptl_crystal_grow.pressure        ? 
_exptl_crystal_grow.pressure_esd    ? 
_exptl_crystal_grow.seeding         ? 
_exptl_crystal_grow.seeding_ref     ? 
_exptl_crystal_grow.temp            298 
_exptl_crystal_grow.temp_details    ? 
_exptl_crystal_grow.temp_esd        ? 
_exptl_crystal_grow.time            ? 
_exptl_crystal_grow.pdbx_details    PEG 
_exptl_crystal_grow.pdbx_pH_range   ? 
# 
_diffrn.ambient_environment              ? 
_diffrn.ambient_temp                     100 
_diffrn.ambient_temp_details             ? 
_diffrn.ambient_temp_esd                 ? 
_diffrn.crystal_id                       1 
_diffrn.crystal_support                  ? 
_diffrn.crystal_treatment                ? 
_diffrn.details                          ? 
_diffrn.id                               1 
_diffrn.ambient_pressure                 ? 
_diffrn.ambient_pressure_esd             ? 
_diffrn.ambient_pressure_gt              ? 
_diffrn.ambient_pressure_lt              ? 
_diffrn.ambient_temp_gt                  ? 
_diffrn.ambient_temp_lt                  ? 
_diffrn.pdbx_serial_crystal_experiment   N 
# 
_diffrn_detector.details                      ? 
_diffrn_detector.detector                     PIXEL 
_diffrn_detector.diffrn_id                    1 
_diffrn_detector.type                         'DECTRIS PILATUS 6M' 
_diffrn_detector.area_resol_mean              ? 
_diffrn_detector.dtime                        ? 
_diffrn_detector.pdbx_frames_total            ? 
_diffrn_detector.pdbx_collection_time_total   ? 
_diffrn_detector.pdbx_collection_date         2019-10-31 
_diffrn_detector.pdbx_frequency               ? 
# 
_diffrn_radiation.collimation                      ? 
_diffrn_radiation.diffrn_id                        1 
_diffrn_radiation.filter_edge                      ? 
_diffrn_radiation.inhomogeneity                    ? 
_diffrn_radiation.monochromator                    ? 
_diffrn_radiation.polarisn_norm                    ? 
_diffrn_radiation.polarisn_ratio                   ? 
_diffrn_radiation.probe                            ? 
_diffrn_radiation.type                             ? 
_diffrn_radiation.xray_symbol                      ? 
_diffrn_radiation.wavelength_id                    1 
_diffrn_radiation.pdbx_monochromatic_or_laue_m_l   M 
_diffrn_radiation.pdbx_wavelength_list             ? 
_diffrn_radiation.pdbx_wavelength                  ? 
_diffrn_radiation.pdbx_diffrn_protocol             'SINGLE WAVELENGTH' 
_diffrn_radiation.pdbx_analyzer                    ? 
_diffrn_radiation.pdbx_scattering_type             x-ray 
# 
_diffrn_radiation_wavelength.id           1 
_diffrn_radiation_wavelength.wavelength   0.97930 
_diffrn_radiation_wavelength.wt           1.0 
# 
_diffrn_source.current                     ? 
_diffrn_source.details                     ? 
_diffrn_source.diffrn_id                   1 
_diffrn_source.power                       ? 
_diffrn_source.size                        ? 
_diffrn_source.source                      SYNCHROTRON 
_diffrn_source.target                      ? 
_diffrn_source.type                        'SSRF BEAMLINE BL18U1' 
_diffrn_source.voltage                     ? 
_diffrn_source.take-off_angle              ? 
_diffrn_source.pdbx_wavelength_list        0.97930 
_diffrn_source.pdbx_wavelength             ? 
_diffrn_source.pdbx_synchrotron_beamline   BL18U1 
_diffrn_source.pdbx_synchrotron_site       SSRF 
# 
_reflns.B_iso_Wilson_estimate                          ? 
_reflns.entry_id                                       7XXV 
_reflns.data_reduction_details                         ? 
_reflns.data_reduction_method                          ? 
_reflns.d_resolution_high                              1.60 
_reflns.d_resolution_low                               19.97 
_reflns.details                                        ? 
_reflns.limit_h_max                                    ? 
_reflns.limit_h_min                                    ? 
_reflns.limit_k_max                                    ? 
_reflns.limit_k_min                                    ? 
_reflns.limit_l_max                                    ? 
_reflns.limit_l_min                                    ? 
_reflns.number_all                                     ? 
_reflns.number_obs                                     24980 
_reflns.observed_criterion                             ? 
_reflns.observed_criterion_F_max                       ? 
_reflns.observed_criterion_F_min                       ? 
_reflns.observed_criterion_I_max                       ? 
_reflns.observed_criterion_I_min                       ? 
_reflns.observed_criterion_sigma_F                     ? 
_reflns.observed_criterion_sigma_I                     ? 
_reflns.percent_possible_obs                           99.7 
_reflns.R_free_details                                 ? 
_reflns.Rmerge_F_all                                   ? 
_reflns.Rmerge_F_obs                                   ? 
_reflns.Friedel_coverage                               ? 
_reflns.number_gt                                      ? 
_reflns.threshold_expression                           ? 
_reflns.pdbx_redundancy                                17.1 
_reflns.pdbx_Rmerge_I_obs                              0.068 
_reflns.pdbx_Rmerge_I_all                              ? 
_reflns.pdbx_Rsym_value                                ? 
_reflns.pdbx_netI_over_av_sigmaI                       ? 
_reflns.pdbx_netI_over_sigmaI                          26.5 
_reflns.pdbx_res_netI_over_av_sigmaI_2                 ? 
_reflns.pdbx_res_netI_over_sigmaI_2                    ? 
_reflns.pdbx_chi_squared                               ? 
_reflns.pdbx_scaling_rejects                           ? 
_reflns.pdbx_d_res_high_opt                            ? 
_reflns.pdbx_d_res_low_opt                             ? 
_reflns.pdbx_d_res_opt_method                          ? 
_reflns.phase_calculation_details                      ? 
_reflns.pdbx_Rrim_I_all                                ? 
_reflns.pdbx_Rpim_I_all                                ? 
_reflns.pdbx_d_opt                                     ? 
_reflns.pdbx_number_measured_all                       ? 
_reflns.pdbx_diffrn_id                                 1 
_reflns.pdbx_ordinal                                   1 
_reflns.pdbx_CC_half                                   ? 
_reflns.pdbx_CC_star                                   ? 
_reflns.pdbx_R_split                                   ? 
_reflns.pdbx_aniso_diffraction_limit_axis_1_ortho[1]   ? 
_reflns.pdbx_aniso_diffraction_limit_axis_1_ortho[2]   ? 
_reflns.pdbx_aniso_diffraction_limit_axis_1_ortho[3]   ? 
_reflns.pdbx_aniso_diffraction_limit_axis_2_ortho[1]   ? 
_reflns.pdbx_aniso_diffraction_limit_axis_2_ortho[2]   ? 
_reflns.pdbx_aniso_diffraction_limit_axis_2_ortho[3]   ? 
_reflns.pdbx_aniso_diffraction_limit_axis_3_ortho[1]   ? 
_reflns.pdbx_aniso_diffraction_limit_axis_3_ortho[2]   ? 
_reflns.pdbx_aniso_diffraction_limit_axis_3_ortho[3]   ? 
_reflns.pdbx_aniso_diffraction_limit_1                 ? 
_reflns.pdbx_aniso_diffraction_limit_2                 ? 
_reflns.pdbx_aniso_diffraction_limit_3                 ? 
_reflns.pdbx_aniso_B_tensor_eigenvector_1_ortho[1]     ? 
_reflns.pdbx_aniso_B_tensor_eigenvector_1_ortho[2]     ? 
_reflns.pdbx_aniso_B_tensor_eigenvector_1_ortho[3]     ? 
_reflns.pdbx_aniso_B_tensor_eigenvector_2_ortho[1]     ? 
_reflns.pdbx_aniso_B_tensor_eigenvector_2_ortho[2]     ? 
_reflns.pdbx_aniso_B_tensor_eigenvector_2_ortho[3]     ? 
_reflns.pdbx_aniso_B_tensor_eigenvector_3_ortho[1]     ? 
_reflns.pdbx_aniso_B_tensor_eigenvector_3_ortho[2]     ? 
_reflns.pdbx_aniso_B_tensor_eigenvector_3_ortho[3]     ? 
_reflns.pdbx_aniso_B_tensor_eigenvalue_1               ? 
_reflns.pdbx_aniso_B_tensor_eigenvalue_2               ? 
_reflns.pdbx_aniso_B_tensor_eigenvalue_3               ? 
_reflns.pdbx_orthogonalization_convention              ? 
_reflns.pdbx_percent_possible_ellipsoidal              ? 
_reflns.pdbx_percent_possible_spherical                ? 
_reflns.pdbx_percent_possible_ellipsoidal_anomalous    ? 
_reflns.pdbx_percent_possible_spherical_anomalous      ? 
_reflns.pdbx_redundancy_anomalous                      ? 
_reflns.pdbx_CC_half_anomalous                         ? 
_reflns.pdbx_absDiff_over_sigma_anomalous              ? 
_reflns.pdbx_percent_possible_anomalous                ? 
_reflns.pdbx_observed_signal_threshold                 ? 
_reflns.pdbx_signal_type                               ? 
_reflns.pdbx_signal_details                            ? 
_reflns.pdbx_signal_software_id                        ? 
_reflns.pdbx_CC_split_method                           ? 
# 
_reflns_shell.d_res_high                                    1.6 
_reflns_shell.d_res_low                                     1.63 
_reflns_shell.meanI_over_sigI_all                           ? 
_reflns_shell.meanI_over_sigI_obs                           ? 
_reflns_shell.number_measured_all                           ? 
_reflns_shell.number_measured_obs                           ? 
_reflns_shell.number_possible                               ? 
_reflns_shell.number_unique_all                             ? 
_reflns_shell.number_unique_obs                             1152 
_reflns_shell.percent_possible_all                          ? 
_reflns_shell.percent_possible_obs                          ? 
_reflns_shell.Rmerge_F_all                                  ? 
_reflns_shell.Rmerge_F_obs                                  ? 
_reflns_shell.Rmerge_I_all                                  ? 
_reflns_shell.Rmerge_I_obs                                  0.768 
_reflns_shell.meanI_over_sigI_gt                            ? 
_reflns_shell.meanI_over_uI_all                             ? 
_reflns_shell.meanI_over_uI_gt                              ? 
_reflns_shell.number_measured_gt                            ? 
_reflns_shell.number_unique_gt                              ? 
_reflns_shell.percent_possible_gt                           ? 
_reflns_shell.Rmerge_F_gt                                   ? 
_reflns_shell.Rmerge_I_gt                                   ? 
_reflns_shell.pdbx_redundancy                               ? 
_reflns_shell.pdbx_Rsym_value                               ? 
_reflns_shell.pdbx_chi_squared                              ? 
_reflns_shell.pdbx_netI_over_sigmaI_all                     ? 
_reflns_shell.pdbx_netI_over_sigmaI_obs                     ? 
_reflns_shell.pdbx_Rrim_I_all                               ? 
_reflns_shell.pdbx_Rpim_I_all                               ? 
_reflns_shell.pdbx_rejects                                  ? 
_reflns_shell.pdbx_ordinal                                  1 
_reflns_shell.pdbx_diffrn_id                                1 
_reflns_shell.pdbx_CC_half                                  ? 
_reflns_shell.pdbx_CC_star                                  ? 
_reflns_shell.pdbx_R_split                                  ? 
_reflns_shell.pdbx_percent_possible_ellipsoidal             ? 
_reflns_shell.pdbx_percent_possible_spherical               ? 
_reflns_shell.pdbx_percent_possible_ellipsoidal_anomalous   ? 
_reflns_shell.pdbx_percent_possible_spherical_anomalous     ? 
_reflns_shell.pdbx_redundancy_anomalous                     ? 
_reflns_shell.pdbx_CC_half_anomalous                        ? 
_reflns_shell.pdbx_absDiff_over_sigma_anomalous             ? 
_reflns_shell.pdbx_percent_possible_anomalous               ? 
# 
_refine.aniso_B[1][1]                            ? 
_refine.aniso_B[1][2]                            ? 
_refine.aniso_B[1][3]                            ? 
_refine.aniso_B[2][2]                            ? 
_refine.aniso_B[2][3]                            ? 
_refine.aniso_B[3][3]                            ? 
_refine.B_iso_max                                54.900 
_refine.B_iso_mean                               18.5200 
_refine.B_iso_min                                8.420 
_refine.correlation_coeff_Fo_to_Fc               ? 
_refine.correlation_coeff_Fo_to_Fc_free          ? 
_refine.details                                  ? 
_refine.diff_density_max                         ? 
_refine.diff_density_max_esd                     ? 
_refine.diff_density_min                         ? 
_refine.diff_density_min_esd                     ? 
_refine.diff_density_rms                         ? 
_refine.diff_density_rms_esd                     ? 
_refine.entry_id                                 7XXV 
_refine.pdbx_refine_id                           'X-RAY DIFFRACTION' 
_refine.ls_abs_structure_details                 ? 
_refine.ls_abs_structure_Flack                   ? 
_refine.ls_abs_structure_Flack_esd               ? 
_refine.ls_abs_structure_Rogers                  ? 
_refine.ls_abs_structure_Rogers_esd              ? 
_refine.ls_d_res_high                            1.6000 
_refine.ls_d_res_low                             19.9700 
_refine.ls_extinction_coef                       ? 
_refine.ls_extinction_coef_esd                   ? 
_refine.ls_extinction_expression                 ? 
_refine.ls_extinction_method                     ? 
_refine.ls_goodness_of_fit_all                   ? 
_refine.ls_goodness_of_fit_all_esd               ? 
_refine.ls_goodness_of_fit_obs                   ? 
_refine.ls_goodness_of_fit_obs_esd               ? 
_refine.ls_hydrogen_treatment                    ? 
_refine.ls_matrix_type                           ? 
_refine.ls_number_constraints                    ? 
_refine.ls_number_parameters                     ? 
_refine.ls_number_reflns_all                     ? 
_refine.ls_number_reflns_obs                     24841 
_refine.ls_number_reflns_R_free                  1998 
_refine.ls_number_reflns_R_work                  22843 
_refine.ls_number_restraints                     ? 
_refine.ls_percent_reflns_obs                    99.6200 
_refine.ls_percent_reflns_R_free                 8.0400 
_refine.ls_R_factor_all                          ? 
_refine.ls_R_factor_obs                          0.1771 
_refine.ls_R_factor_R_free                       0.1929 
_refine.ls_R_factor_R_free_error                 ? 
_refine.ls_R_factor_R_free_error_details         ? 
_refine.ls_R_factor_R_work                       0.1757 
_refine.ls_R_Fsqd_factor_obs                     ? 
_refine.ls_R_I_factor_obs                        ? 
_refine.ls_redundancy_reflns_all                 ? 
_refine.ls_redundancy_reflns_obs                 ? 
_refine.ls_restrained_S_all                      ? 
_refine.ls_restrained_S_obs                      ? 
_refine.ls_shift_over_esd_max                    ? 
_refine.ls_shift_over_esd_mean                   ? 
_refine.ls_structure_factor_coef                 ? 
_refine.ls_weighting_details                     ? 
_refine.ls_weighting_scheme                      ? 
_refine.ls_wR_factor_all                         ? 
_refine.ls_wR_factor_obs                         ? 
_refine.ls_wR_factor_R_free                      ? 
_refine.ls_wR_factor_R_work                      ? 
_refine.occupancy_max                            ? 
_refine.occupancy_min                            ? 
_refine.solvent_model_details                    'FLAT BULK SOLVENT MODEL' 
_refine.solvent_model_param_bsol                 ? 
_refine.solvent_model_param_ksol                 ? 
_refine.pdbx_R_complete                          ? 
_refine.ls_R_factor_gt                           ? 
_refine.ls_goodness_of_fit_gt                    ? 
_refine.ls_goodness_of_fit_ref                   ? 
_refine.ls_shift_over_su_max                     ? 
_refine.ls_shift_over_su_max_lt                  ? 
_refine.ls_shift_over_su_mean                    ? 
_refine.ls_shift_over_su_mean_lt                 ? 
_refine.pdbx_ls_sigma_I                          ? 
_refine.pdbx_ls_sigma_F                          1.360 
_refine.pdbx_ls_sigma_Fsqd                       ? 
_refine.pdbx_data_cutoff_high_absF               ? 
_refine.pdbx_data_cutoff_high_rms_absF           ? 
_refine.pdbx_data_cutoff_low_absF                ? 
_refine.pdbx_isotropic_thermal_model             ? 
_refine.pdbx_ls_cross_valid_method               THROUGHOUT 
_refine.pdbx_method_to_determine_struct          'MOLECULAR REPLACEMENT' 
_refine.pdbx_starting_model                      5XRG 
_refine.pdbx_stereochemistry_target_values       ML 
_refine.pdbx_R_Free_selection_details            ? 
_refine.pdbx_stereochem_target_val_spec_case     ? 
_refine.pdbx_overall_ESU_R                       ? 
_refine.pdbx_overall_ESU_R_Free                  ? 
_refine.pdbx_solvent_vdw_probe_radii             1.1100 
_refine.pdbx_solvent_ion_probe_radii             ? 
_refine.pdbx_solvent_shrinkage_radii             0.9000 
_refine.pdbx_real_space_R                        ? 
_refine.pdbx_density_correlation                 ? 
_refine.pdbx_pd_number_of_powder_patterns        ? 
_refine.pdbx_pd_number_of_points                 ? 
_refine.pdbx_pd_meas_number_of_points            ? 
_refine.pdbx_pd_proc_ls_prof_R_factor            ? 
_refine.pdbx_pd_proc_ls_prof_wR_factor           ? 
_refine.pdbx_pd_Marquardt_correlation_coeff      ? 
_refine.pdbx_pd_Fsqrd_R_factor                   ? 
_refine.pdbx_pd_ls_matrix_band_width             ? 
_refine.pdbx_overall_phase_error                 17.3200 
_refine.pdbx_overall_SU_R_free_Cruickshank_DPI   ? 
_refine.pdbx_overall_SU_R_free_Blow_DPI          ? 
_refine.pdbx_overall_SU_R_Blow_DPI               ? 
_refine.pdbx_TLS_residual_ADP_flag               ? 
_refine.pdbx_diffrn_id                           1 
_refine.overall_SU_B                             ? 
_refine.overall_SU_ML                            0.1400 
_refine.overall_SU_R_Cruickshank_DPI             ? 
_refine.overall_SU_R_free                        ? 
_refine.overall_FOM_free_R_set                   ? 
_refine.overall_FOM_work_R_set                   ? 
_refine.pdbx_average_fsc_overall                 ? 
_refine.pdbx_average_fsc_work                    ? 
_refine.pdbx_average_fsc_free                    ? 
# 
_refine_hist.pdbx_refine_id                   'X-RAY DIFFRACTION' 
_refine_hist.cycle_id                         final 
_refine_hist.details                          ? 
_refine_hist.d_res_high                       1.6000 
_refine_hist.d_res_low                        19.9700 
_refine_hist.number_atoms_solvent             169 
_refine_hist.number_atoms_total               1333 
_refine_hist.number_reflns_all                ? 
_refine_hist.number_reflns_obs                ? 
_refine_hist.number_reflns_R_free             ? 
_refine_hist.number_reflns_R_work             ? 
_refine_hist.R_factor_all                     ? 
_refine_hist.R_factor_obs                     ? 
_refine_hist.R_factor_R_free                  ? 
_refine_hist.R_factor_R_work                  ? 
_refine_hist.pdbx_number_residues_total       136 
_refine_hist.pdbx_B_iso_mean_ligand           26.45 
_refine_hist.pdbx_B_iso_mean_solvent          29.18 
_refine_hist.pdbx_number_atoms_protein        1119 
_refine_hist.pdbx_number_atoms_nucleic_acid   0 
_refine_hist.pdbx_number_atoms_ligand         45 
_refine_hist.pdbx_number_atoms_lipid          ? 
_refine_hist.pdbx_number_atoms_carb           ? 
_refine_hist.pdbx_pseudo_atom_details         ? 
# 
loop_
_refine_ls_shell.pdbx_refine_id 
_refine_ls_shell.d_res_high 
_refine_ls_shell.d_res_low 
_refine_ls_shell.number_reflns_all 
_refine_ls_shell.number_reflns_obs 
_refine_ls_shell.number_reflns_R_free 
_refine_ls_shell.number_reflns_R_work 
_refine_ls_shell.percent_reflns_obs 
_refine_ls_shell.percent_reflns_R_free 
_refine_ls_shell.R_factor_all 
_refine_ls_shell.R_factor_obs 
_refine_ls_shell.R_factor_R_free 
_refine_ls_shell.R_factor_R_free_error 
_refine_ls_shell.R_factor_R_work 
_refine_ls_shell.redundancy_reflns_all 
_refine_ls_shell.redundancy_reflns_obs 
_refine_ls_shell.wR_factor_all 
_refine_ls_shell.wR_factor_obs 
_refine_ls_shell.wR_factor_R_free 
_refine_ls_shell.wR_factor_R_work 
_refine_ls_shell.pdbx_R_complete 
_refine_ls_shell.pdbx_total_number_of_bins_used 
_refine_ls_shell.pdbx_phase_error 
_refine_ls_shell.pdbx_fsc_work 
_refine_ls_shell.pdbx_fsc_free 
'X-RAY DIFFRACTION' 1.6000 1.6400  1649 . 133 1516 96.0000  . . . 0.2846 0.0000 0.2550 . . . . . . . 14 . . . 
'X-RAY DIFFRACTION' 1.6400 1.6800  1740 . 140 1600 100.0000 . . . 0.2129 0.0000 0.1694 . . . . . . . 14 . . . 
'X-RAY DIFFRACTION' 1.6800 1.7300  1749 . 141 1608 100.0000 . . . 0.1877 0.0000 0.1691 . . . . . . . 14 . . . 
'X-RAY DIFFRACTION' 1.7300 1.7900  1705 . 137 1568 100.0000 . . . 0.1977 0.0000 0.1681 . . . . . . . 14 . . . 
'X-RAY DIFFRACTION' 1.7900 1.8500  1724 . 138 1586 100.0000 . . . 0.1966 0.0000 0.1744 . . . . . . . 14 . . . 
'X-RAY DIFFRACTION' 1.8500 1.9300  1747 . 140 1607 100.0000 . . . 0.1748 0.0000 0.1620 . . . . . . . 14 . . . 
'X-RAY DIFFRACTION' 1.9300 2.0200  1760 . 142 1618 100.0000 . . . 0.1889 0.0000 0.1598 . . . . . . . 14 . . . 
'X-RAY DIFFRACTION' 2.0200 2.1200  1737 . 140 1597 100.0000 . . . 0.2011 0.0000 0.1615 . . . . . . . 14 . . . 
'X-RAY DIFFRACTION' 2.1200 2.2500  1763 . 142 1621 100.0000 . . . 0.1983 0.0000 0.1736 . . . . . . . 14 . . . 
'X-RAY DIFFRACTION' 2.2500 2.4300  1797 . 144 1653 100.0000 . . . 0.1605 0.0000 0.1673 . . . . . . . 14 . . . 
'X-RAY DIFFRACTION' 2.4300 2.6700  1779 . 143 1636 100.0000 . . . 0.2187 0.0000 0.1852 . . . . . . . 14 . . . 
'X-RAY DIFFRACTION' 2.6700 3.0600  1822 . 147 1675 100.0000 . . . 0.2071 0.0000 0.1845 . . . . . . . 14 . . . 
'X-RAY DIFFRACTION' 3.0600 3.8400  1845 . 149 1696 100.0000 . . . 0.1712 0.0000 0.1757 . . . . . . . 14 . . . 
'X-RAY DIFFRACTION' 3.8500 19.9700 2024 . 162 1862 100.0000 . . . 0.1955 0.0000 0.1777 . . . . . . . 14 . . . 
# 
_struct.entry_id                     7XXV 
_struct.title                        'Macaca fascicularis galectin-10/Charcot-Leyden crystal protein with lactose' 
_struct.pdbx_model_details           ? 
_struct.pdbx_formula_weight          ? 
_struct.pdbx_formula_weight_method   ? 
_struct.pdbx_model_type_details      ? 
_struct.pdbx_CASP_flag               N 
# 
_struct_keywords.entry_id        7XXV 
_struct_keywords.text            'Macaca fascicularis galectin-10/Charcot-Leyden crystal protein with lactose, SURFACTANT PROTEIN' 
_struct_keywords.pdbx_keywords   'SURFACTANT PROTEIN' 
# 
loop_
_struct_asym.id 
_struct_asym.pdbx_blank_PDB_chainid_flag 
_struct_asym.pdbx_modified 
_struct_asym.entity_id 
_struct_asym.details 
A N N 1 ? 
B N N 2 ? 
C N N 3 ? 
# 
loop_
_struct_conf.conf_type_id 
_struct_conf.id 
_struct_conf.pdbx_PDB_helix_id 
_struct_conf.beg_label_comp_id 
_struct_conf.beg_label_asym_id 
_struct_conf.beg_label_seq_id 
_struct_conf.pdbx_beg_PDB_ins_code 
_struct_conf.end_label_comp_id 
_struct_conf.end_label_asym_id 
_struct_conf.end_label_seq_id 
_struct_conf.pdbx_end_PDB_ins_code 
_struct_conf.beg_auth_comp_id 
_struct_conf.beg_auth_asym_id 
_struct_conf.beg_auth_seq_id 
_struct_conf.end_auth_comp_id 
_struct_conf.end_auth_asym_id 
_struct_conf.end_auth_seq_id 
_struct_conf.pdbx_PDB_helix_class 
_struct_conf.details 
_struct_conf.pdbx_PDB_helix_length 
HELX_P HELX_P1 AA1 CYS A 29  ? GLU A 33  ? CYS A 29  GLU A 33  5 ? 5 
HELX_P HELX_P2 AA2 PRO A 117 ? VAL A 121 ? PRO A 117 VAL A 121 5 ? 5 
# 
_struct_conf_type.id          HELX_P 
_struct_conf_type.criteria    ? 
_struct_conf_type.reference   ? 
# 
_struct_conn.id                            covale1 
_struct_conn.conn_type_id                  covale 
_struct_conn.pdbx_leaving_atom_flag        both 
_struct_conn.pdbx_PDB_id                   ? 
_struct_conn.ptnr1_label_asym_id           B 
_struct_conn.ptnr1_label_comp_id           BGC 
_struct_conn.ptnr1_label_seq_id            . 
_struct_conn.ptnr1_label_atom_id           O4 
_struct_conn.pdbx_ptnr1_label_alt_id       ? 
_struct_conn.pdbx_ptnr1_PDB_ins_code       ? 
_struct_conn.pdbx_ptnr1_standard_comp_id   ? 
_struct_conn.ptnr1_symmetry                1_555 
_struct_conn.ptnr2_label_asym_id           B 
_struct_conn.ptnr2_label_comp_id           GAL 
_struct_conn.ptnr2_label_seq_id            . 
_struct_conn.ptnr2_label_atom_id           C1 
_struct_conn.pdbx_ptnr2_label_alt_id       ? 
_struct_conn.pdbx_ptnr2_PDB_ins_code       ? 
_struct_conn.ptnr1_auth_asym_id            B 
_struct_conn.ptnr1_auth_comp_id            BGC 
_struct_conn.ptnr1_auth_seq_id             1 
_struct_conn.ptnr2_auth_asym_id            B 
_struct_conn.ptnr2_auth_comp_id            GAL 
_struct_conn.ptnr2_auth_seq_id             2 
_struct_conn.ptnr2_symmetry                1_555 
_struct_conn.pdbx_ptnr3_label_atom_id      ? 
_struct_conn.pdbx_ptnr3_label_seq_id       ? 
_struct_conn.pdbx_ptnr3_label_comp_id      ? 
_struct_conn.pdbx_ptnr3_label_asym_id      ? 
_struct_conn.pdbx_ptnr3_label_alt_id       ? 
_struct_conn.pdbx_ptnr3_PDB_ins_code       ? 
_struct_conn.details                       ? 
_struct_conn.pdbx_dist_value               1.412 
_struct_conn.pdbx_value_order              ? 
_struct_conn.pdbx_role                     ? 
# 
_struct_conn_type.id          covale 
_struct_conn_type.criteria    ? 
_struct_conn_type.reference   ? 
# 
_struct_mon_prot_cis.pdbx_id                1 
_struct_mon_prot_cis.label_comp_id          VAL 
_struct_mon_prot_cis.label_seq_id           6 
_struct_mon_prot_cis.label_asym_id          A 
_struct_mon_prot_cis.label_alt_id           . 
_struct_mon_prot_cis.pdbx_PDB_ins_code      ? 
_struct_mon_prot_cis.auth_comp_id           VAL 
_struct_mon_prot_cis.auth_seq_id            6 
_struct_mon_prot_cis.auth_asym_id           A 
_struct_mon_prot_cis.pdbx_label_comp_id_2   PRO 
_struct_mon_prot_cis.pdbx_label_seq_id_2    7 
_struct_mon_prot_cis.pdbx_label_asym_id_2   A 
_struct_mon_prot_cis.pdbx_PDB_ins_code_2    ? 
_struct_mon_prot_cis.pdbx_auth_comp_id_2    PRO 
_struct_mon_prot_cis.pdbx_auth_seq_id_2     7 
_struct_mon_prot_cis.pdbx_auth_asym_id_2    A 
_struct_mon_prot_cis.pdbx_PDB_model_num     1 
_struct_mon_prot_cis.pdbx_omega_angle       1.04 
# 
loop_
_struct_sheet.id 
_struct_sheet.type 
_struct_sheet.number_strands 
_struct_sheet.details 
AA1 ? 6 ? 
AA2 ? 6 ? 
AA3 ? 5 ? 
# 
loop_
_struct_sheet_order.sheet_id 
_struct_sheet_order.range_id_1 
_struct_sheet_order.range_id_2 
_struct_sheet_order.offset 
_struct_sheet_order.sense 
AA1 1 2 ? anti-parallel 
AA1 2 3 ? anti-parallel 
AA1 3 4 ? anti-parallel 
AA1 4 5 ? anti-parallel 
AA1 5 6 ? anti-parallel 
AA2 1 2 ? anti-parallel 
AA2 2 3 ? anti-parallel 
AA2 3 4 ? anti-parallel 
AA2 4 5 ? anti-parallel 
AA2 5 6 ? anti-parallel 
AA3 1 2 ? anti-parallel 
AA3 2 3 ? anti-parallel 
AA3 3 4 ? anti-parallel 
AA3 4 5 ? anti-parallel 
# 
loop_
_struct_sheet_range.sheet_id 
_struct_sheet_range.id 
_struct_sheet_range.beg_label_comp_id 
_struct_sheet_range.beg_label_asym_id 
_struct_sheet_range.beg_label_seq_id 
_struct_sheet_range.pdbx_beg_PDB_ins_code 
_struct_sheet_range.end_label_comp_id 
_struct_sheet_range.end_label_asym_id 
_struct_sheet_range.end_label_seq_id 
_struct_sheet_range.pdbx_end_PDB_ins_code 
_struct_sheet_range.beg_auth_comp_id 
_struct_sheet_range.beg_auth_asym_id 
_struct_sheet_range.beg_auth_seq_id 
_struct_sheet_range.end_auth_comp_id 
_struct_sheet_range.end_auth_asym_id 
_struct_sheet_range.end_auth_seq_id 
AA1 1 HIS A 8   ? SER A 11  ? HIS A 8   SER A 11  
AA1 2 MET A 123 ? ARG A 128 ? MET A 123 ARG A 128 
AA1 3 HIS A 35  ? HIS A 41  ? HIS A 35  HIS A 41  
AA1 4 ILE A 50  ? TYR A 57  ? ILE A 50  TYR A 57  
AA1 5 ARG A 61  ? GLU A 68  ? ARG A 61  GLU A 68  
AA1 6 ILE A 71  ? TRP A 72  ? ILE A 71  TRP A 72  
AA2 1 HIS A 8   ? SER A 11  ? HIS A 8   SER A 11  
AA2 2 MET A 123 ? ARG A 128 ? MET A 123 ARG A 128 
AA2 3 HIS A 35  ? HIS A 41  ? HIS A 35  HIS A 41  
AA2 4 ILE A 50  ? TYR A 57  ? ILE A 50  TYR A 57  
AA2 5 ARG A 61  ? GLU A 68  ? ARG A 61  GLU A 68  
AA2 6 VAL A 76  ? SER A 78  ? VAL A 76  SER A 78  
AA3 1 GLN A 107 ? ASN A 113 ? GLN A 107 ASN A 113 
AA3 2 LYS A 99  ? VAL A 104 ? LYS A 99  VAL A 104 
AA3 3 PHE A 89  ? VAL A 95  ? PHE A 89  VAL A 95  
AA3 4 THR A 19  ? PRO A 26  ? THR A 19  PRO A 26  
AA3 5 ILE A 130 ? VAL A 137 ? ILE A 130 VAL A 137 
# 
loop_
_pdbx_struct_sheet_hbond.sheet_id 
_pdbx_struct_sheet_hbond.range_id_1 
_pdbx_struct_sheet_hbond.range_id_2 
_pdbx_struct_sheet_hbond.range_1_label_atom_id 
_pdbx_struct_sheet_hbond.range_1_label_comp_id 
_pdbx_struct_sheet_hbond.range_1_label_asym_id 
_pdbx_struct_sheet_hbond.range_1_label_seq_id 
_pdbx_struct_sheet_hbond.range_1_PDB_ins_code 
_pdbx_struct_sheet_hbond.range_1_auth_atom_id 
_pdbx_struct_sheet_hbond.range_1_auth_comp_id 
_pdbx_struct_sheet_hbond.range_1_auth_asym_id 
_pdbx_struct_sheet_hbond.range_1_auth_seq_id 
_pdbx_struct_sheet_hbond.range_2_label_atom_id 
_pdbx_struct_sheet_hbond.range_2_label_comp_id 
_pdbx_struct_sheet_hbond.range_2_label_asym_id 
_pdbx_struct_sheet_hbond.range_2_label_seq_id 
_pdbx_struct_sheet_hbond.range_2_PDB_ins_code 
_pdbx_struct_sheet_hbond.range_2_auth_atom_id 
_pdbx_struct_sheet_hbond.range_2_auth_comp_id 
_pdbx_struct_sheet_hbond.range_2_auth_asym_id 
_pdbx_struct_sheet_hbond.range_2_auth_seq_id 
AA1 1 2 N HIS A 8   ? N HIS A 8   O VAL A 126 ? O VAL A 126 
AA1 2 3 O MET A 123 ? O MET A 123 N HIS A 41  ? N HIS A 41  
AA1 3 4 N PHE A 40  ? N PHE A 40  O PHE A 52  ? O PHE A 52  
AA1 4 5 N TYR A 57  ? N TYR A 57  O ARG A 61  ? O ARG A 61  
AA1 5 6 N GLU A 68  ? N GLU A 68  O ILE A 71  ? O ILE A 71  
AA2 1 2 N HIS A 8   ? N HIS A 8   O VAL A 126 ? O VAL A 126 
AA2 2 3 O MET A 123 ? O MET A 123 N HIS A 41  ? N HIS A 41  
AA2 3 4 N PHE A 40  ? N PHE A 40  O PHE A 52  ? O PHE A 52  
AA2 4 5 N TYR A 57  ? N TYR A 57  O ARG A 61  ? O ARG A 61  
AA2 5 6 N MET A 64  ? N MET A 64  O VAL A 76  ? O VAL A 76  
AA3 1 2 O TYR A 110 ? O TYR A 110 N VAL A 102 ? N VAL A 102 
AA3 2 3 O GLN A 101 ? O GLN A 101 N LEU A 94  ? N LEU A 94  
AA3 3 4 O LEU A 91  ? O LEU A 91  N ILE A 22  ? N ILE A 22  
AA3 4 5 N THR A 21  ? N THR A 21  O ASN A 136 ? O ASN A 136 
# 
_atom_sites.entry_id                    7XXV 
_atom_sites.Cartn_transf_matrix[1][1]   ? 
_atom_sites.Cartn_transf_matrix[1][2]   ? 
_atom_sites.Cartn_transf_matrix[1][3]   ? 
_atom_sites.Cartn_transf_matrix[2][1]   ? 
_atom_sites.Cartn_transf_matrix[2][2]   ? 
_atom_sites.Cartn_transf_matrix[2][3]   ? 
_atom_sites.Cartn_transf_matrix[3][1]   ? 
_atom_sites.Cartn_transf_matrix[3][2]   ? 
_atom_sites.Cartn_transf_matrix[3][3]   ? 
_atom_sites.Cartn_transf_vector[1]      ? 
_atom_sites.Cartn_transf_vector[2]      ? 
_atom_sites.Cartn_transf_vector[3]      ? 
_atom_sites.fract_transf_matrix[1][1]   0.00892312 
_atom_sites.fract_transf_matrix[1][2]   -0.00262884 
_atom_sites.fract_transf_matrix[1][3]   0.02190101 
_atom_sites.fract_transf_matrix[2][1]   -0.01381750 
_atom_sites.fract_transf_matrix[2][2]   -0.00814147 
_atom_sites.fract_transf_matrix[2][3]   0.01757826 
_atom_sites.fract_transf_matrix[3][1]   0.00105010 
_atom_sites.fract_transf_matrix[3][2]   -0.00365257 
_atom_sites.fract_transf_matrix[3][3]   -0.00086627 
_atom_sites.fract_transf_vector[1]      0.279799 
_atom_sites.fract_transf_vector[2]      0.576490 
_atom_sites.fract_transf_vector[3]      0.469580 
_atom_sites.solution_primary            ? 
_atom_sites.solution_secondary          ? 
_atom_sites.solution_hydrogens          ? 
_atom_sites.special_details             ? 
# 
loop_
_atom_type.symbol 
C 
H 
N 
O 
S 
# 
loop_
_atom_site.group_PDB 
_atom_site.id 
_atom_site.type_symbol 
_atom_site.label_atom_id 
_atom_site.label_alt_id 
_atom_site.label_comp_id 
_atom_site.label_asym_id 
_atom_site.label_entity_id 
_atom_site.label_seq_id 
_atom_site.pdbx_PDB_ins_code 
_atom_site.Cartn_x 
_atom_site.Cartn_y 
_atom_site.Cartn_z 
_atom_site.occupancy 
_atom_site.B_iso_or_equiv 
_atom_site.pdbx_formal_charge 
_atom_site.auth_seq_id 
_atom_site.auth_comp_id 
_atom_site.auth_asym_id 
_atom_site.auth_atom_id 
_atom_site.pdbx_PDB_model_num 
ATOM   1    N N   . MET A 1 4   ? -7.262  7.840   -13.649 1.00 39.73 ? 4   MET A N   1 
ATOM   2    C CA  . MET A 1 4   ? -7.736  6.664   -12.934 1.00 27.13 ? 4   MET A CA  1 
ATOM   3    C C   . MET A 1 4   ? -8.494  7.094   -11.684 1.00 24.06 ? 4   MET A C   1 
ATOM   4    O O   . MET A 1 4   ? -8.115  8.052   -11.002 1.00 23.46 ? 4   MET A O   1 
ATOM   5    C CB  . MET A 1 4   ? -6.583  5.720   -12.577 1.00 24.52 ? 4   MET A CB  1 
ATOM   6    C CG  . MET A 1 4   ? -6.013  5.027   -13.799 1.00 28.22 ? 4   MET A CG  1 
ATOM   7    S SD  . MET A 1 4   ? -4.845  3.695   -13.447 1.00 29.39 ? 4   MET A SD  1 
ATOM   8    C CE  . MET A 1 4   ? -5.941  2.438   -12.788 1.00 27.34 ? 4   MET A CE  1 
ATOM   9    N N   . GLN A 1 5   ? -9.585  6.394   -11.410 1.00 23.95 ? 5   GLN A N   1 
ATOM   10   C CA  . GLN A 1 5   ? -10.460 6.764   -10.308 1.00 22.65 ? 5   GLN A CA  1 
ATOM   11   C C   . GLN A 1 5   ? -9.776  6.512   -8.969  1.00 18.00 ? 5   GLN A C   1 
ATOM   12   O O   . GLN A 1 5   ? -9.142  5.473   -8.764  1.00 18.70 ? 5   GLN A O   1 
ATOM   13   C CB  . GLN A 1 5   ? -11.762 5.965   -10.393 1.00 30.98 ? 5   GLN A CB  1 
ATOM   14   C CG  . GLN A 1 5   ? -11.574 4.536   -10.900 1.00 34.35 ? 5   GLN A CG  1 
ATOM   15   C CD  . GLN A 1 5   ? -11.413 4.447   -12.423 1.00 39.82 ? 5   GLN A CD  1 
ATOM   16   O OE1 . GLN A 1 5   ? -12.219 4.998   -13.179 1.00 47.90 ? 5   GLN A OE1 1 
ATOM   17   N NE2 . GLN A 1 5   ? -10.360 3.759   -12.872 1.00 26.94 ? 5   GLN A NE2 1 
ATOM   18   N N   . VAL A 1 6   ? -9.891  7.483   -8.067  1.00 17.00 ? 6   VAL A N   1 
ATOM   19   C CA  . VAL A 1 6   ? -9.440  7.357   -6.681  1.00 15.69 ? 6   VAL A CA  1 
ATOM   20   C C   . VAL A 1 6   ? -10.605 7.751   -5.781  1.00 16.12 ? 6   VAL A C   1 
ATOM   21   O O   . VAL A 1 6   ? -11.172 8.839   -5.961  1.00 19.37 ? 6   VAL A O   1 
ATOM   22   C CB  . VAL A 1 6   ? -8.209  8.233   -6.400  1.00 16.13 ? 6   VAL A CB  1 
ATOM   23   C CG1 . VAL A 1 6   ? -7.799  8.129   -4.931  1.00 14.92 ? 6   VAL A CG1 1 
ATOM   24   C CG2 . VAL A 1 6   ? -7.046  7.837   -7.309  1.00 15.35 ? 6   VAL A CG2 1 
ATOM   25   N N   . PRO A 1 7   ? -11.004 6.924   -4.800  1.00 13.46 ? 7   PRO A N   1 
ATOM   26   C CA  . PRO A 1 7   ? -10.440 5.620   -4.422  1.00 13.22 ? 7   PRO A CA  1 
ATOM   27   C C   . PRO A 1 7   ? -10.466 4.629   -5.567  1.00 13.89 ? 7   PRO A C   1 
ATOM   28   O O   . PRO A 1 7   ? -11.400 4.610   -6.369  1.00 15.14 ? 7   PRO A O   1 
ATOM   29   C CB  . PRO A 1 7   ? -11.357 5.148   -3.285  1.00 15.29 ? 7   PRO A CB  1 
ATOM   30   C CG  . PRO A 1 7   ? -11.973 6.410   -2.741  1.00 18.66 ? 7   PRO A CG  1 
ATOM   31   C CD  . PRO A 1 7   ? -12.124 7.325   -3.925  1.00 17.92 ? 7   PRO A CD  1 
ATOM   32   N N   . HIS A 1 8   ? -9.429  3.810   -5.626  1.00 12.26 ? 8   HIS A N   1 
ATOM   33   C CA  . HIS A 1 8   ? -9.299  2.775   -6.632  1.00 12.70 ? 8   HIS A CA  1 
ATOM   34   C C   . HIS A 1 8   ? -9.438  1.425   -5.954  1.00 12.42 ? 8   HIS A C   1 
ATOM   35   O O   . HIS A 1 8   ? -8.679  1.122   -5.032  1.00 14.95 ? 8   HIS A O   1 
ATOM   36   C CB  . HIS A 1 8   ? -7.951  2.873   -7.332  1.00 12.07 ? 8   HIS A CB  1 
ATOM   37   C CG  . HIS A 1 8   ? -7.935  2.182   -8.648  1.00 17.18 ? 8   HIS A CG  1 
ATOM   38   N ND1 . HIS A 1 8   ? -8.511  2.728   -9.774  1.00 20.04 ? 8   HIS A ND1 1 
ATOM   39   C CD2 . HIS A 1 8   ? -7.477  0.961   -9.009  1.00 19.11 ? 8   HIS A CD2 1 
ATOM   40   C CE1 . HIS A 1 8   ? -8.378  1.886   -10.783 1.00 20.27 ? 8   HIS A CE1 1 
ATOM   41   N NE2 . HIS A 1 8   ? -7.755  0.807   -10.345 1.00 19.46 ? 8   HIS A NE2 1 
ATOM   42   N N   . THR A 1 9   ? -10.381 0.612   -6.425  1.00 13.46 ? 9   THR A N   1 
ATOM   43   C CA  . THR A 1 9   ? -10.674 -0.684  -5.809  1.00 11.84 ? 9   THR A CA  1 
ATOM   44   C C   . THR A 1 9   ? -10.670 -1.765  -6.877  1.00 12.57 ? 9   THR A C   1 
ATOM   45   O O   . THR A 1 9   ? -11.437 -1.689  -7.841  1.00 15.25 ? 9   THR A O   1 
ATOM   46   C CB  . THR A 1 9   ? -12.031 -0.655  -5.107  1.00 14.56 ? 9   THR A CB  1 
ATOM   47   O OG1 . THR A 1 9   ? -12.090 0.483   -4.227  1.00 17.94 ? 9   THR A OG1 1 
ATOM   48   C CG2 . THR A 1 9   ? -12.252 -1.924  -4.312  1.00 18.45 ? 9   THR A CG2 1 
ATOM   49   N N   . GLU A 1 10  ? -9.833  -2.782  -6.694  1.00 12.21 ? 10  GLU A N   1 
ATOM   50   C CA  . GLU A 1 10  ? -9.721  -3.842  -7.683  1.00 10.66 ? 10  GLU A CA  1 
ATOM   51   C C   . GLU A 1 10  ? -9.675  -5.209  -7.017  1.00 13.01 ? 10  GLU A C   1 
ATOM   52   O O   . GLU A 1 10  ? -9.038  -5.390  -5.976  1.00 11.98 ? 10  GLU A O   1 
ATOM   53   C CB  . GLU A 1 10  ? -8.469  -3.659  -8.551  1.00 15.19 ? 10  GLU A CB  1 
ATOM   54   C CG  . GLU A 1 10  ? -8.578  -2.502  -9.529  1.00 19.20 ? 10  GLU A CG  1 
ATOM   55   C CD  . GLU A 1 10  ? -7.595  -2.613  -10.685 1.00 19.31 ? 10  GLU A CD  1 
ATOM   56   O OE1 . GLU A 1 10  ? -7.378  -1.578  -11.358 1.00 23.70 ? 10  GLU A OE1 1 
ATOM   57   O OE2 . GLU A 1 10  ? -7.057  -3.722  -10.919 1.00 20.32 ? 10  GLU A OE2 1 
ATOM   58   N N   . SER A 1 11  ? -10.369 -6.163  -7.631  1.00 10.45 ? 11  SER A N   1 
ATOM   59   C CA  . SER A 1 11  ? -10.163 -7.573  -7.311  1.00 10.70 ? 11  SER A CA  1 
ATOM   60   C C   . SER A 1 11  ? -8.740  -8.001  -7.681  1.00 12.80 ? 11  SER A C   1 
ATOM   61   O O   . SER A 1 11  ? -8.213  -7.613  -8.724  1.00 13.70 ? 11  SER A O   1 
ATOM   62   C CB  . SER A 1 11  ? -11.190 -8.413  -8.072  1.00 11.68 ? 11  SER A CB  1 
ATOM   63   O OG  . SER A 1 11  ? -10.999 -9.808  -7.878  1.00 13.22 ? 11  SER A OG  1 
ATOM   64   N N   . VAL A 1 12  ? -8.115  -8.815  -6.826  1.00 11.56 ? 12  VAL A N   1 
ATOM   65   C CA  . VAL A 1 12  ? -6.761  -9.313  -7.072  1.00 11.95 ? 12  VAL A CA  1 
ATOM   66   C C   . VAL A 1 12  ? -6.640  -10.745 -6.584  1.00 14.11 ? 12  VAL A C   1 
ATOM   67   O O   . VAL A 1 12  ? -7.422  -11.220 -5.758  1.00 16.34 ? 12  VAL A O   1 
ATOM   68   C CB  . VAL A 1 12  ? -5.662  -8.475  -6.376  1.00 15.17 ? 12  VAL A CB  1 
ATOM   69   C CG1 . VAL A 1 12  ? -5.783  -6.992  -6.734  1.00 11.51 ? 12  VAL A CG1 1 
ATOM   70   C CG2 . VAL A 1 12  ? -5.715  -8.699  -4.857  1.00 12.80 ? 12  VAL A CG2 1 
ATOM   71   N N   . SER A 1 13  ? -5.615  -11.419 -7.099  1.00 12.26 ? 13  SER A N   1 
ATOM   72   C CA  . SER A 1 13  ? -5.108  -12.673 -6.563  1.00 15.16 ? 13  SER A CA  1 
ATOM   73   C C   . SER A 1 13  ? -3.596  -12.538 -6.486  1.00 12.68 ? 13  SER A C   1 
ATOM   74   O O   . SER A 1 13  ? -2.958  -12.125 -7.461  1.00 16.16 ? 13  SER A O   1 
ATOM   75   C CB  . SER A 1 13  ? -5.504  -13.864 -7.438  1.00 13.18 ? 13  SER A CB  1 
ATOM   76   O OG  . SER A 1 13  ? -4.824  -15.037 -7.012  1.00 18.91 ? 13  SER A OG  1 
ATOM   77   N N   . LEU A 1 14  ? -3.024  -12.863 -5.326  1.00 15.38 ? 14  LEU A N   1 
ATOM   78   C CA  . LEU A 1 14  ? -1.601  -12.678 -5.083  1.00 14.49 ? 14  LEU A CA  1 
ATOM   79   C C   . LEU A 1 14  ? -0.981  -13.971 -4.586  1.00 15.12 ? 14  LEU A C   1 
ATOM   80   O O   . LEU A 1 14  ? -1.604  -14.739 -3.852  1.00 15.56 ? 14  LEU A O   1 
ATOM   81   C CB  . LEU A 1 14  ? -1.334  -11.589 -4.041  1.00 15.34 ? 14  LEU A CB  1 
ATOM   82   C CG  . LEU A 1 14  ? -1.938  -10.232 -4.372  1.00 15.94 ? 14  LEU A CG  1 
ATOM   83   C CD1 . LEU A 1 14  ? -1.792  -9.310  -3.167  1.00 16.35 ? 14  LEU A CD1 1 
ATOM   84   C CD2 . LEU A 1 14  ? -1.267  -9.642  -5.606  1.00 16.20 ? 14  LEU A CD2 1 
ATOM   85   N N   . SER A 1 15  ? 0.278   -14.172 -4.961  1.00 15.25 ? 15  SER A N   1 
ATOM   86   C CA  . SER A 1 15  ? 1.085   -15.246 -4.402  1.00 15.32 ? 15  SER A CA  1 
ATOM   87   C C   . SER A 1 15  ? 2.528   -14.765 -4.335  1.00 15.88 ? 15  SER A C   1 
ATOM   88   O O   . SER A 1 15  ? 2.868   -13.679 -4.814  1.00 13.87 ? 15  SER A O   1 
ATOM   89   C CB  . SER A 1 15  ? 0.963   -16.541 -5.220  1.00 16.41 ? 15  SER A CB  1 
ATOM   90   O OG  . SER A 1 15  ? 1.372   -16.353 -6.562  1.00 20.65 ? 15  SER A OG  1 
ATOM   91   N N   . ALA A 1 16  ? 3.380   -15.576 -3.712  1.00 15.51 ? 16  ALA A N   1 
ATOM   92   C CA  . ALA A 1 16  ? 4.798   -15.251 -3.693  1.00 14.14 ? 16  ALA A CA  1 
ATOM   93   C C   . ALA A 1 16  ? 5.285   -15.063 -5.123  1.00 15.49 ? 16  ALA A C   1 
ATOM   94   O O   . ALA A 1 16  ? 5.048   -15.912 -5.986  1.00 19.79 ? 16  ALA A O   1 
ATOM   95   C CB  . ALA A 1 16  ? 5.588   -16.362 -2.990  1.00 17.59 ? 16  ALA A CB  1 
ATOM   96   N N   . GLY A 1 17  ? 5.932   -13.934 -5.385  1.00 14.83 ? 17  GLY A N   1 
ATOM   97   C CA  . GLY A 1 17  ? 6.372   -13.598 -6.723  1.00 17.72 ? 17  GLY A CA  1 
ATOM   98   C C   . GLY A 1 17  ? 5.518   -12.562 -7.415  1.00 16.33 ? 17  GLY A C   1 
ATOM   99   O O   . GLY A 1 17  ? 5.940   -12.018 -8.440  1.00 18.22 ? 17  GLY A O   1 
ATOM   100  N N   . SER A 1 18  ? 4.344   -12.260 -6.871  1.00 15.16 ? 18  SER A N   1 
ATOM   101  C CA  . SER A 1 18  ? 3.517   -11.189 -7.402  1.00 13.25 ? 18  SER A CA  1 
ATOM   102  C C   . SER A 1 18  ? 4.126   -9.823  -7.099  1.00 14.57 ? 18  SER A C   1 
ATOM   103  O O   . SER A 1 18  ? 4.833   -9.632  -6.103  1.00 16.24 ? 18  SER A O   1 
ATOM   104  C CB  . SER A 1 18  ? 2.118   -11.246 -6.793  1.00 14.36 ? 18  SER A CB  1 
ATOM   105  O OG  . SER A 1 18  ? 1.416   -12.422 -7.150  1.00 16.36 ? 18  SER A OG  1 
ATOM   106  N N   . THR A 1 19  ? 3.847   -8.868  -7.978  1.00 12.27 ? 19  THR A N   1 
ATOM   107  C CA  . THR A 1 19  ? 4.224   -7.479  -7.756  1.00 13.30 ? 19  THR A CA  1 
ATOM   108  C C   . THR A 1 19  ? 3.000   -6.617  -7.997  1.00 14.68 ? 19  THR A C   1 
ATOM   109  O O   . THR A 1 19  ? 2.290   -6.818  -8.985  1.00 16.27 ? 19  THR A O   1 
ATOM   110  C CB  . THR A 1 19  ? 5.364   -7.050  -8.687  1.00 14.89 ? 19  THR A CB  1 
ATOM   111  O OG1 . THR A 1 19  ? 6.517   -7.876  -8.455  1.00 20.62 ? 19  THR A OG1 1 
ATOM   112  C CG2 . THR A 1 19  ? 5.735   -5.605  -8.436  1.00 18.75 ? 19  THR A CG2 1 
ATOM   113  N N   . VAL A 1 20  ? 2.746   -5.663  -7.101  1.00 12.14 ? 20  VAL A N   1 
ATOM   114  C CA  . VAL A 1 20  ? 1.688   -4.673  -7.291  1.00 12.73 ? 20  VAL A CA  1 
ATOM   115  C C   . VAL A 1 20  ? 2.369   -3.340  -7.575  1.00 15.70 ? 20  VAL A C   1 
ATOM   116  O O   . VAL A 1 20  ? 3.121   -2.827  -6.737  1.00 15.67 ? 20  VAL A O   1 
ATOM   117  C CB  . VAL A 1 20  ? 0.758   -4.595  -6.069  1.00 13.18 ? 20  VAL A CB  1 
ATOM   118  C CG1 . VAL A 1 20  ? -0.390  -3.629  -6.328  1.00 15.02 ? 20  VAL A CG1 1 
ATOM   119  C CG2 . VAL A 1 20  ? 0.204   -5.979  -5.736  1.00 15.55 ? 20  VAL A CG2 1 
ATOM   120  N N   . THR A 1 21  ? 2.124   -2.786  -8.761  1.00 13.98 ? 21  THR A N   1 
ATOM   121  C CA  . THR A 1 21  ? 2.752   -1.546  -9.201  1.00 14.52 ? 21  THR A CA  1 
ATOM   122  C C   . THR A 1 21  ? 1.734   -0.419  -9.133  1.00 16.27 ? 21  THR A C   1 
ATOM   123  O O   . THR A 1 21  ? 0.613   -0.562  -9.633  1.00 15.31 ? 21  THR A O   1 
ATOM   124  C CB  . THR A 1 21  ? 3.294   -1.679  -10.629 1.00 16.48 ? 21  THR A CB  1 
ATOM   125  O OG1 . THR A 1 21  ? 4.331   -2.666  -10.653 1.00 20.43 ? 21  THR A OG1 1 
ATOM   126  C CG2 . THR A 1 21  ? 3.859   -0.340  -11.114 1.00 20.60 ? 21  THR A CG2 1 
ATOM   127  N N   . ILE A 1 22  ? 2.122   0.696   -8.519  1.00 13.99 ? 22  ILE A N   1 
ATOM   128  C CA  . ILE A 1 22  ? 1.245   1.845   -8.344  1.00 15.54 ? 22  ILE A CA  1 
ATOM   129  C C   . ILE A 1 22  ? 2.033   3.091   -8.705  1.00 16.62 ? 22  ILE A C   1 
ATOM   130  O O   . ILE A 1 22  ? 3.096   3.352   -8.123  1.00 16.87 ? 22  ILE A O   1 
ATOM   131  C CB  . ILE A 1 22  ? 0.709   1.946   -6.909  1.00 17.13 ? 22  ILE A CB  1 
ATOM   132  C CG1 . ILE A 1 22  ? -0.080  0.681   -6.561  1.00 19.07 ? 22  ILE A CG1 1 
ATOM   133  C CG2 . ILE A 1 22  ? -0.116  3.226   -6.733  1.00 19.92 ? 22  ILE A CG2 1 
ATOM   134  C CD1 . ILE A 1 22  ? -0.233  0.437   -5.069  1.00 21.70 ? 22  ILE A CD1 1 
ATOM   135  N N   . LYS A 1 23  ? 1.526   3.861   -9.662  1.00 13.12 ? 23  LYS A N   1 
ATOM   136  C CA  . LYS A 1 23  ? 2.157   5.111   -10.045 1.00 13.38 ? 23  LYS A CA  1 
ATOM   137  C C   . LYS A 1 23  ? 1.176   6.234   -9.790  1.00 15.67 ? 23  LYS A C   1 
ATOM   138  O O   . LYS A 1 23  ? 0.010   6.143   -10.189 1.00 15.06 ? 23  LYS A O   1 
ATOM   139  C CB  . LYS A 1 23  ? 2.607   5.098   -11.505 1.00 18.00 ? 23  LYS A CB  1 
ATOM   140  C CG  . LYS A 1 23  ? 3.761   4.136   -11.723 1.00 23.10 ? 23  LYS A CG  1 
ATOM   141  C CD  . LYS A 1 23  ? 4.184   4.032   -13.172 1.00 29.60 ? 23  LYS A CD  1 
ATOM   142  C CE  . LYS A 1 23  ? 4.208   5.390   -13.830 1.00 34.13 ? 23  LYS A CE  1 
ATOM   143  N NZ  . LYS A 1 23  ? 5.027   6.376   -13.073 1.00 39.20 ? 23  LYS A NZ  1 
ATOM   144  N N   . GLY A 1 24  ? 1.634   7.251   -9.076  1.00 13.36 ? 24  GLY A N   1 
ATOM   145  C CA  . GLY A 1 24  ? 0.752   8.345   -8.752  1.00 14.79 ? 24  GLY A CA  1 
ATOM   146  C C   . GLY A 1 24  ? 1.530   9.570   -8.338  1.00 14.81 ? 24  GLY A C   1 
ATOM   147  O O   . GLY A 1 24  ? 2.760   9.594   -8.377  1.00 15.42 ? 24  GLY A O   1 
ATOM   148  N N   . ARG A 1 25  ? 0.786   10.590  -7.921  1.00 13.51 ? 25  ARG A N   1 
ATOM   149  C CA  . ARG A 1 25  ? 1.374   11.856  -7.530  1.00 15.67 ? 25  ARG A CA  1 
ATOM   150  C C   . ARG A 1 25  ? 0.559   12.430  -6.384  1.00 14.05 ? 25  ARG A C   1 
ATOM   151  O O   . ARG A 1 25  ? -0.677  12.385  -6.435  1.00 14.88 ? 25  ARG A O   1 
ATOM   152  C CB  . ARG A 1 25  ? 1.401   12.854  -8.693  1.00 19.25 ? 25  ARG A CB  1 
ATOM   153  C CG  . ARG A 1 25  ? 2.249   14.085  -8.411  1.00 20.02 ? 25  ARG A CG  1 
ATOM   154  C CD  . ARG A 1 25  ? 2.131   15.117  -9.535  1.00 24.76 ? 25  ARG A CD  1 
ATOM   155  N NE  . ARG A 1 25  ? 2.599   14.610  -10.821 1.00 33.82 ? 25  ARG A NE  1 
ATOM   156  C CZ  . ARG A 1 25  ? 3.821   14.812  -11.308 1.00 33.75 ? 25  ARG A CZ  1 
ATOM   157  N NH1 . ARG A 1 25  ? 4.709   15.512  -10.614 1.00 33.39 ? 25  ARG A NH1 1 
ATOM   158  N NH2 . ARG A 1 25  ? 4.157   14.315  -12.492 1.00 37.28 ? 25  ARG A NH2 1 
ATOM   159  N N   . PRO A 1 26  ? 1.203   12.983  -5.361  1.00 14.96 ? 26  PRO A N   1 
ATOM   160  C CA  . PRO A 1 26  ? 0.440   13.652  -4.300  1.00 14.29 ? 26  PRO A CA  1 
ATOM   161  C C   . PRO A 1 26  ? -0.351  14.829  -4.859  1.00 15.97 ? 26  PRO A C   1 
ATOM   162  O O   . PRO A 1 26  ? 0.073   15.492  -5.811  1.00 17.25 ? 26  PRO A O   1 
ATOM   163  C CB  . PRO A 1 26  ? 1.521   14.125  -3.320  1.00 17.01 ? 26  PRO A CB  1 
ATOM   164  C CG  . PRO A 1 26  ? 2.778   13.424  -3.728  1.00 27.99 ? 26  PRO A CG  1 
ATOM   165  C CD  . PRO A 1 26  ? 2.655   13.109  -5.178  1.00 19.67 ? 26  PRO A CD  1 
ATOM   166  N N   . LEU A 1 27  ? -1.511  15.097  -4.245  1.00 13.16 ? 27  LEU A N   1 
ATOM   167  C CA  . LEU A 1 27  ? -2.404  16.142  -4.740  1.00 12.45 ? 27  LEU A CA  1 
ATOM   168  C C   . LEU A 1 27  ? -2.057  17.521  -4.204  1.00 14.49 ? 27  LEU A C   1 
ATOM   169  O O   . LEU A 1 27  ? -2.516  18.523  -4.770  1.00 18.74 ? 27  LEU A O   1 
ATOM   170  C CB  . LEU A 1 27  ? -3.863  15.833  -4.373  1.00 13.78 ? 27  LEU A CB  1 
ATOM   171  C CG  . LEU A 1 27  ? -4.491  14.622  -5.066  1.00 12.80 ? 27  LEU A CG  1 
ATOM   172  C CD1 . LEU A 1 27  ? -5.847  14.307  -4.473  1.00 15.05 ? 27  LEU A CD1 1 
ATOM   173  C CD2 . LEU A 1 27  ? -4.599  14.819  -6.565  1.00 15.91 ? 27  LEU A CD2 1 
ATOM   174  N N   . VAL A 1 28  ? -1.279  17.597  -3.126  1.00 12.89 ? 28  VAL A N   1 
ATOM   175  C CA  . VAL A 1 28  ? -0.939  18.859  -2.478  1.00 15.80 ? 28  VAL A CA  1 
ATOM   176  C C   . VAL A 1 28  ? 0.501   18.764  -1.981  1.00 15.72 ? 28  VAL A C   1 
ATOM   177  O O   . VAL A 1 28  ? 1.117   17.697  -1.991  1.00 16.65 ? 28  VAL A O   1 
ATOM   178  C CB  . VAL A 1 28  ? -1.896  19.195  -1.314  1.00 18.13 ? 28  VAL A CB  1 
ATOM   179  C CG1 . VAL A 1 28  ? -3.355  19.349  -1.806  1.00 17.32 ? 28  VAL A CG1 1 
ATOM   180  C CG2 . VAL A 1 28  ? -1.790  18.147  -0.218  1.00 15.54 ? 28  VAL A CG2 1 
ATOM   181  N N   . CYS A 1 29  ? 1.042   19.896  -1.544  1.00 17.14 ? 29  CYS A N   1 
ATOM   182  C CA  . CYS A 1 29  ? 2.445   19.922  -1.159  1.00 18.16 ? 29  CYS A CA  1 
ATOM   183  C C   . CYS A 1 29  ? 2.660   19.119  0.116   1.00 15.84 ? 29  CYS A C   1 
ATOM   184  O O   . CYS A 1 29  ? 1.772   18.993  0.959   1.00 13.98 ? 29  CYS A O   1 
ATOM   185  C CB  . CYS A 1 29  ? 2.923   21.359  -0.946  1.00 19.37 ? 29  CYS A CB  1 
ATOM   186  S SG  . CYS A 1 29  ? 2.096   22.207  0.426   1.00 21.22 ? 29  CYS A SG  1 
ATOM   187  N N   . PHE A 1 30  ? 3.875   18.605  0.268   1.00 15.09 ? 30  PHE A N   1 
ATOM   188  C CA  . PHE A 1 30  ? 4.205   17.781  1.428   1.00 16.10 ? 30  PHE A CA  1 
ATOM   189  C C   . PHE A 1 30  ? 4.029   18.547  2.732   1.00 13.75 ? 30  PHE A C   1 
ATOM   190  O O   . PHE A 1 30  ? 3.728   17.947  3.771   1.00 14.02 ? 30  PHE A O   1 
ATOM   191  C CB  . PHE A 1 30  ? 5.647   17.272  1.303   1.00 14.19 ? 30  PHE A CB  1 
ATOM   192  C CG  . PHE A 1 30  ? 5.797   16.020  0.471   1.00 15.47 ? 30  PHE A CG  1 
ATOM   193  C CD1 . PHE A 1 30  ? 4.800   15.589  -0.393  1.00 15.27 ? 30  PHE A CD1 1 
ATOM   194  C CD2 . PHE A 1 30  ? 6.952   15.281  0.565   1.00 17.94 ? 30  PHE A CD2 1 
ATOM   195  C CE1 . PHE A 1 30  ? 4.971   14.426  -1.145  1.00 18.35 ? 30  PHE A CE1 1 
ATOM   196  C CE2 . PHE A 1 30  ? 7.123   14.119  -0.175  1.00 15.43 ? 30  PHE A CE2 1 
ATOM   197  C CZ  . PHE A 1 30  ? 6.138   13.701  -1.034  1.00 17.21 ? 30  PHE A CZ  1 
ATOM   198  N N   . PHE A 1 31  ? 4.208   19.872  2.712   1.00 14.56 ? 31  PHE A N   1 
ATOM   199  C CA  . PHE A 1 31  ? 4.151   20.619  3.960   1.00 14.43 ? 31  PHE A CA  1 
ATOM   200  C C   . PHE A 1 31  ? 2.802   20.445  4.643   1.00 14.15 ? 31  PHE A C   1 
ATOM   201  O O   . PHE A 1 31  ? 2.706   20.564  5.867   1.00 15.12 ? 31  PHE A O   1 
ATOM   202  C CB  . PHE A 1 31  ? 4.438   22.100  3.680   1.00 13.66 ? 31  PHE A CB  1 
ATOM   203  C CG  . PHE A 1 31  ? 4.787   22.908  4.905   1.00 15.36 ? 31  PHE A CG  1 
ATOM   204  C CD1 . PHE A 1 31  ? 5.783   22.496  5.776   1.00 17.15 ? 31  PHE A CD1 1 
ATOM   205  C CD2 . PHE A 1 31  ? 4.120   24.097  5.171   1.00 17.24 ? 31  PHE A CD2 1 
ATOM   206  C CE1 . PHE A 1 31  ? 6.103   23.245  6.897   1.00 18.64 ? 31  PHE A CE1 1 
ATOM   207  C CE2 . PHE A 1 31  ? 4.432   24.852  6.287   1.00 18.73 ? 31  PHE A CE2 1 
ATOM   208  C CZ  . PHE A 1 31  ? 5.428   24.430  7.151   1.00 18.01 ? 31  PHE A CZ  1 
ATOM   209  N N   . ASN A 1 32  ? 1.755   20.148  3.872   1.00 13.61 ? 32  ASN A N   1 
ATOM   210  C CA  . ASN A 1 32  ? 0.408   19.991  4.402   1.00 13.29 ? 32  ASN A CA  1 
ATOM   211  C C   . ASN A 1 32  ? 0.066   18.531  4.693   1.00 13.21 ? 32  ASN A C   1 
ATOM   212  O O   . ASN A 1 32  ? -1.080  18.227  5.042   1.00 13.00 ? 32  ASN A O   1 
ATOM   213  C CB  . ASN A 1 32  ? -0.609  20.600  3.426   1.00 11.78 ? 32  ASN A CB  1 
ATOM   214  C CG  . ASN A 1 32  ? -0.513  22.115  3.349   1.00 14.90 ? 32  ASN A CG  1 
ATOM   215  O OD1 . ASN A 1 32  ? 0.196   22.743  4.134   1.00 16.04 ? 32  ASN A OD1 1 
ATOM   216  N ND2 . ASN A 1 32  ? -1.230  22.703  2.406   1.00 14.97 ? 32  ASN A ND2 1 
ATOM   217  N N   . GLU A 1 33  ? 1.037   17.624  4.563   1.00 12.66 ? 33  GLU A N   1 
ATOM   218  C CA  . GLU A 1 33  ? 0.884   16.206  4.896   1.00 11.57 ? 33  GLU A CA  1 
ATOM   219  C C   . GLU A 1 33  ? -0.272  15.538  4.160   1.00 10.45 ? 33  GLU A C   1 
ATOM   220  O O   . GLU A 1 33  ? -1.177  14.981  4.797   1.00 11.25 ? 33  GLU A O   1 
ATOM   221  C CB  . GLU A 1 33  ? 0.708   16.005  6.402   1.00 11.69 ? 33  GLU A CB  1 
ATOM   222  C CG  . GLU A 1 33  ? 1.082   14.584  6.870   1.00 14.58 ? 33  GLU A CG  1 
ATOM   223  C CD  . GLU A 1 33  ? 0.760   14.364  8.338   1.00 17.73 ? 33  GLU A CD  1 
ATOM   224  O OE1 . GLU A 1 33  ? -0.334  13.834  8.653   1.00 18.53 ? 33  GLU A OE1 1 
ATOM   225  O OE2 . GLU A 1 33  ? 1.586   14.758  9.180   1.00 18.11 ? 33  GLU A OE2 1 
ATOM   226  N N   . PRO A 1 34  ? -0.247  15.507  2.833   1.00 10.12 ? 34  PRO A N   1 
ATOM   227  C CA  . PRO A 1 34  ? -1.122  14.574  2.122   1.00 10.65 ? 34  PRO A CA  1 
ATOM   228  C C   . PRO A 1 34  ? -0.774  13.157  2.551   1.00 11.28 ? 34  PRO A C   1 
ATOM   229  O O   . PRO A 1 34  ? 0.340   12.873  3.003   1.00 11.91 ? 34  PRO A O   1 
ATOM   230  C CB  . PRO A 1 34  ? -0.781  14.808  0.649   1.00 13.97 ? 34  PRO A CB  1 
ATOM   231  C CG  . PRO A 1 34  ? 0.677   15.274  0.679   1.00 13.39 ? 34  PRO A CG  1 
ATOM   232  C CD  . PRO A 1 34  ? 0.836   16.034  1.978   1.00 11.23 ? 34  PRO A CD  1 
ATOM   233  N N   . HIS A 1 35  ? -1.744  12.267  2.409   1.00 10.75 ? 35  HIS A N   1 
ATOM   234  C CA  . HIS A 1 35  ? -1.550  10.856  2.715   1.00 10.59 ? 35  HIS A CA  1 
ATOM   235  C C   . HIS A 1 35  ? -1.716  10.008  1.460   1.00 9.32  ? 35  HIS A C   1 
ATOM   236  O O   . HIS A 1 35  ? -2.315  10.428  0.467   1.00 10.68 ? 35  HIS A O   1 
ATOM   237  C CB  . HIS A 1 35  ? -2.559  10.359  3.762   1.00 12.39 ? 35  HIS A CB  1 
ATOM   238  C CG  . HIS A 1 35  ? -2.251  10.770  5.168   1.00 13.22 ? 35  HIS A CG  1 
ATOM   239  N ND1 . HIS A 1 35  ? -1.754  12.014  5.502   1.00 15.50 ? 35  HIS A ND1 1 
ATOM   240  C CD2 . HIS A 1 35  ? -2.413  10.105  6.338   1.00 13.03 ? 35  HIS A CD2 1 
ATOM   241  C CE1 . HIS A 1 35  ? -1.609  12.088  6.816   1.00 13.84 ? 35  HIS A CE1 1 
ATOM   242  N NE2 . HIS A 1 35  ? -2.002  10.942  7.345   1.00 23.45 ? 35  HIS A NE2 1 
ATOM   243  N N   . LEU A 1 36  ? -1.161  8.796   1.521   1.00 9.44  ? 36  LEU A N   1 
ATOM   244  C CA  . LEU A 1 36  ? -1.411  7.733   0.552   1.00 10.22 ? 36  LEU A CA  1 
ATOM   245  C C   . LEU A 1 36  ? -1.746  6.491   1.349   1.00 10.22 ? 36  LEU A C   1 
ATOM   246  O O   . LEU A 1 36  ? -1.095  6.214   2.359   1.00 12.18 ? 36  LEU A O   1 
ATOM   247  C CB  . LEU A 1 36  ? -0.190  7.462   -0.334  1.00 8.80  ? 36  LEU A CB  1 
ATOM   248  C CG  . LEU A 1 36  ? -0.187  6.125   -1.093  1.00 10.69 ? 36  LEU A CG  1 
ATOM   249  C CD1 . LEU A 1 36  ? -1.303  6.109   -2.131  1.00 12.54 ? 36  LEU A CD1 1 
ATOM   250  C CD2 . LEU A 1 36  ? 1.164   5.880   -1.747  1.00 16.22 ? 36  LEU A CD2 1 
ATOM   251  N N   . GLN A 1 37  ? -2.785  5.778   0.942   1.00 9.52  ? 37  GLN A N   1 
ATOM   252  C CA  . GLN A 1 37  ? -3.119  4.546   1.640   1.00 9.94  ? 37  GLN A CA  1 
ATOM   253  C C   . GLN A 1 37  ? -3.315  3.440   0.624   1.00 10.24 ? 37  GLN A C   1 
ATOM   254  O O   . GLN A 1 37  ? -4.024  3.612   -0.372  1.00 10.64 ? 37  GLN A O   1 
ATOM   255  C CB  . GLN A 1 37  ? -4.370  4.702   2.509   1.00 10.20 ? 37  GLN A CB  1 
ATOM   256  C CG  . GLN A 1 37  ? -4.634  3.442   3.372   1.00 10.85 ? 37  GLN A CG  1 
ATOM   257  C CD  . GLN A 1 37  ? -5.438  3.777   4.623   1.00 11.20 ? 37  GLN A CD  1 
ATOM   258  O OE1 . GLN A 1 37  ? -5.231  4.828   5.244   1.00 13.33 ? 37  GLN A OE1 1 
ATOM   259  N NE2 . GLN A 1 37  ? -6.356  2.898   5.001   1.00 10.76 ? 37  GLN A NE2 1 
ATOM   260  N N   . VAL A 1 38  ? -2.675  2.304   0.882   1.00 9.25  ? 38  VAL A N   1 
ATOM   261  C CA  . VAL A 1 38  ? -2.858  1.094   0.089   1.00 8.57  ? 38  VAL A CA  1 
ATOM   262  C C   . VAL A 1 38  ? -3.251  -0.011  1.056   1.00 9.20  ? 38  VAL A C   1 
ATOM   263  O O   . VAL A 1 38  ? -2.513  -0.287  2.010   1.00 11.02 ? 38  VAL A O   1 
ATOM   264  C CB  . VAL A 1 38  ? -1.581  0.706   -0.679  1.00 9.29  ? 38  VAL A CB  1 
ATOM   265  C CG1 . VAL A 1 38  ? -1.837  -0.549  -1.515  1.00 11.31 ? 38  VAL A CG1 1 
ATOM   266  C CG2 . VAL A 1 38  ? -1.112  1.871   -1.554  1.00 11.51 ? 38  VAL A CG2 1 
ATOM   267  N N   . ASP A 1 39  ? -4.412  -0.632  0.828   1.00 9.83  ? 39  ASP A N   1 
ATOM   268  C CA  . ASP A 1 39  ? -4.932  -1.676  1.710   1.00 9.94  ? 39  ASP A CA  1 
ATOM   269  C C   . ASP A 1 39  ? -5.160  -2.960  0.922   1.00 9.27  ? 39  ASP A C   1 
ATOM   270  O O   . ASP A 1 39  ? -5.918  -2.963  -0.053  1.00 10.86 ? 39  ASP A O   1 
ATOM   271  C CB  . ASP A 1 39  ? -6.248  -1.254  2.368   1.00 10.14 ? 39  ASP A CB  1 
ATOM   272  C CG  . ASP A 1 39  ? -6.091  -0.081  3.310   1.00 11.17 ? 39  ASP A CG  1 
ATOM   273  O OD1 . ASP A 1 39  ? -5.196  -0.119  4.186   1.00 11.62 ? 39  ASP A OD1 1 
ATOM   274  O OD2 . ASP A 1 39  ? -6.891  0.867   3.166   1.00 12.88 ? 39  ASP A OD2 1 
ATOM   275  N N   . PHE A 1 40  ? -4.531  -4.050  1.378   1.00 9.28  ? 40  PHE A N   1 
ATOM   276  C CA  . PHE A 1 40  ? -4.729  -5.395  0.843   1.00 11.86 ? 40  PHE A CA  1 
ATOM   277  C C   . PHE A 1 40  ? -5.818  -6.075  1.673   1.00 10.36 ? 40  PHE A C   1 
ATOM   278  O O   . PHE A 1 40  ? -5.583  -6.417  2.833   1.00 11.44 ? 40  PHE A O   1 
ATOM   279  C CB  . PHE A 1 40  ? -3.424  -6.183  0.919   1.00 10.55 ? 40  PHE A CB  1 
ATOM   280  C CG  . PHE A 1 40  ? -2.371  -5.741  -0.061  1.00 13.24 ? 40  PHE A CG  1 
ATOM   281  C CD1 . PHE A 1 40  ? -1.876  -4.454  -0.056  1.00 18.88 ? 40  PHE A CD1 1 
ATOM   282  C CD2 . PHE A 1 40  ? -1.853  -6.635  -0.973  1.00 17.65 ? 40  PHE A CD2 1 
ATOM   283  C CE1 . PHE A 1 40  ? -0.904  -4.065  -0.969  1.00 19.91 ? 40  PHE A CE1 1 
ATOM   284  C CE2 . PHE A 1 40  ? -0.878  -6.254  -1.880  1.00 20.71 ? 40  PHE A CE2 1 
ATOM   285  C CZ  . PHE A 1 40  ? -0.407  -4.971  -1.883  1.00 14.29 ? 40  PHE A CZ  1 
ATOM   286  N N   . HIS A 1 41  ? -7.007  -6.238  1.093   1.00 10.16 ? 41  HIS A N   1 
ATOM   287  C CA  . HIS A 1 41  ? -8.207  -6.691  1.793   1.00 9.93  ? 41  HIS A CA  1 
ATOM   288  C C   . HIS A 1 41  ? -8.463  -8.170  1.554   1.00 12.06 ? 41  HIS A C   1 
ATOM   289  O O   . HIS A 1 41  ? -8.115  -8.706  0.502   1.00 12.31 ? 41  HIS A O   1 
ATOM   290  C CB  . HIS A 1 41  ? -9.428  -5.907  1.309   1.00 13.62 ? 41  HIS A CB  1 
ATOM   291  C CG  . HIS A 1 41  ? -9.583  -4.559  1.943   1.00 11.66 ? 41  HIS A CG  1 
ATOM   292  N ND1 . HIS A 1 41  ? -10.375 -4.355  3.051   1.00 11.78 ? 41  HIS A ND1 1 
ATOM   293  C CD2 . HIS A 1 41  ? -9.068  -3.349  1.617   1.00 10.72 ? 41  HIS A CD2 1 
ATOM   294  C CE1 . HIS A 1 41  ? -10.335 -3.074  3.387   1.00 11.27 ? 41  HIS A CE1 1 
ATOM   295  N NE2 . HIS A 1 41  ? -9.561  -2.437  2.526   1.00 12.60 ? 41  HIS A NE2 1 
ATOM   296  N N   . THR A 1 42  ? -9.156  -8.804  2.508   1.00 11.66 ? 42  THR A N   1 
ATOM   297  C CA  . THR A 1 42  ? -9.521  -10.211 2.346   1.00 11.89 ? 42  THR A CA  1 
ATOM   298  C C   . THR A 1 42  ? -10.811 -10.424 1.557   1.00 15.28 ? 42  THR A C   1 
ATOM   299  O O   . THR A 1 42  ? -11.085 -11.559 1.152   1.00 16.17 ? 42  THR A O   1 
ATOM   300  C CB  . THR A 1 42  ? -9.678  -10.887 3.709   1.00 12.36 ? 42  THR A CB  1 
ATOM   301  O OG1 . THR A 1 42  ? -10.684 -10.198 4.471   1.00 13.59 ? 42  THR A OG1 1 
ATOM   302  C CG2 . THR A 1 42  ? -8.367  -10.894 4.457   1.00 15.22 ? 42  THR A CG2 1 
ATOM   303  N N   . GLU A 1 43  ? -11.620 -9.385  1.353   1.00 13.48 ? 43  GLU A N   1 
ATOM   304  C CA  . GLU A 1 43  ? -12.837 -9.485  0.561   1.00 12.60 ? 43  GLU A CA  1 
ATOM   305  C C   . GLU A 1 43  ? -13.035 -8.180  -0.194  1.00 15.73 ? 43  GLU A C   1 
ATOM   306  O O   . GLU A 1 43  ? -12.386 -7.170  0.091   1.00 14.27 ? 43  GLU A O   1 
ATOM   307  C CB  . GLU A 1 43  ? -14.069 -9.793  1.434   1.00 16.05 ? 43  GLU A CB  1 
ATOM   308  C CG  . GLU A 1 43  ? -13.954 -11.086 2.246   1.00 18.28 ? 43  GLU A CG  1 
ATOM   309  C CD  . GLU A 1 43  ? -13.939 -12.326 1.371   1.00 22.57 ? 43  GLU A CD  1 
ATOM   310  O OE1 . GLU A 1 43  ? -14.406 -12.257 0.212   1.00 22.68 ? 43  GLU A OE1 1 
ATOM   311  O OE2 . GLU A 1 43  ? -13.455 -13.372 1.848   1.00 23.97 ? 43  GLU A OE2 1 
ATOM   312  N N   . MET A 1 44  ? -13.953 -8.207  -1.164  1.00 16.41 ? 44  MET A N   1 
ATOM   313  C CA  . MET A 1 44  ? -14.235 -7.008  -1.943  1.00 14.30 ? 44  MET A CA  1 
ATOM   314  C C   . MET A 1 44  ? -14.873 -5.917  -1.093  1.00 15.12 ? 44  MET A C   1 
ATOM   315  O O   . MET A 1 44  ? -14.741 -4.732  -1.415  1.00 17.19 ? 44  MET A O   1 
ATOM   316  C CB  . MET A 1 44  ? -15.143 -7.339  -3.128  1.00 16.47 ? 44  MET A CB  1 
ATOM   317  C CG  . MET A 1 44  ? -14.455 -8.120  -4.243  1.00 18.92 ? 44  MET A CG  1 
ATOM   318  S SD  . MET A 1 44  ? -13.099 -7.219  -5.030  1.00 20.23 ? 44  MET A SD  1 
ATOM   319  C CE  . MET A 1 44  ? -13.901 -5.721  -5.589  1.00 20.81 ? 44  MET A CE  1 
ATOM   320  N N   . LYS A 1 45  ? -15.561 -6.289  -0.018  1.00 16.77 ? 45  LYS A N   1 
ATOM   321  C CA  . LYS A 1 45  ? -16.182 -5.292  0.846   1.00 16.02 ? 45  LYS A CA  1 
ATOM   322  C C   . LYS A 1 45  ? -15.127 -4.377  1.460   1.00 14.71 ? 45  LYS A C   1 
ATOM   323  O O   . LYS A 1 45  ? -14.110 -4.840  1.980   1.00 14.12 ? 45  LYS A O   1 
ATOM   324  C CB  . LYS A 1 45  ? -16.969 -5.972  1.966   1.00 23.13 ? 45  LYS A CB  1 
ATOM   325  C CG  . LYS A 1 45  ? -18.196 -6.746  1.513   1.00 26.92 ? 45  LYS A CG  1 
ATOM   326  C CD  . LYS A 1 45  ? -18.815 -7.512  2.684   1.00 33.76 ? 45  LYS A CD  1 
ATOM   327  C CE  . LYS A 1 45  ? -17.863 -8.583  3.237   1.00 36.25 ? 45  LYS A CE  1 
ATOM   328  N NZ  . LYS A 1 45  ? -17.714 -9.770  2.328   1.00 33.65 ? 45  LYS A NZ  1 
ATOM   329  N N   . GLU A 1 46  ? -15.415 -3.071  1.452   1.00 16.30 ? 46  GLU A N   1 
ATOM   330  C CA  . GLU A 1 46  ? -14.479 -2.060  1.938   1.00 17.22 ? 46  GLU A CA  1 
ATOM   331  C C   . GLU A 1 46  ? -14.142 -2.221  3.413   1.00 14.38 ? 46  GLU A C   1 
ATOM   332  O O   . GLU A 1 46  ? -13.034 -1.870  3.839   1.00 14.91 ? 46  GLU A O   1 
ATOM   333  C CB  . GLU A 1 46  ? -15.085 -0.673  1.734   1.00 23.80 ? 46  GLU A CB  1 
ATOM   334  C CG  . GLU A 1 46  ? -14.161 0.327   1.161   1.00 28.58 ? 46  GLU A CG  1 
ATOM   335  C CD  . GLU A 1 46  ? -14.916 1.535   0.659   1.00 21.22 ? 46  GLU A CD  1 
ATOM   336  O OE1 . GLU A 1 46  ? -15.747 2.090   1.428   1.00 21.00 ? 46  GLU A OE1 1 
ATOM   337  O OE2 . GLU A 1 46  ? -14.695 1.906   -0.512  1.00 24.67 ? 46  GLU A OE2 1 
ATOM   338  N N   . ASP A 1 47  ? -15.087 -2.690  4.221   1.00 13.90 ? 47  ASP A N   1 
ATOM   339  C CA  . ASP A 1 47  ? -14.834 -2.851  5.642   1.00 15.91 ? 47  ASP A CA  1 
ATOM   340  C C   . ASP A 1 47  ? -14.341 -4.245  5.988   1.00 13.03 ? 47  ASP A C   1 
ATOM   341  O O   . ASP A 1 47  ? -14.305 -4.605  7.170   1.00 15.03 ? 47  ASP A O   1 
ATOM   342  C CB  . ASP A 1 47  ? -16.088 -2.493  6.455   1.00 19.68 ? 47  ASP A CB  1 
ATOM   343  C CG  . ASP A 1 47  ? -17.297 -3.344  6.100   1.00 26.07 ? 47  ASP A CG  1 
ATOM   344  O OD1 . ASP A 1 47  ? -17.188 -4.256  5.257   1.00 24.40 ? 47  ASP A OD1 1 
ATOM   345  O OD2 . ASP A 1 47  ? -18.378 -3.085  6.675   1.00 29.24 ? 47  ASP A OD2 1 
ATOM   346  N N   . SER A 1 48  ? -13.929 -5.028  4.988   1.00 12.48 ? 48  SER A N   1 
ATOM   347  C CA  . SER A 1 48  ? -13.361 -6.339  5.238   1.00 13.63 ? 48  SER A CA  1 
ATOM   348  C C   . SER A 1 48  ? -11.979 -6.213  5.877   1.00 13.09 ? 48  SER A C   1 
ATOM   349  O O   . SER A 1 48  ? -11.358 -5.146  5.893   1.00 13.01 ? 48  SER A O   1 
ATOM   350  C CB  . SER A 1 48  ? -13.274 -7.136  3.935   1.00 15.43 ? 48  SER A CB  1 
ATOM   351  O OG  . SER A 1 48  ? -12.291 -6.599  3.056   1.00 14.34 ? 48  SER A OG  1 
ATOM   352  N N   . ASP A 1 49  ? -11.489 -7.340  6.390   1.00 12.13 ? 49  ASP A N   1 
ATOM   353  C CA  . ASP A 1 49  ? -10.181 -7.379  7.033   1.00 11.27 ? 49  ASP A CA  1 
ATOM   354  C C   . ASP A 1 49  ? -9.070  -6.978  6.069   1.00 10.64 ? 49  ASP A C   1 
ATOM   355  O O   . ASP A 1 49  ? -9.209  -7.041  4.842   1.00 12.05 ? 49  ASP A O   1 
ATOM   356  C CB  . ASP A 1 49  ? -9.903  -8.770  7.591   1.00 12.93 ? 49  ASP A CB  1 
ATOM   357  C CG  . ASP A 1 49  ? -10.693 -9.053  8.854   1.00 16.45 ? 49  ASP A CG  1 
ATOM   358  O OD1 . ASP A 1 49  ? -11.397 -8.152  9.346   1.00 15.97 ? 49  ASP A OD1 1 
ATOM   359  O OD2 . ASP A 1 49  ? -10.594 -10.192 9.359   1.00 17.30 ? 49  ASP A OD2 1 
ATOM   360  N N   . ILE A 1 50  ? -7.952  -6.543  6.648   1.00 12.86 ? 50  ILE A N   1 
ATOM   361  C CA  . ILE A 1 50  ? -6.834  -5.996  5.888   1.00 9.24  ? 50  ILE A CA  1 
ATOM   362  C C   . ILE A 1 50  ? -5.571  -6.763  6.256   1.00 12.19 ? 50  ILE A C   1 
ATOM   363  O O   . ILE A 1 50  ? -5.089  -6.673  7.391   1.00 12.60 ? 50  ILE A O   1 
ATOM   364  C CB  . ILE A 1 50  ? -6.662  -4.489  6.128   1.00 9.63  ? 50  ILE A CB  1 
ATOM   365  C CG1 . ILE A 1 50  ? -7.899  -3.745  5.631   1.00 11.17 ? 50  ILE A CG1 1 
ATOM   366  C CG2 . ILE A 1 50  ? -5.390  -3.960  5.432   1.00 11.35 ? 50  ILE A CG2 1 
ATOM   367  C CD1 . ILE A 1 50  ? -7.946  -2.290  6.112   1.00 11.05 ? 50  ILE A CD1 1 
ATOM   368  N N   . ALA A 1 51  ? -5.050  -7.533  5.293   1.00 10.40 ? 51  ALA A N   1 
ATOM   369  C CA  . ALA A 1 51  ? -3.790  -8.249  5.474   1.00 9.63  ? 51  ALA A CA  1 
ATOM   370  C C   . ALA A 1 51  ? -2.596  -7.309  5.535   1.00 9.70  ? 51  ALA A C   1 
ATOM   371  O O   . ALA A 1 51  ? -1.621  -7.594  6.242   1.00 13.56 ? 51  ALA A O   1 
ATOM   372  C CB  . ALA A 1 51  ? -3.595  -9.250  4.335   1.00 13.46 ? 51  ALA A CB  1 
ATOM   373  N N   . PHE A 1 52  ? -2.645  -6.198  4.801   1.00 11.44 ? 52  PHE A N   1 
ATOM   374  C CA  . PHE A 1 52  ? -1.534  -5.250  4.764   1.00 11.35 ? 52  PHE A CA  1 
ATOM   375  C C   . PHE A 1 52  ? -2.115  -3.862  4.541   1.00 10.78 ? 52  PHE A C   1 
ATOM   376  O O   . PHE A 1 52  ? -2.687  -3.595  3.483   1.00 11.59 ? 52  PHE A O   1 
ATOM   377  C CB  . PHE A 1 52  ? -0.543  -5.616  3.658   1.00 11.86 ? 52  PHE A CB  1 
ATOM   378  C CG  . PHE A 1 52  ? 0.646   -4.694  3.557   1.00 11.15 ? 52  PHE A CG  1 
ATOM   379  C CD1 . PHE A 1 52  ? 1.236   -4.149  4.688   1.00 13.32 ? 52  PHE A CD1 1 
ATOM   380  C CD2 . PHE A 1 52  ? 1.182   -4.387  2.315   1.00 13.79 ? 52  PHE A CD2 1 
ATOM   381  C CE1 . PHE A 1 52  ? 2.346   -3.292  4.574   1.00 13.56 ? 52  PHE A CE1 1 
ATOM   382  C CE2 . PHE A 1 52  ? 2.287   -3.558  2.197   1.00 13.33 ? 52  PHE A CE2 1 
ATOM   383  C CZ  . PHE A 1 52  ? 2.864   -3.001  3.325   1.00 13.20 ? 52  PHE A CZ  1 
ATOM   384  N N   . HIS A 1 53  ? -1.975  -3.007  5.550   1.00 9.52  ? 53  HIS A N   1 
ATOM   385  C CA  . HIS A 1 53  ? -2.356  -1.597  5.513   1.00 11.01 ? 53  HIS A CA  1 
ATOM   386  C C   . HIS A 1 53  ? -1.062  -0.802  5.433   1.00 10.25 ? 53  HIS A C   1 
ATOM   387  O O   . HIS A 1 53  ? -0.180  -0.967  6.281   1.00 12.06 ? 53  HIS A O   1 
ATOM   388  C CB  . HIS A 1 53  ? -3.165  -1.268  6.771   1.00 9.51  ? 53  HIS A CB  1 
ATOM   389  C CG  . HIS A 1 53  ? -3.259  0.191   7.120   1.00 10.81 ? 53  HIS A CG  1 
ATOM   390  N ND1 . HIS A 1 53  ? -4.122  1.054   6.482   1.00 11.87 ? 53  HIS A ND1 1 
ATOM   391  C CD2 . HIS A 1 53  ? -2.666  0.909   8.103   1.00 12.99 ? 53  HIS A CD2 1 
ATOM   392  C CE1 . HIS A 1 53  ? -4.036  2.251   7.040   1.00 13.24 ? 53  HIS A CE1 1 
ATOM   393  N NE2 . HIS A 1 53  ? -3.160  2.191   8.027   1.00 12.80 ? 53  HIS A NE2 1 
ATOM   394  N N   . PHE A 1 54  ? -0.929  0.013   4.391   1.00 9.46  ? 54  PHE A N   1 
ATOM   395  C CA  . PHE A 1 54  ? 0.279   0.792   4.142   1.00 9.02  ? 54  PHE A CA  1 
ATOM   396  C C   . PHE A 1 54  ? -0.168  2.239   3.999   1.00 9.98  ? 54  PHE A C   1 
ATOM   397  O O   . PHE A 1 54  ? -0.830  2.585   3.016   1.00 11.08 ? 54  PHE A O   1 
ATOM   398  C CB  . PHE A 1 54  ? 0.981   0.299   2.879   1.00 11.66 ? 54  PHE A CB  1 
ATOM   399  C CG  . PHE A 1 54  ? 2.179   1.109   2.475   1.00 10.68 ? 54  PHE A CG  1 
ATOM   400  C CD1 . PHE A 1 54  ? 3.392   0.944   3.141   1.00 11.84 ? 54  PHE A CD1 1 
ATOM   401  C CD2 . PHE A 1 54  ? 2.103   2.001   1.407   1.00 12.00 ? 54  PHE A CD2 1 
ATOM   402  C CE1 . PHE A 1 54  ? 4.507   1.669   2.756   1.00 13.52 ? 54  PHE A CE1 1 
ATOM   403  C CE2 . PHE A 1 54  ? 3.207   2.737   1.017   1.00 12.75 ? 54  PHE A CE2 1 
ATOM   404  C CZ  . PHE A 1 54  ? 4.415   2.574   1.692   1.00 14.02 ? 54  PHE A CZ  1 
ATOM   405  N N   . GLN A 1 55  ? 0.158   3.077   4.979   1.00 10.33 ? 55  GLN A N   1 
ATOM   406  C CA  . GLN A 1 55  ? -0.303  4.461   4.971   1.00 9.86  ? 55  GLN A CA  1 
ATOM   407  C C   . GLN A 1 55  ? 0.887   5.401   5.072   1.00 10.34 ? 55  GLN A C   1 
ATOM   408  O O   . GLN A 1 55  ? 1.588   5.415   6.089   1.00 11.79 ? 55  GLN A O   1 
ATOM   409  C CB  . GLN A 1 55  ? -1.295  4.733   6.106   1.00 11.02 ? 55  GLN A CB  1 
ATOM   410  C CG  . GLN A 1 55  ? -1.841  6.157   6.014   1.00 11.08 ? 55  GLN A CG  1 
ATOM   411  C CD  . GLN A 1 55  ? -3.018  6.447   6.928   1.00 13.83 ? 55  GLN A CD  1 
ATOM   412  O OE1 . GLN A 1 55  ? -3.377  5.654   7.806   1.00 17.32 ? 55  GLN A OE1 1 
ATOM   413  N NE2 . GLN A 1 55  ? -3.616  7.620   6.736   1.00 11.77 ? 55  GLN A NE2 1 
ATOM   414  N N   . VAL A 1 56  ? 1.100   6.190   4.025   1.00 9.89  ? 56  VAL A N   1 
ATOM   415  C CA  . VAL A 1 56  ? 2.178   7.176   4.003   1.00 10.35 ? 56  VAL A CA  1 
ATOM   416  C C   . VAL A 1 56  ? 1.617   8.517   4.451   1.00 10.36 ? 56  VAL A C   1 
ATOM   417  O O   . VAL A 1 56  ? 0.647   9.019   3.866   1.00 11.22 ? 56  VAL A O   1 
ATOM   418  C CB  . VAL A 1 56  ? 2.801   7.296   2.608   1.00 12.63 ? 56  VAL A CB  1 
ATOM   419  C CG1 . VAL A 1 56  ? 3.926   8.343   2.628   1.00 12.15 ? 56  VAL A CG1 1 
ATOM   420  C CG2 . VAL A 1 56  ? 3.307   5.919   2.121   1.00 12.42 ? 56  VAL A CG2 1 
ATOM   421  N N   . TYR A 1 57  ? 2.236   9.105   5.476   1.00 9.86  ? 57  TYR A N   1 
ATOM   422  C CA  . TYR A 1 57  ? 1.979   10.496  5.858   1.00 11.58 ? 57  TYR A CA  1 
ATOM   423  C C   . TYR A 1 57  ? 3.107   11.263  5.180   1.00 11.88 ? 57  TYR A C   1 
ATOM   424  O O   . TYR A 1 57  ? 4.210   11.367  5.719   1.00 13.74 ? 57  TYR A O   1 
ATOM   425  C CB  . TYR A 1 57  ? 2.008   10.693  7.375   1.00 13.29 ? 57  TYR A CB  1 
ATOM   426  C CG  . TYR A 1 57  ? 0.891   10.074  8.215   1.00 15.47 ? 57  TYR A CG  1 
ATOM   427  C CD1 . TYR A 1 57  ? 0.475   8.756   8.036   1.00 17.50 ? 57  TYR A CD1 1 
ATOM   428  C CD2 . TYR A 1 57  ? 0.280   10.812  9.223   1.00 22.55 ? 57  TYR A CD2 1 
ATOM   429  C CE1 . TYR A 1 57  ? -0.541  8.206   8.832   1.00 17.54 ? 57  TYR A CE1 1 
ATOM   430  C CE2 . TYR A 1 57  ? -0.725  10.269  10.012  1.00 26.84 ? 57  TYR A CE2 1 
ATOM   431  C CZ  . TYR A 1 57  ? -1.134  8.966   9.810   1.00 26.03 ? 57  TYR A CZ  1 
ATOM   432  O OH  . TYR A 1 57  ? -2.130  8.438   10.600  1.00 33.33 ? 57  TYR A OH  1 
ATOM   433  N N   . PHE A 1 58  ? 2.853   11.768  3.969   1.00 11.78 ? 58  PHE A N   1 
ATOM   434  C CA  . PHE A 1 58  ? 3.944   12.316  3.162   1.00 12.85 ? 58  PHE A CA  1 
ATOM   435  C C   . PHE A 1 58  ? 4.676   13.414  3.921   1.00 14.05 ? 58  PHE A C   1 
ATOM   436  O O   . PHE A 1 58  ? 4.054   14.323  4.489   1.00 12.69 ? 58  PHE A O   1 
ATOM   437  C CB  . PHE A 1 58  ? 3.426   12.875  1.830   1.00 11.84 ? 58  PHE A CB  1 
ATOM   438  C CG  . PHE A 1 58  ? 3.108   11.825  0.798   1.00 10.52 ? 58  PHE A CG  1 
ATOM   439  C CD1 . PHE A 1 58  ? 4.114   11.052  0.226   1.00 13.47 ? 58  PHE A CD1 1 
ATOM   440  C CD2 . PHE A 1 58  ? 1.798   11.629  0.376   1.00 12.01 ? 58  PHE A CD2 1 
ATOM   441  C CE1 . PHE A 1 58  ? 3.816   10.088  -0.737  1.00 12.57 ? 58  PHE A CE1 1 
ATOM   442  C CE2 . PHE A 1 58  ? 1.492   10.663  -0.578  1.00 11.80 ? 58  PHE A CE2 1 
ATOM   443  C CZ  . PHE A 1 58  ? 2.506   9.892   -1.146  1.00 13.63 ? 58  PHE A CZ  1 
ATOM   444  N N   . GLY A 1 59  ? 6.006   13.328  3.910   1.00 14.95 ? 59  GLY A N   1 
ATOM   445  C CA  . GLY A 1 59  ? 6.867   14.267  4.593   1.00 15.19 ? 59  GLY A CA  1 
ATOM   446  C C   . GLY A 1 59  ? 7.011   14.030  6.075   1.00 16.54 ? 59  GLY A C   1 
ATOM   447  O O   . GLY A 1 59  ? 7.647   14.845  6.754   1.00 21.03 ? 59  GLY A O   1 
ATOM   448  N N   . ASN A 1 60  ? 6.429   12.950  6.602   1.00 14.08 ? 60  ASN A N   1 
ATOM   449  C CA  . ASN A 1 60  ? 6.382   12.719  8.040   1.00 13.72 ? 60  ASN A CA  1 
ATOM   450  C C   . ASN A 1 60  ? 6.783   11.293  8.391   1.00 17.47 ? 60  ASN A C   1 
ATOM   451  O O   . ASN A 1 60  ? 7.893   11.060  8.883   1.00 18.58 ? 60  ASN A O   1 
ATOM   452  C CB  . ASN A 1 60  ? 4.975   13.028  8.570   1.00 15.09 ? 60  ASN A CB  1 
ATOM   453  C CG  . ASN A 1 60  ? 4.851   12.828  10.069  1.00 19.15 ? 60  ASN A CG  1 
ATOM   454  O OD1 . ASN A 1 60  ? 5.781   12.374  10.731  1.00 21.36 ? 60  ASN A OD1 1 
ATOM   455  N ND2 . ASN A 1 60  ? 3.691   13.182  10.617  1.00 19.28 ? 60  ASN A ND2 1 
ATOM   456  N N   . ARG A 1 61  ? 5.897   10.331  8.145   1.00 15.17 ? 61  ARG A N   1 
ATOM   457  C CA  . ARG A 1 61  ? 6.144   8.969   8.604   1.00 12.26 ? 61  ARG A CA  1 
ATOM   458  C C   . ARG A 1 61  ? 5.277   8.014   7.799   1.00 13.12 ? 61  ARG A C   1 
ATOM   459  O O   . ARG A 1 61  ? 4.411   8.428   7.029   1.00 12.35 ? 61  ARG A O   1 
ATOM   460  C CB  . ARG A 1 61  ? 5.848   8.835   10.096  1.00 15.01 ? 61  ARG A CB  1 
ATOM   461  C CG  . ARG A 1 61  ? 4.356   8.953   10.418  1.00 18.63 ? 61  ARG A CG  1 
ATOM   462  C CD  . ARG A 1 61  ? 4.082   9.201   11.901  1.00 31.80 ? 61  ARG A CD  1 
ATOM   463  N NE  . ARG A 1 61  ? 2.661   8.998   12.195  1.00 33.71 ? 61  ARG A NE  1 
ATOM   464  C CZ  . ARG A 1 61  ? 2.167   7.951   12.849  1.00 27.69 ? 61  ARG A CZ  1 
ATOM   465  N NH1 . ARG A 1 61  ? 2.980   7.013   13.317  1.00 32.10 ? 61  ARG A NH1 1 
ATOM   466  N NH2 . ARG A 1 61  ? 0.856   7.849   13.055  1.00 34.09 ? 61  ARG A NH2 1 
ATOM   467  N N   . VAL A 1 62  ? 5.519   6.717   7.992   1.00 12.20 ? 62  VAL A N   1 
ATOM   468  C CA  . VAL A 1 62  ? 4.743   5.668   7.347   1.00 14.14 ? 62  VAL A CA  1 
ATOM   469  C C   . VAL A 1 62  ? 4.241   4.729   8.429   1.00 13.25 ? 62  VAL A C   1 
ATOM   470  O O   . VAL A 1 62  ? 4.977   4.408   9.367   1.00 15.50 ? 62  VAL A O   1 
ATOM   471  C CB  . VAL A 1 62  ? 5.579   4.895   6.305   1.00 12.88 ? 62  VAL A CB  1 
ATOM   472  C CG1 . VAL A 1 62  ? 4.813   3.714   5.779   1.00 15.74 ? 62  VAL A CG1 1 
ATOM   473  C CG2 . VAL A 1 62  ? 5.977   5.818   5.162   1.00 14.83 ? 62  VAL A CG2 1 
ATOM   474  N N   . VAL A 1 63  ? 2.983   4.309   8.320   1.00 11.89 ? 63  VAL A N   1 
ATOM   475  C CA  . VAL A 1 63  ? 2.383   3.372   9.269   1.00 11.86 ? 63  VAL A CA  1 
ATOM   476  C C   . VAL A 1 63  ? 1.947   2.120   8.518   1.00 12.45 ? 63  VAL A C   1 
ATOM   477  O O   . VAL A 1 63  ? 1.375   2.200   7.424   1.00 13.36 ? 63  VAL A O   1 
ATOM   478  C CB  . VAL A 1 63  ? 1.185   4.007   10.009  1.00 18.01 ? 63  VAL A CB  1 
ATOM   479  C CG1 . VAL A 1 63  ? 0.427   2.960   10.803  1.00 21.58 ? 63  VAL A CG1 1 
ATOM   480  C CG2 . VAL A 1 63  ? 1.664   5.114   10.930  1.00 18.93 ? 63  VAL A CG2 1 
ATOM   481  N N   . MET A 1 64  ? 2.215   0.952   9.109   1.00 12.61 ? 64  MET A N   1 
ATOM   482  C CA  . MET A 1 64  ? 1.779   -0.314  8.539   1.00 12.15 ? 64  MET A CA  1 
ATOM   483  C C   . MET A 1 64  ? 1.117   -1.147  9.627   1.00 12.88 ? 64  MET A C   1 
ATOM   484  O O   . MET A 1 64  ? 1.501   -1.082  10.796  1.00 14.01 ? 64  MET A O   1 
ATOM   485  C CB  . MET A 1 64  ? 2.947   -1.100  7.910   1.00 12.98 ? 64  MET A CB  1 
ATOM   486  C CG  . MET A 1 64  ? 3.541   -0.378  6.716   1.00 12.21 ? 64  MET A CG  1 
ATOM   487  S SD  . MET A 1 64  ? 5.012   -1.201  6.115   1.00 15.05 ? 64  MET A SD  1 
ATOM   488  C CE  . MET A 1 64  ? 6.214   -0.677  7.329   1.00 18.82 ? 64  MET A CE  1 
ATOM   489  N N   . ASN A 1 65  ? 0.095   -1.903  9.246   1.00 10.76 ? 65  ASN A N   1 
ATOM   490  C CA  . ASN A 1 65  ? -0.651  -2.700  10.219  1.00 10.95 ? 65  ASN A CA  1 
ATOM   491  C C   . ASN A 1 65  ? -1.490  -3.708  9.454   1.00 11.96 ? 65  ASN A C   1 
ATOM   492  O O   . ASN A 1 65  ? -1.501  -3.734  8.219   1.00 12.58 ? 65  ASN A O   1 
ATOM   493  C CB  . ASN A 1 65  ? -1.540  -1.820  11.112  1.00 10.87 ? 65  ASN A CB  1 
ATOM   494  C CG  . ASN A 1 65  ? -1.780  -2.427  12.491  1.00 12.41 ? 65  ASN A CG  1 
ATOM   495  O OD1 . ASN A 1 65  ? -1.595  -3.625  12.705  1.00 14.35 ? 65  ASN A OD1 1 
ATOM   496  N ND2 . ASN A 1 65  ? -2.179  -1.584  13.440  1.00 12.94 ? 65  ASN A ND2 1 
ATOM   497  N N   . SER A 1 66  ? -2.189  -4.552  10.208  1.00 12.90 ? 66  SER A N   1 
ATOM   498  C CA  . SER A 1 66  ? -3.231  -5.416  9.693   1.00 10.57 ? 66  SER A CA  1 
ATOM   499  C C   . SER A 1 66  ? -4.491  -5.158  10.508  1.00 10.75 ? 66  SER A C   1 
ATOM   500  O O   . SER A 1 66  ? -4.433  -4.691  11.650  1.00 12.40 ? 66  SER A O   1 
ATOM   501  C CB  . SER A 1 66  ? -2.833  -6.899  9.794   1.00 12.79 ? 66  SER A CB  1 
ATOM   502  O OG  . SER A 1 66  ? -2.578  -7.228  11.152  1.00 14.18 ? 66  SER A OG  1 
ATOM   503  N N   . ARG A 1 67  ? -5.639  -5.447  9.908   1.00 10.92 ? 67  ARG A N   1 
ATOM   504  C CA  . ARG A 1 67  ? -6.915  -5.397  10.618  1.00 11.44 ? 67  ARG A CA  1 
ATOM   505  C C   . ARG A 1 67  ? -7.515  -6.791  10.509  1.00 11.54 ? 67  ARG A C   1 
ATOM   506  O O   . ARG A 1 67  ? -7.847  -7.243  9.408   1.00 11.26 ? 67  ARG A O   1 
ATOM   507  C CB  . ARG A 1 67  ? -7.844  -4.321  10.052  1.00 10.84 ? 67  ARG A CB  1 
ATOM   508  C CG  . ARG A 1 67  ? -9.150  -4.201  10.836  1.00 12.91 ? 67  ARG A CG  1 
ATOM   509  C CD  . ARG A 1 67  ? -9.964  -2.989  10.391  1.00 12.93 ? 67  ARG A CD  1 
ATOM   510  N NE  . ARG A 1 67  ? -10.524 -3.170  9.049   1.00 11.75 ? 67  ARG A NE  1 
ATOM   511  C CZ  . ARG A 1 67  ? -10.913 -2.180  8.257   1.00 12.02 ? 67  ARG A CZ  1 
ATOM   512  N NH1 . ARG A 1 67  ? -10.810 -0.913  8.676   1.00 11.65 ? 67  ARG A NH1 1 
ATOM   513  N NH2 . ARG A 1 67  ? -11.415 -2.449  7.050   1.00 12.62 ? 67  ARG A NH2 1 
ATOM   514  N N   . GLU A 1 68  ? -7.618  -7.476  11.645  1.00 14.69 ? 68  GLU A N   1 
ATOM   515  C CA  . GLU A 1 68  ? -7.978  -8.888  11.687  1.00 13.42 ? 68  GLU A CA  1 
ATOM   516  C C   . GLU A 1 68  ? -9.236  -9.041  12.528  1.00 16.46 ? 68  GLU A C   1 
ATOM   517  O O   . GLU A 1 68  ? -9.279  -8.583  13.678  1.00 16.78 ? 68  GLU A O   1 
ATOM   518  C CB  . GLU A 1 68  ? -6.824  -9.725  12.260  1.00 13.44 ? 68  GLU A CB  1 
ATOM   519  C CG  . GLU A 1 68  ? -5.533  -9.654  11.446  1.00 17.27 ? 68  GLU A CG  1 
ATOM   520  C CD  . GLU A 1 68  ? -4.328  -10.215 12.186  1.00 19.73 ? 68  GLU A CD  1 
ATOM   521  O OE1 . GLU A 1 68  ? -3.194  -9.729  11.960  1.00 15.58 ? 68  GLU A OE1 1 
ATOM   522  O OE2 . GLU A 1 68  ? -4.512  -11.159 12.994  1.00 25.15 ? 68  GLU A OE2 1 
ATOM   523  N N   . PHE A 1 69  ? -10.266 -9.651  11.944  1.00 14.87 ? 69  PHE A N   1 
ATOM   524  C CA  . PHE A 1 69  ? -11.572 -9.768  12.594  1.00 14.98 ? 69  PHE A CA  1 
ATOM   525  C C   . PHE A 1 69  ? -12.010 -8.419  13.160  1.00 20.29 ? 69  PHE A C   1 
ATOM   526  O O   . PHE A 1 69  ? -12.488 -8.299  14.292  1.00 19.14 ? 69  PHE A O   1 
ATOM   527  C CB  . PHE A 1 69  ? -11.542 -10.872 13.656  1.00 19.60 ? 69  PHE A CB  1 
ATOM   528  C CG  . PHE A 1 69  ? -11.058 -12.184 13.111  1.00 18.81 ? 69  PHE A CG  1 
ATOM   529  C CD1 . PHE A 1 69  ? -11.883 -12.961 12.319  1.00 19.53 ? 69  PHE A CD1 1 
ATOM   530  C CD2 . PHE A 1 69  ? -9.760  -12.609 13.342  1.00 19.62 ? 69  PHE A CD2 1 
ATOM   531  C CE1 . PHE A 1 69  ? -11.429 -14.164 11.794  1.00 18.79 ? 69  PHE A CE1 1 
ATOM   532  C CE2 . PHE A 1 69  ? -9.303  -13.809 12.822  1.00 21.40 ? 69  PHE A CE2 1 
ATOM   533  C CZ  . PHE A 1 69  ? -10.138 -14.579 12.041  1.00 21.95 ? 69  PHE A CZ  1 
ATOM   534  N N   . LYS A 1 70  ? -11.830 -7.383  12.343  1.00 14.89 ? 70  LYS A N   1 
ATOM   535  C CA  . LYS A 1 70  ? -12.286 -6.023  12.581  1.00 14.26 ? 70  LYS A CA  1 
ATOM   536  C C   . LYS A 1 70  ? -11.415 -5.243  13.557  1.00 15.22 ? 70  LYS A C   1 
ATOM   537  O O   . LYS A 1 70  ? -11.769 -4.111  13.884  1.00 18.60 ? 70  LYS A O   1 
ATOM   538  C CB  . LYS A 1 70  ? -13.736 -5.991  13.078  1.00 19.06 ? 70  LYS A CB  1 
ATOM   539  C CG  . LYS A 1 70  ? -14.743 -6.482  12.062  1.00 18.46 ? 70  LYS A CG  1 
ATOM   540  C CD  . LYS A 1 70  ? -16.157 -6.410  12.624  1.00 27.87 ? 70  LYS A CD  1 
ATOM   541  C CE  . LYS A 1 70  ? -17.157 -7.028  11.667  1.00 35.67 ? 70  LYS A CE  1 
ATOM   542  N NZ  . LYS A 1 70  ? -18.441 -7.348  12.354  1.00 40.04 ? 70  LYS A NZ  1 
ATOM   543  N N   . ILE A 1 71  ? -10.274 -5.776  13.993  1.00 15.16 ? 71  ILE A N   1 
ATOM   544  C CA  . ILE A 1 71  ? -9.452  -5.140  15.022  1.00 17.35 ? 71  ILE A CA  1 
ATOM   545  C C   . ILE A 1 71  ? -8.077  -4.813  14.445  1.00 15.81 ? 71  ILE A C   1 
ATOM   546  O O   . ILE A 1 71  ? -7.406  -5.692  13.891  1.00 14.52 ? 71  ILE A O   1 
ATOM   547  C CB  . ILE A 1 71  ? -9.301  -6.044  16.260  1.00 19.25 ? 71  ILE A CB  1 
ATOM   548  C CG1 . ILE A 1 71  ? -10.677 -6.485  16.784  1.00 21.58 ? 71  ILE A CG1 1 
ATOM   549  C CG2 . ILE A 1 71  ? -8.495  -5.316  17.337  1.00 19.97 ? 71  ILE A CG2 1 
ATOM   550  C CD1 . ILE A 1 71  ? -11.526 -5.365  17.316  1.00 25.92 ? 71  ILE A CD1 1 
ATOM   551  N N   . TRP A 1 72  ? -7.651  -3.557  14.586  1.00 15.04 ? 72  TRP A N   1 
ATOM   552  C CA  . TRP A 1 72  ? -6.285  -3.203  14.222  1.00 11.66 ? 72  TRP A CA  1 
ATOM   553  C C   . TRP A 1 72  ? -5.295  -3.886  15.159  1.00 15.61 ? 72  TRP A C   1 
ATOM   554  O O   . TRP A 1 72  ? -5.487  -3.918  16.380  1.00 17.00 ? 72  TRP A O   1 
ATOM   555  C CB  . TRP A 1 72  ? -6.099  -1.681  14.260  1.00 12.03 ? 72  TRP A CB  1 
ATOM   556  C CG  . TRP A 1 72  ? -6.786  -0.989  13.126  1.00 12.76 ? 72  TRP A CG  1 
ATOM   557  C CD1 . TRP A 1 72  ? -7.911  -0.227  13.196  1.00 14.30 ? 72  TRP A CD1 1 
ATOM   558  C CD2 . TRP A 1 72  ? -6.396  -0.998  11.744  1.00 12.16 ? 72  TRP A CD2 1 
ATOM   559  N NE1 . TRP A 1 72  ? -8.247  0.246   11.951  1.00 15.24 ? 72  TRP A NE1 1 
ATOM   560  C CE2 . TRP A 1 72  ? -7.333  -0.215  11.042  1.00 12.58 ? 72  TRP A CE2 1 
ATOM   561  C CE3 . TRP A 1 72  ? -5.346  -1.594  11.037  1.00 14.15 ? 72  TRP A CE3 1 
ATOM   562  C CZ2 . TRP A 1 72  ? -7.262  -0.021  9.666   1.00 12.18 ? 72  TRP A CZ2 1 
ATOM   563  C CZ3 . TRP A 1 72  ? -5.274  -1.403  9.668   1.00 13.92 ? 72  TRP A CZ3 1 
ATOM   564  C CH2 . TRP A 1 72  ? -6.224  -0.617  8.996   1.00 13.09 ? 72  TRP A CH2 1 
ATOM   565  N N   . LYS A 1 73  ? -4.231  -4.445  14.580  1.00 13.30 ? 73  LYS A N   1 
ATOM   566  C CA  . LYS A 1 73  ? -3.245  -5.185  15.360  1.00 13.82 ? 73  LYS A CA  1 
ATOM   567  C C   . LYS A 1 73  ? -2.028  -4.324  15.682  1.00 17.13 ? 73  LYS A C   1 
ATOM   568  O O   . LYS A 1 73  ? -2.187  -3.128  15.952  1.00 15.79 ? 73  LYS A O   1 
ATOM   569  C CB  . LYS A 1 73  ? -2.883  -6.472  14.619  1.00 16.24 ? 73  LYS A CB  1 
ATOM   570  C CG  . LYS A 1 73  ? -4.122  -7.311  14.323  1.00 18.85 ? 73  LYS A CG  1 
ATOM   571  C CD  . LYS A 1 73  ? -4.894  -7.637  15.602  1.00 21.40 ? 73  LYS A CD  1 
ATOM   572  C CE  . LYS A 1 73  ? -4.335  -8.853  16.301  1.00 33.35 ? 73  LYS A CE  1 
ATOM   573  N NZ  . LYS A 1 73  ? -5.351  -9.468  17.210  1.00 37.45 ? 73  LYS A NZ  1 
ATOM   574  N N   . GLU A 1 74  ? -0.818  -4.896  15.695  1.00 17.26 ? 74  GLU A N   1 
ATOM   575  C CA  . GLU A 1 74  ? 0.353   -4.144  16.142  1.00 16.37 ? 74  GLU A CA  1 
ATOM   576  C C   . GLU A 1 74  ? 0.845   -3.220  15.032  1.00 14.37 ? 74  GLU A C   1 
ATOM   577  O O   . GLU A 1 74  ? 1.222   -3.681  13.951  1.00 14.83 ? 74  GLU A O   1 
ATOM   578  C CB  . GLU A 1 74  ? 1.476   -5.079  16.589  1.00 19.47 ? 74  GLU A CB  1 
ATOM   579  C CG  . GLU A 1 74  ? 2.683   -4.319  17.140  1.00 22.19 ? 74  GLU A CG  1 
ATOM   580  C CD  . GLU A 1 74  ? 3.870   -5.215  17.467  1.00 33.74 ? 74  GLU A CD  1 
ATOM   581  O OE1 . GLU A 1 74  ? 3.810   -6.428  17.184  1.00 37.81 ? 74  GLU A OE1 1 
ATOM   582  O OE2 . GLU A 1 74  ? 4.867   -4.693  18.006  1.00 40.31 ? 74  GLU A OE2 1 
ATOM   583  N N   . GLU A 1 75  ? 0.859   -1.919  15.311  1.00 15.33 ? 75  GLU A N   1 
ATOM   584  C CA  . GLU A 1 75  ? 1.329   -0.946  14.339  1.00 15.28 ? 75  GLU A CA  1 
ATOM   585  C C   . GLU A 1 75  ? 2.837   -1.049  14.151  1.00 18.58 ? 75  GLU A C   1 
ATOM   586  O O   . GLU A 1 75  ? 3.593   -1.215  15.115  1.00 22.45 ? 75  GLU A O   1 
ATOM   587  C CB  . GLU A 1 75  ? 0.948   0.464   14.796  1.00 15.68 ? 75  GLU A CB  1 
ATOM   588  C CG  . GLU A 1 75  ? 1.163   1.536   13.753  1.00 19.91 ? 75  GLU A CG  1 
ATOM   589  C CD  . GLU A 1 75  ? 0.523   2.847   14.162  1.00 22.76 ? 75  GLU A CD  1 
ATOM   590  O OE1 . GLU A 1 75  ? 1.247   3.715   14.683  1.00 27.42 ? 75  GLU A OE1 1 
ATOM   591  O OE2 . GLU A 1 75  ? -0.705  2.998   13.970  1.00 21.17 ? 75  GLU A OE2 1 
ATOM   592  N N   . VAL A 1 76  ? 3.274   -0.957  12.898  1.00 14.80 ? 76  VAL A N   1 
ATOM   593  C CA  . VAL A 1 76  ? 4.691   -0.911  12.545  1.00 14.68 ? 76  VAL A CA  1 
ATOM   594  C C   . VAL A 1 76  ? 4.960   0.461   11.934  1.00 20.17 ? 76  VAL A C   1 
ATOM   595  O O   . VAL A 1 76  ? 4.293   0.853   10.968  1.00 20.25 ? 76  VAL A O   1 
ATOM   596  C CB  . VAL A 1 76  ? 5.072   -2.034  11.568  1.00 16.48 ? 76  VAL A CB  1 
ATOM   597  C CG1 . VAL A 1 76  ? 6.544   -1.900  11.155  1.00 20.32 ? 76  VAL A CG1 1 
ATOM   598  C CG2 . VAL A 1 76  ? 4.802   -3.409  12.180  1.00 21.72 ? 76  VAL A CG2 1 
ATOM   599  N N   . GLU A 1 77  ? 5.918   1.196   12.504  1.00 16.96 ? 77  GLU A N   1 
ATOM   600  C CA  . GLU A 1 77  ? 6.203   2.568   12.111  1.00 19.83 ? 77  GLU A CA  1 
ATOM   601  C C   . GLU A 1 77  ? 7.525   2.649   11.361  1.00 20.15 ? 77  GLU A C   1 
ATOM   602  O O   . GLU A 1 77  ? 8.470   1.911   11.652  1.00 22.57 ? 77  GLU A O   1 
ATOM   603  C CB  . GLU A 1 77  ? 6.245   3.506   13.326  1.00 25.39 ? 77  GLU A CB  1 
ATOM   604  C CG  . GLU A 1 77  ? 6.047   4.938   12.914  1.00 34.19 ? 77  GLU A CG  1 
ATOM   605  C CD  . GLU A 1 77  ? 5.845   5.892   14.075  1.00 44.59 ? 77  GLU A CD  1 
ATOM   606  O OE1 . GLU A 1 77  ? 4.783   5.784   14.725  1.00 46.32 ? 77  GLU A OE1 1 
ATOM   607  O OE2 . GLU A 1 77  ? 6.730   6.749   14.324  1.00 48.51 ? 77  GLU A OE2 1 
ATOM   608  N N   . SER A 1 78  ? 7.593   3.573   10.405  1.00 16.25 ? 78  SER A N   1 
ATOM   609  C CA  . SER A 1 78  ? 8.864   3.867   9.757   1.00 16.18 ? 78  SER A CA  1 
ATOM   610  C C   . SER A 1 78  ? 8.997   5.365   9.545   1.00 19.23 ? 78  SER A C   1 
ATOM   611  O O   . SER A 1 78  ? 8.007   6.049   9.270   1.00 16.03 ? 78  SER A O   1 
ATOM   612  C CB  . SER A 1 78  ? 9.001   3.144   8.410   1.00 19.36 ? 78  SER A CB  1 
ATOM   613  O OG  . SER A 1 78  ? 10.193  3.550   7.742   1.00 16.69 ? 78  SER A OG  1 
ATOM   614  N N   . LYS A 1 79  ? 10.222  5.877   9.668   1.00 17.69 ? 79  LYS A N   1 
ATOM   615  C CA  . LYS A 1 79  ? 10.500  7.270   9.338   1.00 18.73 ? 79  LYS A CA  1 
ATOM   616  C C   . LYS A 1 79  ? 11.149  7.421   7.969   1.00 16.68 ? 79  LYS A C   1 
ATOM   617  O O   . LYS A 1 79  ? 11.412  8.554   7.543   1.00 19.39 ? 79  LYS A O   1 
ATOM   618  C CB  . LYS A 1 79  ? 11.382  7.913   10.413  1.00 23.76 ? 79  LYS A CB  1 
ATOM   619  C CG  . LYS A 1 79  ? 10.646  8.230   11.723  1.00 23.97 ? 79  LYS A CG  1 
ATOM   620  C CD  . LYS A 1 79  ? 9.349   9.015   11.480  1.00 31.18 ? 79  LYS A CD  1 
ATOM   621  C CE  . LYS A 1 79  ? 9.634   10.458  11.068  1.00 30.45 ? 79  LYS A CE  1 
ATOM   622  N NZ  . LYS A 1 79  ? 8.724   11.471  11.701  1.00 34.41 ? 79  LYS A NZ  1 
ATOM   623  N N   . ASN A 1 80  ? 11.395  6.313   7.266   1.00 18.81 ? 80  ASN A N   1 
ATOM   624  C CA  . ASN A 1 80  ? 11.884  6.395   5.895   1.00 17.11 ? 80  ASN A CA  1 
ATOM   625  C C   . ASN A 1 80  ? 10.905  7.208   5.060   1.00 17.57 ? 80  ASN A C   1 
ATOM   626  O O   . ASN A 1 80  ? 9.694   6.970   5.096   1.00 16.54 ? 80  ASN A O   1 
ATOM   627  C CB  . ASN A 1 80  ? 12.050  5.000   5.287   1.00 16.67 ? 80  ASN A CB  1 
ATOM   628  C CG  . ASN A 1 80  ? 13.230  4.245   5.862   1.00 21.72 ? 80  ASN A CG  1 
ATOM   629  O OD1 . ASN A 1 80  ? 14.113  4.831   6.481   1.00 23.17 ? 80  ASN A OD1 1 
ATOM   630  N ND2 . ASN A 1 80  ? 13.252  2.928   5.653   1.00 17.42 ? 80  ASN A ND2 1 
ATOM   631  N N   . MET A 1 81  ? 11.430  8.173   4.314   1.00 17.04 ? 81  MET A N   1 
ATOM   632  C CA  . MET A 1 81  ? 10.607  9.079   3.513   1.00 16.76 ? 81  MET A CA  1 
ATOM   633  C C   . MET A 1 81  ? 11.332  9.376   2.212   1.00 16.25 ? 81  MET A C   1 
ATOM   634  O O   . MET A 1 81  ? 11.789  10.505  1.972   1.00 20.69 ? 81  MET A O   1 
ATOM   635  C CB  . MET A 1 81  ? 10.297  10.356  4.294   1.00 17.63 ? 81  MET A CB  1 
ATOM   636  C CG  . MET A 1 81  ? 9.300   11.263  3.595   1.00 18.13 ? 81  MET A CG  1 
ATOM   637  S SD  . MET A 1 81  ? 7.733   10.461  3.213   1.00 16.60 ? 81  MET A SD  1 
ATOM   638  C CE  . MET A 1 81  ? 7.300   9.780   4.808   1.00 15.19 ? 81  MET A CE  1 
ATOM   639  N N   . PRO A 1 82  ? 11.449  8.384   1.330   1.00 13.50 ? 82  PRO A N   1 
ATOM   640  C CA  . PRO A 1 82  ? 12.134  8.600   0.051   1.00 16.89 ? 82  PRO A CA  1 
ATOM   641  C C   . PRO A 1 82  ? 11.328  9.411   -0.940  1.00 22.07 ? 82  PRO A C   1 
ATOM   642  O O   . PRO A 1 82  ? 11.896  9.871   -1.939  1.00 22.54 ? 82  PRO A O   1 
ATOM   643  C CB  . PRO A 1 82  ? 12.365  7.176   -0.468  1.00 17.51 ? 82  PRO A CB  1 
ATOM   644  C CG  . PRO A 1 82  ? 11.243  6.376   0.147   1.00 18.94 ? 82  PRO A CG  1 
ATOM   645  C CD  . PRO A 1 82  ? 11.036  6.976   1.511   1.00 17.13 ? 82  PRO A CD  1 
ATOM   646  N N   . PHE A 1 83  ? 10.034  9.599   -0.691  1.00 18.61 ? 83  PHE A N   1 
ATOM   647  C CA  . PHE A 1 83  ? 9.183   10.348  -1.601  1.00 18.83 ? 83  PHE A CA  1 
ATOM   648  C C   . PHE A 1 83  ? 9.617   11.807  -1.660  1.00 20.73 ? 83  PHE A C   1 
ATOM   649  O O   . PHE A 1 83  ? 10.062  12.384  -0.666  1.00 19.76 ? 83  PHE A O   1 
ATOM   650  C CB  . PHE A 1 83  ? 7.727   10.275  -1.146  1.00 15.03 ? 83  PHE A CB  1 
ATOM   651  C CG  . PHE A 1 83  ? 7.193   8.875   -1.026  1.00 14.30 ? 83  PHE A CG  1 
ATOM   652  C CD1 . PHE A 1 83  ? 6.643   8.234   -2.122  1.00 16.13 ? 83  PHE A CD1 1 
ATOM   653  C CD2 . PHE A 1 83  ? 7.221   8.216   0.193   1.00 14.76 ? 83  PHE A CD2 1 
ATOM   654  C CE1 . PHE A 1 83  ? 6.137   6.943   -2.010  1.00 16.00 ? 83  PHE A CE1 1 
ATOM   655  C CE2 . PHE A 1 83  ? 6.702   6.932   0.316   1.00 13.78 ? 83  PHE A CE2 1 
ATOM   656  C CZ  . PHE A 1 83  ? 6.164   6.296   -0.790  1.00 14.36 ? 83  PHE A CZ  1 
ATOM   657  N N   . GLN A 1 84  ? 9.461   12.401  -2.839  1.00 18.58 ? 84  GLN A N   1 
ATOM   658  C CA  . GLN A 1 84  ? 9.898   13.763  -3.106  1.00 22.23 ? 84  GLN A CA  1 
ATOM   659  C C   . GLN A 1 84  ? 8.695   14.663  -3.371  1.00 17.86 ? 84  GLN A C   1 
ATOM   660  O O   . GLN A 1 84  ? 7.791   14.302  -4.131  1.00 18.39 ? 84  GLN A O   1 
ATOM   661  C CB  . GLN A 1 84  ? 10.852  13.792  -4.303  1.00 24.51 ? 84  GLN A CB  1 
ATOM   662  C CG  . GLN A 1 84  ? 12.088  12.914  -4.127  1.00 29.62 ? 84  GLN A CG  1 
ATOM   663  C CD  . GLN A 1 84  ? 13.328  13.714  -3.772  1.00 40.03 ? 84  GLN A CD  1 
ATOM   664  O OE1 . GLN A 1 84  ? 13.426  14.280  -2.679  1.00 44.73 ? 84  GLN A OE1 1 
ATOM   665  N NE2 . GLN A 1 84  ? 14.281  13.768  -4.697  1.00 43.97 ? 84  GLN A NE2 1 
ATOM   666  N N   . ASP A 1 85  ? 8.709   15.841  -2.741  1.00 18.86 ? 85  ASP A N   1 
ATOM   667  C CA  . ASP A 1 85  ? 7.610   16.793  -2.826  1.00 18.13 ? 85  ASP A CA  1 
ATOM   668  C C   . ASP A 1 85  ? 7.226   17.075  -4.275  1.00 21.14 ? 85  ASP A C   1 
ATOM   669  O O   . ASP A 1 85  ? 8.075   17.433  -5.099  1.00 21.67 ? 85  ASP A O   1 
ATOM   670  C CB  . ASP A 1 85  ? 8.032   18.088  -2.123  1.00 19.27 ? 85  ASP A CB  1 
ATOM   671  C CG  . ASP A 1 85  ? 6.861   18.978  -1.747  1.00 20.89 ? 85  ASP A CG  1 
ATOM   672  O OD1 . ASP A 1 85  ? 5.697   18.605  -1.979  1.00 19.99 ? 85  ASP A OD1 1 
ATOM   673  O OD2 . ASP A 1 85  ? 7.116   20.084  -1.211  1.00 25.16 ? 85  ASP A OD2 1 
ATOM   674  N N   . GLY A 1 86  ? 5.938   16.904  -4.582  1.00 19.49 ? 86  GLY A N   1 
ATOM   675  C CA  . GLY A 1 86  ? 5.385   17.237  -5.881  1.00 20.35 ? 86  GLY A CA  1 
ATOM   676  C C   . GLY A 1 86  ? 5.664   16.251  -6.997  1.00 21.60 ? 86  GLY A C   1 
ATOM   677  O O   . GLY A 1 86  ? 5.150   16.436  -8.108  1.00 25.04 ? 86  GLY A O   1 
ATOM   678  N N   . GLN A 1 87  ? 6.437   15.206  -6.747  1.00 19.14 ? 87  GLN A N   1 
ATOM   679  C CA  . GLN A 1 87  ? 6.905   14.330  -7.810  1.00 18.92 ? 87  GLN A CA  1 
ATOM   680  C C   . GLN A 1 87  ? 6.001   13.113  -7.967  1.00 22.02 ? 87  GLN A C   1 
ATOM   681  O O   . GLN A 1 87  ? 5.396   12.635  -7.006  1.00 21.12 ? 87  GLN A O   1 
ATOM   682  C CB  . GLN A 1 87  ? 8.337   13.873  -7.524  1.00 21.31 ? 87  GLN A CB  1 
ATOM   683  C CG  . GLN A 1 87  ? 9.327   15.021  -7.403  1.00 24.17 ? 87  GLN A CG  1 
ATOM   684  C CD  . GLN A 1 87  ? 9.217   15.997  -8.557  1.00 32.26 ? 87  GLN A CD  1 
ATOM   685  O OE1 . GLN A 1 87  ? 9.417   15.630  -9.717  1.00 39.54 ? 87  GLN A OE1 1 
ATOM   686  N NE2 . GLN A 1 87  ? 8.887   17.248  -8.245  1.00 35.66 ? 87  GLN A NE2 1 
ATOM   687  N N   . GLU A 1 88  ? 5.918   12.614  -9.198  1.00 19.52 ? 88  GLU A N   1 
ATOM   688  C CA  . GLU A 1 88  ? 5.330   11.304  -9.426  1.00 17.87 ? 88  GLU A CA  1 
ATOM   689  C C   . GLU A 1 88  ? 6.216   10.248  -8.778  1.00 18.02 ? 88  GLU A C   1 
ATOM   690  O O   . GLU A 1 88  ? 7.445   10.362  -8.778  1.00 21.80 ? 88  GLU A O   1 
ATOM   691  C CB  . GLU A 1 88  ? 5.189   11.034  -10.928 1.00 23.89 ? 88  GLU A CB  1 
ATOM   692  C CG  . GLU A 1 88  ? 4.582   9.679   -11.273 1.00 29.18 ? 88  GLU A CG  1 
ATOM   693  C CD  . GLU A 1 88  ? 4.000   9.626   -12.681 1.00 33.79 ? 88  GLU A CD  1 
ATOM   694  O OE1 . GLU A 1 88  ? 4.051   8.543   -13.305 1.00 40.57 ? 88  GLU A OE1 1 
ATOM   695  O OE2 . GLU A 1 88  ? 3.492   10.659  -13.165 1.00 38.01 ? 88  GLU A OE2 1 
ATOM   696  N N   . PHE A 1 89  ? 5.592   9.230   -8.200  1.00 15.47 ? 89  PHE A N   1 
ATOM   697  C CA  . PHE A 1 89  ? 6.314   8.125   -7.593  1.00 17.44 ? 89  PHE A CA  1 
ATOM   698  C C   . PHE A 1 89  ? 5.853   6.823   -8.224  1.00 16.03 ? 89  PHE A C   1 
ATOM   699  O O   . PHE A 1 89  ? 4.729   6.723   -8.732  1.00 16.40 ? 89  PHE A O   1 
ATOM   700  C CB  . PHE A 1 89  ? 6.090   8.071   -6.072  1.00 16.11 ? 89  PHE A CB  1 
ATOM   701  C CG  . PHE A 1 89  ? 4.647   7.997   -5.681  1.00 17.02 ? 89  PHE A CG  1 
ATOM   702  C CD1 . PHE A 1 89  ? 3.978   6.781   -5.675  1.00 17.97 ? 89  PHE A CD1 1 
ATOM   703  C CD2 . PHE A 1 89  ? 3.951   9.143   -5.327  1.00 17.05 ? 89  PHE A CD2 1 
ATOM   704  C CE1 . PHE A 1 89  ? 2.646   6.710   -5.331  1.00 17.73 ? 89  PHE A CE1 1 
ATOM   705  C CE2 . PHE A 1 89  ? 2.615   9.081   -4.982  1.00 18.67 ? 89  PHE A CE2 1 
ATOM   706  C CZ  . PHE A 1 89  ? 1.959   7.869   -4.981  1.00 17.28 ? 89  PHE A CZ  1 
ATOM   707  N N   . GLU A 1 90  ? 6.732   5.820   -8.182  1.00 14.81 ? 90  GLU A N   1 
ATOM   708  C CA  . GLU A 1 90  ? 6.390   4.458   -8.572  1.00 18.07 ? 90  GLU A CA  1 
ATOM   709  C C   . GLU A 1 90  ? 6.581   3.554   -7.364  1.00 16.61 ? 90  GLU A C   1 
ATOM   710  O O   . GLU A 1 90  ? 7.706   3.359   -6.891  1.00 18.44 ? 90  GLU A O   1 
ATOM   711  C CB  . GLU A 1 90  ? 7.223   3.969   -9.759  1.00 18.37 ? 90  GLU A CB  1 
ATOM   712  C CG  . GLU A 1 90  ? 6.907   2.523   -10.124 1.00 25.43 ? 90  GLU A CG  1 
ATOM   713  C CD  . GLU A 1 90  ? 7.400   2.133   -11.503 1.00 31.38 ? 90  GLU A CD  1 
ATOM   714  O OE1 . GLU A 1 90  ? 7.914   3.008   -12.232 1.00 39.81 ? 90  GLU A OE1 1 
ATOM   715  O OE2 . GLU A 1 90  ? 7.268   0.943   -11.855 1.00 36.74 ? 90  GLU A OE2 1 
ATOM   716  N N   . LEU A 1 91  ? 5.477   3.024   -6.862  1.00 15.31 ? 91  LEU A N   1 
ATOM   717  C CA  . LEU A 1 91  ? 5.481   2.067   -5.775  1.00 17.01 ? 91  LEU A CA  1 
ATOM   718  C C   . LEU A 1 91  ? 5.444   0.671   -6.378  1.00 18.20 ? 91  LEU A C   1 
ATOM   719  O O   . LEU A 1 91  ? 4.625   0.397   -7.261  1.00 19.66 ? 91  LEU A O   1 
ATOM   720  C CB  . LEU A 1 91  ? 4.265   2.314   -4.881  1.00 24.08 ? 91  LEU A CB  1 
ATOM   721  C CG  . LEU A 1 91  ? 4.345   2.243   -3.363  1.00 29.20 ? 91  LEU A CG  1 
ATOM   722  C CD1 . LEU A 1 91  ? 5.325   3.270   -2.833  1.00 23.31 ? 91  LEU A CD1 1 
ATOM   723  C CD2 . LEU A 1 91  ? 2.952   2.474   -2.807  1.00 20.18 ? 91  LEU A CD2 1 
ATOM   724  N N   . SER A 1 92  ? 6.360   -0.196  -5.943  1.00 15.22 ? 92  SER A N   1 
ATOM   725  C CA  . SER A 1 92  ? 6.327   -1.610  -6.302  1.00 17.59 ? 92  SER A CA  1 
ATOM   726  C C   . SER A 1 92  ? 6.197   -2.383  -5.003  1.00 19.49 ? 92  SER A C   1 
ATOM   727  O O   . SER A 1 92  ? 7.119   -2.374  -4.185  1.00 22.28 ? 92  SER A O   1 
ATOM   728  C CB  . SER A 1 92  ? 7.580   -2.051  -7.064  1.00 17.74 ? 92  SER A CB  1 
ATOM   729  O OG  . SER A 1 92  ? 7.841   -1.266  -8.213  1.00 23.30 ? 92  SER A OG  1 
ATOM   730  N N   . ILE A 1 93  ? 5.058   -3.034  -4.795  1.00 15.31 ? 93  ILE A N   1 
ATOM   731  C CA  . ILE A 1 93  ? 4.878   -3.869  -3.617  1.00 11.19 ? 93  ILE A CA  1 
ATOM   732  C C   . ILE A 1 93  ? 5.139   -5.311  -4.034  1.00 14.05 ? 93  ILE A C   1 
ATOM   733  O O   . ILE A 1 93  ? 4.364   -5.905  -4.795  1.00 14.30 ? 93  ILE A O   1 
ATOM   734  C CB  . ILE A 1 93  ? 3.489   -3.685  -2.997  1.00 13.42 ? 93  ILE A CB  1 
ATOM   735  C CG1 . ILE A 1 93  ? 3.237   -2.191  -2.731  1.00 15.25 ? 93  ILE A CG1 1 
ATOM   736  C CG2 . ILE A 1 93  ? 3.365   -4.510  -1.710  1.00 16.39 ? 93  ILE A CG2 1 
ATOM   737  C CD1 . ILE A 1 93  ? 1.824   -1.906  -2.293  1.00 16.18 ? 93  ILE A CD1 1 
ATOM   738  N N   . LEU A 1 94  ? 6.249   -5.865  -3.559  1.00 12.25 ? 94  LEU A N   1 
ATOM   739  C CA  . LEU A 1 94  ? 6.639   -7.227  -3.894  1.00 12.39 ? 94  LEU A CA  1 
ATOM   740  C C   . LEU A 1 94  ? 6.045   -8.177  -2.871  1.00 13.25 ? 94  LEU A C   1 
ATOM   741  O O   . LEU A 1 94  ? 6.195   -7.968  -1.663  1.00 15.04 ? 94  LEU A O   1 
ATOM   742  C CB  . LEU A 1 94  ? 8.161   -7.378  -3.908  1.00 14.23 ? 94  LEU A CB  1 
ATOM   743  C CG  . LEU A 1 94  ? 9.042   -6.391  -4.664  1.00 22.24 ? 94  LEU A CG  1 
ATOM   744  C CD1 . LEU A 1 94  ? 10.458  -6.947  -4.741  1.00 21.05 ? 94  LEU A CD1 1 
ATOM   745  C CD2 . LEU A 1 94  ? 8.493   -6.104  -6.047  1.00 25.84 ? 94  LEU A CD2 1 
ATOM   746  N N   . VAL A 1 95  ? 5.380   -9.224  -3.348  1.00 11.76 ? 95  VAL A N   1 
ATOM   747  C CA  . VAL A 1 95  ? 4.859   -10.264 -2.467  1.00 11.31 ? 95  VAL A CA  1 
ATOM   748  C C   . VAL A 1 95  ? 5.921   -11.345 -2.373  1.00 13.69 ? 95  VAL A C   1 
ATOM   749  O O   . VAL A 1 95  ? 6.146   -12.077 -3.335  1.00 15.80 ? 95  VAL A O   1 
ATOM   750  C CB  . VAL A 1 95  ? 3.536   -10.837 -2.979  1.00 12.54 ? 95  VAL A CB  1 
ATOM   751  C CG1 . VAL A 1 95  ? 3.017   -11.892 -2.003  1.00 15.58 ? 95  VAL A CG1 1 
ATOM   752  C CG2 . VAL A 1 95  ? 2.517   -9.728  -3.191  1.00 14.54 ? 95  VAL A CG2 1 
ATOM   753  N N   . LEU A 1 96  ? 6.598   -11.407 -1.234  1.00 13.00 ? 96  LEU A N   1 
ATOM   754  C CA  . LEU A 1 96  ? 7.606   -12.425 -0.976  1.00 14.44 ? 96  LEU A CA  1 
ATOM   755  C C   . LEU A 1 96  ? 7.017   -13.531 -0.110  1.00 15.49 ? 96  LEU A C   1 
ATOM   756  O O   . LEU A 1 96  ? 5.912   -13.424 0.420   1.00 14.28 ? 96  LEU A O   1 
ATOM   757  C CB  . LEU A 1 96  ? 8.839   -11.803 -0.309  1.00 12.46 ? 96  LEU A CB  1 
ATOM   758  C CG  . LEU A 1 96  ? 9.443   -10.598 -1.044  1.00 16.76 ? 96  LEU A CG  1 
ATOM   759  C CD1 . LEU A 1 96  ? 10.639  -10.042 -0.285  1.00 20.02 ? 96  LEU A CD1 1 
ATOM   760  C CD2 . LEU A 1 96  ? 9.832   -10.977 -2.477  1.00 22.34 ? 96  LEU A CD2 1 
ATOM   761  N N   . GLU A 1 97  ? 7.770   -14.628 0.017   1.00 14.53 ? 97  GLU A N   1 
ATOM   762  C CA  . GLU A 1 97  ? 7.262   -15.754 0.789   1.00 17.02 ? 97  GLU A CA  1 
ATOM   763  C C   . GLU A 1 97  ? 6.961   -15.354 2.228   1.00 15.61 ? 97  GLU A C   1 
ATOM   764  O O   . GLU A 1 97  ? 5.983   -15.826 2.821   1.00 16.41 ? 97  GLU A O   1 
ATOM   765  C CB  . GLU A 1 97  ? 8.270   -16.906 0.745   1.00 21.56 ? 97  GLU A CB  1 
ATOM   766  C CG  . GLU A 1 97  ? 8.373   -17.569 -0.622  1.00 32.65 ? 97  GLU A CG  1 
ATOM   767  C CD  . GLU A 1 97  ? 7.277   -18.593 -0.860  1.00 34.02 ? 97  GLU A CD  1 
ATOM   768  O OE1 . GLU A 1 97  ? 7.266   -19.222 -1.943  1.00 39.45 ? 97  GLU A OE1 1 
ATOM   769  O OE2 . GLU A 1 97  ? 6.426   -18.775 0.039   1.00 37.47 ? 97  GLU A OE2 1 
ATOM   770  N N   . ASP A 1 98  ? 7.778   -14.462 2.796   1.00 14.89 ? 98  ASP A N   1 
ATOM   771  C CA  . ASP A 1 98  ? 7.712   -14.133 4.207   1.00 14.73 ? 98  ASP A CA  1 
ATOM   772  C C   . ASP A 1 98  ? 7.074   -12.789 4.492   1.00 13.91 ? 98  ASP A C   1 
ATOM   773  O O   . ASP A 1 98  ? 6.662   -12.556 5.633   1.00 13.97 ? 98  ASP A O   1 
ATOM   774  C CB  . ASP A 1 98  ? 9.119   -14.126 4.824   1.00 16.11 ? 98  ASP A CB  1 
ATOM   775  C CG  . ASP A 1 98  ? 10.060  -13.164 4.113   1.00 14.06 ? 98  ASP A CG  1 
ATOM   776  O OD1 . ASP A 1 98  ? 10.050  -13.116 2.859   1.00 19.63 ? 98  ASP A OD1 1 
ATOM   777  O OD2 . ASP A 1 98  ? 10.818  -12.459 4.802   1.00 17.90 ? 98  ASP A OD2 1 
ATOM   778  N N   . LYS A 1 99  ? 6.961   -11.917 3.494   1.00 12.73 ? 99  LYS A N   1 
ATOM   779  C CA  . LYS A 1 99  ? 6.591   -10.536 3.779   1.00 12.69 ? 99  LYS A CA  1 
ATOM   780  C C   . LYS A 1 99  ? 6.174   -9.828  2.502   1.00 13.22 ? 99  LYS A C   1 
ATOM   781  O O   . LYS A 1 99  ? 6.439   -10.292 1.392   1.00 13.16 ? 99  LYS A O   1 
ATOM   782  C CB  . LYS A 1 99  ? 7.752   -9.784  4.431   1.00 13.29 ? 99  LYS A CB  1 
ATOM   783  C CG  . LYS A 1 99  ? 9.002   -9.714  3.569   1.00 14.30 ? 99  LYS A CG  1 
ATOM   784  C CD  . LYS A 1 99  ? 10.105  -8.995  4.334   1.00 18.22 ? 99  LYS A CD  1 
ATOM   785  C CE  . LYS A 1 99  ? 11.426  -9.052  3.611   1.00 17.14 ? 99  LYS A CE  1 
ATOM   786  N NZ  . LYS A 1 99  ? 12.164  -10.294 3.965   1.00 19.08 ? 99  LYS A NZ  1 
ATOM   787  N N   . TYR A 1 100 ? 5.534   -8.669  2.687   1.00 12.13 ? 100 TYR A N   1 
ATOM   788  C CA  . TYR A 1 100 ? 5.443   -7.679  1.627   1.00 11.87 ? 100 TYR A CA  1 
ATOM   789  C C   . TYR A 1 100 ? 6.656   -6.773  1.722   1.00 11.91 ? 100 TYR A C   1 
ATOM   790  O O   . TYR A 1 100 ? 7.072   -6.387  2.817   1.00 14.07 ? 100 TYR A O   1 
ATOM   791  C CB  . TYR A 1 100 ? 4.179   -6.818  1.741   1.00 11.03 ? 100 TYR A CB  1 
ATOM   792  C CG  . TYR A 1 100 ? 2.883   -7.571  1.728   1.00 10.85 ? 100 TYR A CG  1 
ATOM   793  C CD1 . TYR A 1 100 ? 2.285   -7.940  0.529   1.00 16.49 ? 100 TYR A CD1 1 
ATOM   794  C CD2 . TYR A 1 100 ? 2.260   -7.919  2.908   1.00 9.97  ? 100 TYR A CD2 1 
ATOM   795  C CE1 . TYR A 1 100 ? 1.089   -8.633  0.511   1.00 17.18 ? 100 TYR A CE1 1 
ATOM   796  C CE2 . TYR A 1 100 ? 1.067   -8.612  2.904   1.00 11.89 ? 100 TYR A CE2 1 
ATOM   797  C CZ  . TYR A 1 100 ? 0.490   -8.964  1.702   1.00 14.91 ? 100 TYR A CZ  1 
ATOM   798  O OH  . TYR A 1 100 ? -0.697  -9.653  1.693   1.00 20.10 ? 100 TYR A OH  1 
ATOM   799  N N   . GLN A 1 101 ? 7.209   -6.419  0.576   1.00 12.04 ? 101 GLN A N   1 
ATOM   800  C CA  . GLN A 1 101 ? 8.296   -5.455  0.511   1.00 12.77 ? 101 GLN A CA  1 
ATOM   801  C C   . GLN A 1 101 ? 7.880   -4.309  -0.394  1.00 11.56 ? 101 GLN A C   1 
ATOM   802  O O   . GLN A 1 101 ? 7.496   -4.535  -1.546  1.00 12.52 ? 101 GLN A O   1 
ATOM   803  C CB  . GLN A 1 101 ? 9.560   -6.117  -0.009  1.00 13.94 ? 101 GLN A CB  1 
ATOM   804  C CG  . GLN A 1 101 ? 10.701  -5.172  -0.122  1.00 15.35 ? 101 GLN A CG  1 
ATOM   805  C CD  . GLN A 1 101 ? 11.984  -5.915  -0.383  1.00 16.01 ? 101 GLN A CD  1 
ATOM   806  O OE1 . GLN A 1 101 ? 12.372  -6.112  -1.530  1.00 23.18 ? 101 GLN A OE1 1 
ATOM   807  N NE2 . GLN A 1 101 ? 12.644  -6.348  0.683   1.00 18.18 ? 101 GLN A NE2 1 
ATOM   808  N N   . VAL A 1 102 ? 7.958   -3.083  0.123   1.00 12.45 ? 102 VAL A N   1 
ATOM   809  C CA  . VAL A 1 102 ? 7.523   -1.900  -0.616  1.00 12.68 ? 102 VAL A CA  1 
ATOM   810  C C   . VAL A 1 102 ? 8.746   -1.162  -1.145  1.00 11.57 ? 102 VAL A C   1 
ATOM   811  O O   . VAL A 1 102 ? 9.553   -0.626  -0.373  1.00 12.18 ? 102 VAL A O   1 
ATOM   812  C CB  . VAL A 1 102 ? 6.663   -0.970  0.253   1.00 13.85 ? 102 VAL A CB  1 
ATOM   813  C CG1 . VAL A 1 102 ? 6.210   0.240   -0.567  1.00 13.40 ? 102 VAL A CG1 1 
ATOM   814  C CG2 . VAL A 1 102 ? 5.461   -1.726  0.808   1.00 16.05 ? 102 VAL A CG2 1 
ATOM   815  N N   . MET A 1 103 ? 8.864   -1.114  -2.464  1.00 13.54 ? 103 MET A N   1 
ATOM   816  C CA  . MET A 1 103 ? 9.897   -0.337  -3.128  1.00 13.09 ? 103 MET A CA  1 
ATOM   817  C C   . MET A 1 103 ? 9.326   1.005   -3.541  1.00 17.62 ? 103 MET A C   1 
ATOM   818  O O   . MET A 1 103 ? 8.157   1.103   -3.926  1.00 16.27 ? 103 MET A O   1 
ATOM   819  C CB  . MET A 1 103 ? 10.421  -1.057  -4.366  1.00 15.03 ? 103 MET A CB  1 
ATOM   820  C CG  . MET A 1 103 ? 11.098  -2.368  -4.096  1.00 15.98 ? 103 MET A CG  1 
ATOM   821  S SD  . MET A 1 103 ? 11.693  -3.009  -5.661  1.00 20.97 ? 103 MET A SD  1 
ATOM   822  C CE  . MET A 1 103 ? 13.050  -4.006  -5.079  1.00 20.92 ? 103 MET A CE  1 
ATOM   823  N N   . VAL A 1 104 ? 10.156  2.036   -3.456  1.00 15.34 ? 104 VAL A N   1 
ATOM   824  C CA  . VAL A 1 104 ? 9.833   3.348   -3.993  1.00 15.36 ? 104 VAL A CA  1 
ATOM   825  C C   . VAL A 1 104 ? 10.875  3.633   -5.059  1.00 16.62 ? 104 VAL A C   1 
ATOM   826  O O   . VAL A 1 104 ? 12.076  3.689   -4.761  1.00 17.03 ? 104 VAL A O   1 
ATOM   827  C CB  . VAL A 1 104 ? 9.824   4.436   -2.910  1.00 16.54 ? 104 VAL A CB  1 
ATOM   828  C CG1 . VAL A 1 104 ? 9.409   5.772   -3.518  1.00 16.87 ? 104 VAL A CG1 1 
ATOM   829  C CG2 . VAL A 1 104 ? 8.880   4.047   -1.772  1.00 17.39 ? 104 VAL A CG2 1 
ATOM   830  N N   . ASN A 1 105 ? 10.424  3.766   -6.302  1.00 15.74 ? 105 ASN A N   1 
ATOM   831  C CA  . ASN A 1 105 ? 11.317  4.057   -7.412  1.00 17.82 ? 105 ASN A CA  1 
ATOM   832  C C   . ASN A 1 105 ? 12.457  3.038   -7.479  1.00 19.82 ? 105 ASN A C   1 
ATOM   833  O O   . ASN A 1 105 ? 13.614  3.374   -7.749  1.00 23.90 ? 105 ASN A O   1 
ATOM   834  C CB  . ASN A 1 105 ? 11.836  5.501   -7.317  1.00 17.90 ? 105 ASN A CB  1 
ATOM   835  C CG  . ASN A 1 105 ? 10.700  6.552   -7.318  1.00 22.42 ? 105 ASN A CG  1 
ATOM   836  O OD1 . ASN A 1 105 ? 9.614   6.325   -7.857  1.00 21.07 ? 105 ASN A OD1 1 
ATOM   837  N ND2 . ASN A 1 105 ? 10.959  7.703   -6.706  1.00 23.19 ? 105 ASN A ND2 1 
ATOM   838  N N   . GLY A 1 106 ? 12.125  1.768   -7.227  1.00 17.04 ? 106 GLY A N   1 
ATOM   839  C CA  . GLY A 1 106 ? 13.033  0.660   -7.497  1.00 17.88 ? 106 GLY A CA  1 
ATOM   840  C C   . GLY A 1 106 ? 13.909  0.190   -6.348  1.00 19.97 ? 106 GLY A C   1 
ATOM   841  O O   . GLY A 1 106 ? 14.701  -0.749  -6.541  1.00 19.48 ? 106 GLY A O   1 
ATOM   842  N N   . GLN A 1 107 ? 13.803  0.796   -5.165  1.00 15.42 ? 107 GLN A N   1 
ATOM   843  C CA  . GLN A 1 107 ? 14.568  0.377   -3.996  1.00 14.97 ? 107 GLN A CA  1 
ATOM   844  C C   . GLN A 1 107 ? 13.625  0.132   -2.828  1.00 13.98 ? 107 GLN A C   1 
ATOM   845  O O   . GLN A 1 107 ? 12.684  0.900   -2.614  1.00 13.82 ? 107 GLN A O   1 
ATOM   846  C CB  . GLN A 1 107 ? 15.613  1.428   -3.597  1.00 17.67 ? 107 GLN A CB  1 
ATOM   847  C CG  . GLN A 1 107 ? 16.601  0.945   -2.531  1.00 18.42 ? 107 GLN A CG  1 
ATOM   848  C CD  . GLN A 1 107 ? 17.710  1.944   -2.274  1.00 21.05 ? 107 GLN A CD  1 
ATOM   849  O OE1 . GLN A 1 107 ? 17.788  2.983   -2.934  1.00 23.62 ? 107 GLN A OE1 1 
ATOM   850  N NE2 . GLN A 1 107 ? 18.568  1.646   -1.298  1.00 17.09 ? 107 GLN A NE2 1 
ATOM   851  N N   . ALA A 1 108 ? 13.893  -0.919  -2.055  1.00 12.83 ? 108 ALA A N   1 
ATOM   852  C CA  . ALA A 1 108 ? 13.013  -1.292  -0.954  1.00 12.07 ? 108 ALA A CA  1 
ATOM   853  C C   . ALA A 1 108 ? 13.237  -0.389  0.250   1.00 14.45 ? 108 ALA A C   1 
ATOM   854  O O   . ALA A 1 108 ? 14.370  -0.223  0.709   1.00 15.35 ? 108 ALA A O   1 
ATOM   855  C CB  . ALA A 1 108 ? 13.249  -2.749  -0.552  1.00 12.67 ? 108 ALA A CB  1 
ATOM   856  N N   . TYR A 1 109 ? 12.153  0.189   0.774   1.00 12.68 ? 109 TYR A N   1 
ATOM   857  C CA  . TYR A 1 109 ? 12.241  1.002   1.980   1.00 11.38 ? 109 TYR A CA  1 
ATOM   858  C C   . TYR A 1 109 ? 11.387  0.501   3.129   1.00 13.75 ? 109 TYR A C   1 
ATOM   859  O O   . TYR A 1 109 ? 11.624  0.911   4.269   1.00 16.26 ? 109 TYR A O   1 
ATOM   860  C CB  . TYR A 1 109 ? 11.834  2.460   1.688   1.00 11.68 ? 109 TYR A CB  1 
ATOM   861  C CG  . TYR A 1 109 ? 12.813  3.173   0.802   1.00 14.14 ? 109 TYR A CG  1 
ATOM   862  C CD1 . TYR A 1 109 ? 13.924  3.806   1.339   1.00 16.04 ? 109 TYR A CD1 1 
ATOM   863  C CD2 . TYR A 1 109 ? 12.640  3.192   -0.572  1.00 13.67 ? 109 TYR A CD2 1 
ATOM   864  C CE1 . TYR A 1 109 ? 14.832  4.458   0.523   1.00 17.69 ? 109 TYR A CE1 1 
ATOM   865  C CE2 . TYR A 1 109 ? 13.533  3.840   -1.392  1.00 16.08 ? 109 TYR A CE2 1 
ATOM   866  C CZ  . TYR A 1 109 ? 14.630  4.464   -0.836  1.00 17.08 ? 109 TYR A CZ  1 
ATOM   867  O OH  . TYR A 1 109 ? 15.526  5.114   -1.651  1.00 20.10 ? 109 TYR A OH  1 
ATOM   868  N N   . TYR A 1 110 ? 10.405  -0.363  2.872   1.00 10.99 ? 110 TYR A N   1 
ATOM   869  C CA  . TYR A 1 110 ? 9.484   -0.807  3.906   1.00 10.93 ? 110 TYR A CA  1 
ATOM   870  C C   . TYR A 1 110 ? 9.224   -2.293  3.733   1.00 11.44 ? 110 TYR A C   1 
ATOM   871  O O   . TYR A 1 110 ? 9.164   -2.794  2.606   1.00 13.07 ? 110 TYR A O   1 
ATOM   872  C CB  . TYR A 1 110 ? 8.139   -0.067  3.844   1.00 11.78 ? 110 TYR A CB  1 
ATOM   873  C CG  . TYR A 1 110 ? 8.269   1.425   3.656   1.00 11.40 ? 110 TYR A CG  1 
ATOM   874  C CD1 . TYR A 1 110 ? 8.536   2.253   4.738   1.00 13.34 ? 110 TYR A CD1 1 
ATOM   875  C CD2 . TYR A 1 110 ? 8.130   2.008   2.396   1.00 11.84 ? 110 TYR A CD2 1 
ATOM   876  C CE1 . TYR A 1 110 ? 8.656   3.641   4.578   1.00 14.00 ? 110 TYR A CE1 1 
ATOM   877  C CE2 . TYR A 1 110 ? 8.251   3.396   2.231   1.00 12.05 ? 110 TYR A CE2 1 
ATOM   878  C CZ  . TYR A 1 110 ? 8.511   4.188   3.320   1.00 14.93 ? 110 TYR A CZ  1 
ATOM   879  O OH  . TYR A 1 110 ? 8.628   5.547   3.154   1.00 14.30 ? 110 TYR A OH  1 
ATOM   880  N N   . ASN A 1 111 ? 9.034   -2.979  4.860   1.00 12.87 ? 111 ASN A N   1 
ATOM   881  C CA  . ASN A 1 111 ? 8.767   -4.413  4.877   1.00 13.20 ? 111 ASN A CA  1 
ATOM   882  C C   . ASN A 1 111 ? 7.737   -4.741  5.947   1.00 13.93 ? 111 ASN A C   1 
ATOM   883  O O   . ASN A 1 111 ? 7.704   -4.117  7.005   1.00 14.79 ? 111 ASN A O   1 
ATOM   884  C CB  . ASN A 1 111 ? 10.037  -5.217  5.145   1.00 14.30 ? 111 ASN A CB  1 
ATOM   885  C CG  . ASN A 1 111 ? 11.019  -5.134  4.002   1.00 15.08 ? 111 ASN A CG  1 
ATOM   886  O OD1 . ASN A 1 111 ? 10.903  -5.859  3.010   1.00 18.67 ? 111 ASN A OD1 1 
ATOM   887  N ND2 . ASN A 1 111 ? 11.978  -4.228  4.123   1.00 16.17 ? 111 ASN A ND2 1 
ATOM   888  N N   . PHE A 1 112 ? 6.912   -5.753  5.676   1.00 13.36 ? 112 PHE A N   1 
ATOM   889  C CA  . PHE A 1 112 ? 5.824   -6.117  6.586   1.00 11.44 ? 112 PHE A CA  1 
ATOM   890  C C   . PHE A 1 112 ? 5.600   -7.621  6.484   1.00 12.31 ? 112 PHE A C   1 
ATOM   891  O O   . PHE A 1 112 ? 5.111   -8.115  5.455   1.00 12.72 ? 112 PHE A O   1 
ATOM   892  C CB  . PHE A 1 112 ? 4.548   -5.347  6.239   1.00 12.96 ? 112 PHE A CB  1 
ATOM   893  C CG  . PHE A 1 112 ? 3.430   -5.521  7.227   1.00 10.42 ? 112 PHE A CG  1 
ATOM   894  C CD1 . PHE A 1 112 ? 3.386   -4.757  8.388   1.00 12.70 ? 112 PHE A CD1 1 
ATOM   895  C CD2 . PHE A 1 112 ? 2.394   -6.409  6.975   1.00 11.12 ? 112 PHE A CD2 1 
ATOM   896  C CE1 . PHE A 1 112 ? 2.328   -4.901  9.283   1.00 13.04 ? 112 PHE A CE1 1 
ATOM   897  C CE2 . PHE A 1 112 ? 1.349   -6.563  7.866   1.00 12.65 ? 112 PHE A CE2 1 
ATOM   898  C CZ  . PHE A 1 112 ? 1.309   -5.801  9.017   1.00 13.67 ? 112 PHE A CZ  1 
ATOM   899  N N   . ASN A 1 113 ? 5.936   -8.348  7.542   1.00 13.50 ? 113 ASN A N   1 
ATOM   900  C CA  . ASN A 1 113 ? 5.828   -9.800  7.491   1.00 12.72 ? 113 ASN A CA  1 
ATOM   901  C C   . ASN A 1 113 ? 4.361   -10.218 7.452   1.00 13.71 ? 113 ASN A C   1 
ATOM   902  O O   . ASN A 1 113 ? 3.495   -9.583  8.059   1.00 15.16 ? 113 ASN A O   1 
ATOM   903  C CB  . ASN A 1 113 ? 6.532   -10.437 8.696   1.00 16.69 ? 113 ASN A CB  1 
ATOM   904  C CG  . ASN A 1 113 ? 8.044   -10.425 8.567   1.00 17.22 ? 113 ASN A CG  1 
ATOM   905  O OD1 . ASN A 1 113 ? 8.595   -9.922  7.585   1.00 17.28 ? 113 ASN A OD1 1 
ATOM   906  N ND2 . ASN A 1 113 ? 8.727   -10.988 9.559   1.00 24.30 ? 113 ASN A ND2 1 
ATOM   907  N N   . HIS A 1 114 ? 4.086   -11.304 6.728   1.00 13.02 ? 114 HIS A N   1 
ATOM   908  C CA  . HIS A 1 114 ? 2.708   -11.757 6.578   1.00 13.31 ? 114 HIS A CA  1 
ATOM   909  C C   . HIS A 1 114 ? 2.110   -12.128 7.927   1.00 14.94 ? 114 HIS A C   1 
ATOM   910  O O   . HIS A 1 114 ? 2.697   -12.901 8.693   1.00 17.96 ? 114 HIS A O   1 
ATOM   911  C CB  . HIS A 1 114 ? 2.636   -12.963 5.635   1.00 12.31 ? 114 HIS A CB  1 
ATOM   912  C CG  . HIS A 1 114 ? 3.040   -12.647 4.232   1.00 12.29 ? 114 HIS A CG  1 
ATOM   913  N ND1 . HIS A 1 114 ? 2.462   -11.622 3.510   1.00 12.96 ? 114 HIS A ND1 1 
ATOM   914  C CD2 . HIS A 1 114 ? 3.977   -13.197 3.425   1.00 13.97 ? 114 HIS A CD2 1 
ATOM   915  C CE1 . HIS A 1 114 ? 3.022   -11.563 2.314   1.00 13.96 ? 114 HIS A CE1 1 
ATOM   916  N NE2 . HIS A 1 114 ? 3.945   -12.507 2.237   1.00 13.83 ? 114 HIS A NE2 1 
ATOM   917  N N   . ARG A 1 115 ? 0.932   -11.584 8.204   1.00 14.16 ? 115 ARG A N   1 
ATOM   918  C CA  . ARG A 1 115 ? 0.115   -11.983 9.338   1.00 14.45 ? 115 ARG A CA  1 
ATOM   919  C C   . ARG A 1 115 ? -1.109  -12.770 8.923   1.00 17.90 ? 115 ARG A C   1 
ATOM   920  O O   . ARG A 1 115 ? -1.563  -13.631 9.679   1.00 24.44 ? 115 ARG A O   1 
ATOM   921  C CB  . ARG A 1 115 ? -0.338  -10.745 10.122  1.00 14.19 ? 115 ARG A CB  1 
ATOM   922  C CG  . ARG A 1 115 ? 0.820   -9.928  10.635  1.00 15.34 ? 115 ARG A CG  1 
ATOM   923  C CD  . ARG A 1 115 ? 0.330   -8.628  11.232  1.00 13.08 ? 115 ARG A CD  1 
ATOM   924  N NE  . ARG A 1 115 ? 1.416   -7.825  11.775  1.00 15.56 ? 115 ARG A NE  1 
ATOM   925  C CZ  . ARG A 1 115 ? 1.233   -6.625  12.328  1.00 12.88 ? 115 ARG A CZ  1 
ATOM   926  N NH1 . ARG A 1 115 ? 0.011   -6.102  12.400  1.00 14.93 ? 115 ARG A NH1 1 
ATOM   927  N NH2 . ARG A 1 115 ? 2.271   -5.947  12.805  1.00 16.03 ? 115 ARG A NH2 1 
ATOM   928  N N   . ILE A 1 116 ? -1.659  -12.460 7.752   1.00 19.38 ? 116 ILE A N   1 
ATOM   929  C CA  . ILE A 1 116 ? -2.719  -13.218 7.094   1.00 20.04 ? 116 ILE A CA  1 
ATOM   930  C C   . ILE A 1 116 ? -2.061  -13.898 5.898   1.00 19.83 ? 116 ILE A C   1 
ATOM   931  O O   . ILE A 1 116 ? -1.234  -13.264 5.231   1.00 20.02 ? 116 ILE A O   1 
ATOM   932  C CB  . ILE A 1 116 ? -3.869  -12.295 6.654   1.00 18.63 ? 116 ILE A CB  1 
ATOM   933  C CG1 . ILE A 1 116 ? -4.510  -11.629 7.873   1.00 20.70 ? 116 ILE A CG1 1 
ATOM   934  C CG2 . ILE A 1 116 ? -4.911  -13.058 5.835   1.00 23.28 ? 116 ILE A CG2 1 
ATOM   935  C CD1 . ILE A 1 116 ? -5.730  -10.789 7.536   1.00 22.41 ? 116 ILE A CD1 1 
ATOM   936  N N   . PRO A 1 117 ? -2.366  -15.155 5.583   1.00 16.65 ? 117 PRO A N   1 
ATOM   937  C CA  . PRO A 1 117 ? -1.786  -15.759 4.375   1.00 17.38 ? 117 PRO A CA  1 
ATOM   938  C C   . PRO A 1 117 ? -2.118  -14.928 3.143   1.00 17.31 ? 117 PRO A C   1 
ATOM   939  O O   . PRO A 1 117 ? -3.228  -14.417 2.999   1.00 14.93 ? 117 PRO A O   1 
ATOM   940  C CB  . PRO A 1 117 ? -2.446  -17.141 4.312   1.00 20.73 ? 117 PRO A CB  1 
ATOM   941  C CG  . PRO A 1 117 ? -2.855  -17.434 5.724   1.00 21.96 ? 117 PRO A CG  1 
ATOM   942  C CD  . PRO A 1 117 ? -3.235  -16.102 6.309   1.00 20.58 ? 117 PRO A CD  1 
ATOM   943  N N   . VAL A 1 118 ? -1.146  -14.808 2.237   1.00 16.32 ? 118 VAL A N   1 
ATOM   944  C CA  . VAL A 1 118 ? -1.374  -13.945 1.081   1.00 18.46 ? 118 VAL A CA  1 
ATOM   945  C C   . VAL A 1 118 ? -2.465  -14.513 0.175   1.00 14.07 ? 118 VAL A C   1 
ATOM   946  O O   . VAL A 1 118 ? -3.146  -13.754 -0.535  1.00 14.66 ? 118 VAL A O   1 
ATOM   947  C CB  . VAL A 1 118 ? -0.052  -13.701 0.327   1.00 19.38 ? 118 VAL A CB  1 
ATOM   948  C CG1 . VAL A 1 118 ? 0.225   -14.817 -0.647  1.00 23.02 ? 118 VAL A CG1 1 
ATOM   949  C CG2 . VAL A 1 118 ? -0.101  -12.327 -0.374  1.00 24.31 ? 118 VAL A CG2 1 
ATOM   950  N N   . SER A 1 119 ? -2.689  -15.833 0.201   1.00 15.75 ? 119 SER A N   1 
ATOM   951  C CA  . SER A 1 119 ? -3.774  -16.407 -0.585  1.00 13.35 ? 119 SER A CA  1 
ATOM   952  C C   . SER A 1 119 ? -5.152  -15.946 -0.123  1.00 15.71 ? 119 SER A C   1 
ATOM   953  O O   . SER A 1 119 ? -6.135  -16.178 -0.840  1.00 17.62 ? 119 SER A O   1 
ATOM   954  C CB  . SER A 1 119 ? -3.710  -17.937 -0.536  1.00 17.82 ? 119 SER A CB  1 
ATOM   955  O OG  . SER A 1 119 ? -3.718  -18.379 0.810   1.00 19.51 ? 119 SER A OG  1 
ATOM   956  N N   . SER A 1 120 ? -5.252  -15.315 1.046   1.00 14.28 ? 120 SER A N   1 
ATOM   957  C CA  . SER A 1 120 ? -6.529  -14.792 1.515   1.00 13.30 ? 120 SER A CA  1 
ATOM   958  C C   . SER A 1 120 ? -6.841  -13.416 0.960   1.00 12.34 ? 120 SER A C   1 
ATOM   959  O O   . SER A 1 120 ? -7.965  -12.934 1.148   1.00 13.27 ? 120 SER A O   1 
ATOM   960  C CB  . SER A 1 120 ? -6.559  -14.742 3.043   1.00 15.13 ? 120 SER A CB  1 
ATOM   961  O OG  . SER A 1 120 ? -6.504  -16.066 3.565   1.00 21.43 ? 120 SER A OG  1 
ATOM   962  N N   . VAL A 1 121 ? -5.891  -12.766 0.297   1.00 12.33 ? 121 VAL A N   1 
ATOM   963  C CA  . VAL A 1 121 ? -6.127  -11.413 -0.202  1.00 10.68 ? 121 VAL A CA  1 
ATOM   964  C C   . VAL A 1 121 ? -6.951  -11.490 -1.482  1.00 12.46 ? 121 VAL A C   1 
ATOM   965  O O   . VAL A 1 121 ? -6.619  -12.242 -2.405  1.00 14.00 ? 121 VAL A O   1 
ATOM   966  C CB  . VAL A 1 121 ? -4.799  -10.680 -0.435  1.00 11.66 ? 121 VAL A CB  1 
ATOM   967  C CG1 . VAL A 1 121 ? -5.037  -9.329  -1.120  1.00 12.75 ? 121 VAL A CG1 1 
ATOM   968  C CG2 . VAL A 1 121 ? -4.070  -10.494 0.894   1.00 16.04 ? 121 VAL A CG2 1 
ATOM   969  N N   . LYS A 1 122 ? -8.033  -10.708 -1.542  1.00 9.93  ? 122 LYS A N   1 
ATOM   970  C CA  . LYS A 1 122 ? -8.940  -10.723 -2.681  1.00 10.66 ? 122 LYS A CA  1 
ATOM   971  C C   . LYS A 1 122 ? -9.177  -9.343  -3.281  1.00 12.39 ? 122 LYS A C   1 
ATOM   972  O O   . LYS A 1 122 ? -9.830  -9.237  -4.326  1.00 11.67 ? 122 LYS A O   1 
ATOM   973  C CB  . LYS A 1 122 ? -10.283 -11.360 -2.276  1.00 14.06 ? 122 LYS A CB  1 
ATOM   974  C CG  . LYS A 1 122 ? -10.111 -12.808 -1.776  1.00 14.91 ? 122 LYS A CG  1 
ATOM   975  C CD  . LYS A 1 122 ? -11.423 -13.440 -1.354  1.00 21.83 ? 122 LYS A CD  1 
ATOM   976  C CE  . LYS A 1 122 ? -11.183 -14.617 -0.389  1.00 26.75 ? 122 LYS A CE  1 
ATOM   977  N NZ  . LYS A 1 122 ? -10.629 -14.177 0.952   1.00 21.24 ? 122 LYS A NZ  1 
ATOM   978  N N   . MET A 1 123 ? -8.663  -8.287  -2.670  1.00 11.87 ? 123 MET A N   1 
ATOM   979  C CA  . MET A 1 123 ? -8.965  -6.955  -3.168  1.00 9.77  ? 123 MET A CA  1 
ATOM   980  C C   . MET A 1 123 ? -7.862  -6.020  -2.707  1.00 10.52 ? 123 MET A C   1 
ATOM   981  O O   . MET A 1 123 ? -7.277  -6.226  -1.641  1.00 11.25 ? 123 MET A O   1 
ATOM   982  C CB  . MET A 1 123 ? -10.339 -6.483  -2.658  1.00 12.08 ? 123 MET A CB  1 
ATOM   983  C CG  . MET A 1 123 ? -10.702 -5.048  -3.025  1.00 10.50 ? 123 MET A CG  1 
ATOM   984  S SD  . MET A 1 123 ? -10.161 -3.826  -1.802  1.00 12.33 ? 123 MET A SD  1 
ATOM   985  C CE  . MET A 1 123 ? -11.645 -3.711  -0.780  1.00 13.19 ? 123 MET A CE  1 
ATOM   986  N N   . VAL A 1 124 ? -7.574  -4.994  -3.517  1.00 9.61  ? 124 VAL A N   1 
ATOM   987  C CA  . VAL A 1 124 ? -6.667  -3.924  -3.112  1.00 9.09  ? 124 VAL A CA  1 
ATOM   988  C C   . VAL A 1 124 ? -7.362  -2.595  -3.336  1.00 10.88 ? 124 VAL A C   1 
ATOM   989  O O   . VAL A 1 124 ? -7.976  -2.378  -4.388  1.00 11.50 ? 124 VAL A O   1 
ATOM   990  C CB  . VAL A 1 124 ? -5.338  -3.955  -3.893  1.00 10.37 ? 124 VAL A CB  1 
ATOM   991  C CG1 . VAL A 1 124 ? -4.471  -2.747  -3.508  1.00 13.68 ? 124 VAL A CG1 1 
ATOM   992  C CG2 . VAL A 1 124 ? -4.616  -5.256  -3.630  1.00 11.44 ? 124 VAL A CG2 1 
ATOM   993  N N   . GLN A 1 125 ? -7.255  -1.705  -2.357  1.00 10.51 ? 125 GLN A N   1 
ATOM   994  C CA  . GLN A 1 125 ? -7.797  -0.360  -2.471  1.00 11.58 ? 125 GLN A CA  1 
ATOM   995  C C   . GLN A 1 125 ? -6.673  0.648   -2.291  1.00 11.83 ? 125 GLN A C   1 
ATOM   996  O O   . GLN A 1 125 ? -5.903  0.562   -1.328  1.00 12.74 ? 125 GLN A O   1 
ATOM   997  C CB  . GLN A 1 125 ? -8.896  -0.116  -1.437  1.00 10.67 ? 125 GLN A CB  1 
ATOM   998  C CG  . GLN A 1 125 ? -9.567  1.232   -1.640  1.00 11.97 ? 125 GLN A CG  1 
ATOM   999  C CD  . GLN A 1 125 ? -10.824 1.375   -0.813  1.00 16.74 ? 125 GLN A CD  1 
ATOM   1000 O OE1 . GLN A 1 125 ? -10.775 1.377   0.412   1.00 18.40 ? 125 GLN A OE1 1 
ATOM   1001 N NE2 . GLN A 1 125 ? -11.964 1.461   -1.485  1.00 19.57 ? 125 GLN A NE2 1 
ATOM   1002 N N   . VAL A 1 126 ? -6.577  1.596   -3.223  1.00 9.71  ? 126 VAL A N   1 
ATOM   1003 C CA  . VAL A 1 126 ? -5.598  2.678   -3.180  1.00 9.42  ? 126 VAL A CA  1 
ATOM   1004 C C   . VAL A 1 126 ? -6.371  3.983   -3.064  1.00 10.05 ? 126 VAL A C   1 
ATOM   1005 O O   . VAL A 1 126 ? -7.259  4.248   -3.881  1.00 11.68 ? 126 VAL A O   1 
ATOM   1006 C CB  . VAL A 1 126 ? -4.709  2.688   -4.442  1.00 10.65 ? 126 VAL A CB  1 
ATOM   1007 C CG1 . VAL A 1 126 ? -3.671  3.797   -4.365  1.00 13.13 ? 126 VAL A CG1 1 
ATOM   1008 C CG2 . VAL A 1 126 ? -4.026  1.332   -4.644  1.00 12.39 ? 126 VAL A CG2 1 
ATOM   1009 N N   . TRP A 1 127 ? -6.056  4.790   -2.053  1.00 9.22  ? 127 TRP A N   1 
ATOM   1010 C CA  . TRP A 1 127 ? -6.889  5.976   -1.829  1.00 8.42  ? 127 TRP A CA  1 
ATOM   1011 C C   . TRP A 1 127 ? -6.125  7.020   -1.013  1.00 10.81 ? 127 TRP A C   1 
ATOM   1012 O O   . TRP A 1 127 ? -4.923  6.891   -0.762  1.00 9.76  ? 127 TRP A O   1 
ATOM   1013 C CB  . TRP A 1 127 ? -8.225  5.568   -1.188  1.00 10.08 ? 127 TRP A CB  1 
ATOM   1014 C CG  . TRP A 1 127 ? -8.174  4.950   0.191   1.00 10.03 ? 127 TRP A CG  1 
ATOM   1015 C CD1 . TRP A 1 127 ? -7.622  3.754   0.538   1.00 11.40 ? 127 TRP A CD1 1 
ATOM   1016 C CD2 . TRP A 1 127 ? -8.764  5.479   1.384   1.00 11.03 ? 127 TRP A CD2 1 
ATOM   1017 N NE1 . TRP A 1 127 ? -7.813  3.511   1.886   1.00 10.71 ? 127 TRP A NE1 1 
ATOM   1018 C CE2 . TRP A 1 127 ? -8.501  4.565   2.425   1.00 10.93 ? 127 TRP A CE2 1 
ATOM   1019 C CE3 . TRP A 1 127 ? -9.473  6.652   1.676   1.00 9.95  ? 127 TRP A CE3 1 
ATOM   1020 C CZ2 . TRP A 1 127 ? -8.936  4.769   3.727   1.00 10.28 ? 127 TRP A CZ2 1 
ATOM   1021 C CZ3 . TRP A 1 127 ? -9.900  6.857   2.975   1.00 11.62 ? 127 TRP A CZ3 1 
ATOM   1022 C CH2 . TRP A 1 127 ? -9.624  5.928   3.988   1.00 10.43 ? 127 TRP A CH2 1 
ATOM   1023 N N   . ARG A 1 128 ? -6.842  8.088   -0.634  1.00 10.29 ? 128 ARG A N   1 
ATOM   1024 C CA  . ARG A 1 128 ? -6.350  9.313   0.010   1.00 11.18 ? 128 ARG A CA  1 
ATOM   1025 C C   . ARG A 1 128 ? -5.773  10.286  -1.024  1.00 11.36 ? 128 ARG A C   1 
ATOM   1026 O O   . ARG A 1 128 ? -6.273  10.340  -2.148  1.00 12.32 ? 128 ARG A O   1 
ATOM   1027 C CB  . ARG A 1 128 ? -5.390  8.982   1.158   1.00 11.57 ? 128 ARG A CB  1 
ATOM   1028 C CG  . ARG A 1 128 ? -6.135  8.158   2.233   1.00 11.79 ? 128 ARG A CG  1 
ATOM   1029 C CD  . ARG A 1 128 ? -5.599  8.369   3.602   1.00 10.54 ? 128 ARG A CD  1 
ATOM   1030 N NE  . ARG A 1 128 ? -6.103  7.408   4.592   1.00 11.21 ? 128 ARG A NE  1 
ATOM   1031 C CZ  . ARG A 1 128 ? -7.136  7.606   5.411   1.00 11.89 ? 128 ARG A CZ  1 
ATOM   1032 N NH1 . ARG A 1 128 ? -7.868  8.718   5.345   1.00 13.12 ? 128 ARG A NH1 1 
ATOM   1033 N NH2 . ARG A 1 128 ? -7.442  6.672   6.299   1.00 12.78 ? 128 ARG A NH2 1 
ATOM   1034 N N   . ASP A 1 129 ? -4.744  11.061  -0.680  1.00 10.18 ? 129 ASP A N   1 
ATOM   1035 C CA  . ASP A 1 129 ? -4.512  12.354  -1.349  1.00 11.57 ? 129 ASP A CA  1 
ATOM   1036 C C   . ASP A 1 129 ? -3.522  12.258  -2.513  1.00 14.35 ? 129 ASP A C   1 
ATOM   1037 O O   . ASP A 1 129 ? -2.520  12.980  -2.585  1.00 13.08 ? 129 ASP A O   1 
ATOM   1038 C CB  . ASP A 1 129 ? -4.050  13.381  -0.325  1.00 11.40 ? 129 ASP A CB  1 
ATOM   1039 C CG  . ASP A 1 129 ? -4.935  13.401  0.884   1.00 12.13 ? 129 ASP A CG  1 
ATOM   1040 O OD1 . ASP A 1 129 ? -6.129  13.744  0.697   1.00 13.18 ? 129 ASP A OD1 1 
ATOM   1041 O OD2 . ASP A 1 129 ? -4.461  13.054  1.990   1.00 12.11 ? 129 ASP A OD2 1 
ATOM   1042 N N   . ILE A 1 130 ? -3.854  11.394  -3.472  1.00 12.79 ? 130 ILE A N   1 
ATOM   1043 C CA  . ILE A 1 130 ? -3.032  11.206  -4.658  1.00 12.37 ? 130 ILE A CA  1 
ATOM   1044 C C   . ILE A 1 130 ? -3.908  11.144  -5.899  1.00 13.48 ? 130 ILE A C   1 
ATOM   1045 O O   . ILE A 1 130 ? -5.094  10.806  -5.844  1.00 14.12 ? 130 ILE A O   1 
ATOM   1046 C CB  . ILE A 1 130 ? -2.171  9.921   -4.575  1.00 11.97 ? 130 ILE A CB  1 
ATOM   1047 C CG1 . ILE A 1 130 ? -3.065  8.677   -4.606  1.00 15.53 ? 130 ILE A CG1 1 
ATOM   1048 C CG2 . ILE A 1 130 ? -1.273  9.972   -3.340  1.00 13.46 ? 130 ILE A CG2 1 
ATOM   1049 C CD1 . ILE A 1 130 ? -2.454  7.509   -5.331  1.00 23.69 ? 130 ILE A CD1 1 
ATOM   1050 N N   . SER A 1 131 ? -3.291  11.486  -7.028  1.00 12.75 ? 131 SER A N   1 
ATOM   1051 C CA  . SER A 1 131 ? -3.777  11.086  -8.334  1.00 15.31 ? 131 SER A CA  1 
ATOM   1052 C C   . SER A 1 131 ? -3.059  9.808   -8.724  1.00 14.42 ? 131 SER A C   1 
ATOM   1053 O O   . SER A 1 131 ? -1.944  9.545   -8.269  1.00 14.14 ? 131 SER A O   1 
ATOM   1054 C CB  . SER A 1 131 ? -3.530  12.175  -9.376  1.00 17.27 ? 131 SER A CB  1 
ATOM   1055 O OG  . SER A 1 131 ? -2.158  12.513  -9.430  1.00 17.34 ? 131 SER A OG  1 
ATOM   1056 N N   . LEU A 1 132 ? -3.723  9.009   -9.547  1.00 15.74 ? 132 LEU A N   1 
ATOM   1057 C CA  . LEU A 1 132 ? -3.259  7.673   -9.890  1.00 12.94 ? 132 LEU A CA  1 
ATOM   1058 C C   . LEU A 1 132 ? -3.211  7.546   -11.403 1.00 18.47 ? 132 LEU A C   1 
ATOM   1059 O O   . LEU A 1 132 ? -4.183  7.883   -12.086 1.00 18.67 ? 132 LEU A O   1 
ATOM   1060 C CB  . LEU A 1 132 ? -4.200  6.635   -9.278  1.00 18.37 ? 132 LEU A CB  1 
ATOM   1061 C CG  . LEU A 1 132 ? -3.964  5.142   -9.450  1.00 19.86 ? 132 LEU A CG  1 
ATOM   1062 C CD1 . LEU A 1 132 ? -2.706  4.683   -8.712  1.00 20.64 ? 132 LEU A CD1 1 
ATOM   1063 C CD2 . LEU A 1 132 ? -5.192  4.406   -8.921  1.00 19.45 ? 132 LEU A CD2 1 
ATOM   1064 N N   . THR A 1 133 ? -2.077  7.091   -11.933 1.00 16.41 ? 133 THR A N   1 
ATOM   1065 C CA  . THR A 1 133 ? -1.989  6.841   -13.361 1.00 20.69 ? 133 THR A CA  1 
ATOM   1066 C C   . THR A 1 133 ? -1.708  5.393   -13.721 1.00 17.06 ? 133 THR A C   1 
ATOM   1067 O O   . THR A 1 133 ? -1.868  5.032   -14.893 1.00 19.20 ? 133 THR A O   1 
ATOM   1068 C CB  . THR A 1 133 ? -0.910  7.725   -14.006 1.00 22.50 ? 133 THR A CB  1 
ATOM   1069 O OG1 . THR A 1 133 ? 0.366   7.402   -13.454 1.00 21.07 ? 133 THR A OG1 1 
ATOM   1070 C CG2 . THR A 1 133 ? -1.211  9.204   -13.766 1.00 24.58 ? 133 THR A CG2 1 
ATOM   1071 N N   . LYS A 1 134 ? -1.312  4.547   -12.768 1.00 15.06 ? 134 LYS A N   1 
ATOM   1072 C CA  . LYS A 1 134 ? -1.103  3.137   -13.066 1.00 15.57 ? 134 LYS A CA  1 
ATOM   1073 C C   . LYS A 1 134 ? -1.404  2.312   -11.825 1.00 15.20 ? 134 LYS A C   1 
ATOM   1074 O O   . LYS A 1 134 ? -0.973  2.669   -10.723 1.00 15.17 ? 134 LYS A O   1 
ATOM   1075 C CB  . LYS A 1 134 ? 0.335   2.877   -13.540 1.00 16.53 ? 134 LYS A CB  1 
ATOM   1076 C CG  . LYS A 1 134 ? 0.549   1.463   -14.062 1.00 19.69 ? 134 LYS A CG  1 
ATOM   1077 C CD  . LYS A 1 134 ? 1.915   1.299   -14.716 1.00 22.79 ? 134 LYS A CD  1 
ATOM   1078 C CE  . LYS A 1 134 ? 2.015   -0.041  -15.441 1.00 32.03 ? 134 LYS A CE  1 
ATOM   1079 N NZ  . LYS A 1 134 ? 3.072   -0.031  -16.498 1.00 31.44 ? 134 LYS A NZ  1 
ATOM   1080 N N   . PHE A 1 135 ? -2.150  1.226   -12.006 1.00 14.55 ? 135 PHE A N   1 
ATOM   1081 C CA  . PHE A 1 135 ? -2.302  0.206   -10.977 1.00 12.56 ? 135 PHE A CA  1 
ATOM   1082 C C   . PHE A 1 135 ? -2.260  -1.145  -11.663 1.00 14.11 ? 135 PHE A C   1 
ATOM   1083 O O   . PHE A 1 135 ? -3.153  -1.463  -12.450 1.00 15.75 ? 135 PHE A O   1 
ATOM   1084 C CB  . PHE A 1 135 ? -3.605  0.343   -10.181 1.00 14.63 ? 135 PHE A CB  1 
ATOM   1085 C CG  . PHE A 1 135 ? -3.743  -0.708  -9.122  1.00 13.27 ? 135 PHE A CG  1 
ATOM   1086 C CD1 . PHE A 1 135 ? -3.193  -0.515  -7.863  1.00 14.31 ? 135 PHE A CD1 1 
ATOM   1087 C CD2 . PHE A 1 135 ? -4.326  -1.938  -9.416  1.00 15.63 ? 135 PHE A CD2 1 
ATOM   1088 C CE1 . PHE A 1 135 ? -3.271  -1.514  -6.896  1.00 15.80 ? 135 PHE A CE1 1 
ATOM   1089 C CE2 . PHE A 1 135 ? -4.411  -2.938  -8.460  1.00 16.05 ? 135 PHE A CE2 1 
ATOM   1090 C CZ  . PHE A 1 135 ? -3.876  -2.731  -7.196  1.00 15.70 ? 135 PHE A CZ  1 
ATOM   1091 N N   . ASN A 1 136 ? -1.241  -1.941  -11.367 1.00 15.58 ? 136 ASN A N   1 
ATOM   1092 C CA  . ASN A 1 136 ? -1.142  -3.238  -12.017 1.00 18.78 ? 136 ASN A CA  1 
ATOM   1093 C C   . ASN A 1 136 ? -0.651  -4.300  -11.056 1.00 18.05 ? 136 ASN A C   1 
ATOM   1094 O O   . ASN A 1 136 ? 0.322   -4.090  -10.327 1.00 19.22 ? 136 ASN A O   1 
ATOM   1095 C CB  . ASN A 1 136 ? -0.217  -3.176  -13.229 1.00 21.16 ? 136 ASN A CB  1 
ATOM   1096 C CG  . ASN A 1 136 ? -0.943  -2.718  -14.470 1.00 22.18 ? 136 ASN A CG  1 
ATOM   1097 O OD1 . ASN A 1 136 ? -0.824  -1.572  -14.868 1.00 20.09 ? 136 ASN A OD1 1 
ATOM   1098 N ND2 . ASN A 1 136 ? -1.725  -3.618  -15.074 1.00 27.17 ? 136 ASN A ND2 1 
ATOM   1099 N N   . VAL A 1 137 ? -1.334  -5.437  -11.073 1.00 18.99 ? 137 VAL A N   1 
ATOM   1100 C CA  . VAL A 1 137 ? -0.867  -6.661  -10.443 1.00 17.47 ? 137 VAL A CA  1 
ATOM   1101 C C   . VAL A 1 137 ? -0.210  -7.498  -11.527 1.00 19.52 ? 137 VAL A C   1 
ATOM   1102 O O   . VAL A 1 137 ? -0.797  -7.707  -12.596 1.00 20.82 ? 137 VAL A O   1 
ATOM   1103 C CB  . VAL A 1 137 ? -2.023  -7.435  -9.784  1.00 17.87 ? 137 VAL A CB  1 
ATOM   1104 C CG1 . VAL A 1 137 ? -1.511  -8.733  -9.181  1.00 18.70 ? 137 VAL A CG1 1 
ATOM   1105 C CG2 . VAL A 1 137 ? -2.715  -6.569  -8.725  1.00 20.21 ? 137 VAL A CG2 1 
ATOM   1106 N N   . SER A 1 138 ? 1.010   -7.958  -11.268 1.00 15.73 ? 138 SER A N   1 
ATOM   1107 C CA  . SER A 1 138 ? 1.712   -8.791  -12.234 1.00 18.95 ? 138 SER A CA  1 
ATOM   1108 C C   . SER A 1 138 ? 0.925   -10.062 -12.517 1.00 21.50 ? 138 SER A C   1 
ATOM   1109 O O   . SER A 1 138 ? 0.184   -10.570 -11.670 1.00 23.89 ? 138 SER A O   1 
ATOM   1110 C CB  . SER A 1 138 ? 3.094   -9.151  -11.708 1.00 19.60 ? 138 SER A CB  1 
ATOM   1111 O OG  . SER A 1 138 ? 2.958   -9.930  -10.535 1.00 17.50 ? 138 SER A OG  1 
ATOM   1112 N N   . ASN A 1 139 ? 1.102   -10.579 -13.725 1.00 18.20 ? 139 ASN A N   1 
ATOM   1113 C CA  . ASN A 1 139 ? 0.524   -11.860 -14.093 1.00 20.44 ? 139 ASN A CA  1 
ATOM   1114 C C   . ASN A 1 139 ? 1.447   -13.008 -13.709 1.00 23.83 ? 139 ASN A C   1 
ATOM   1115 O O   . ASN A 1 139 ? 0.983   -14.139 -13.523 1.00 26.32 ? 139 ASN A O   1 
ATOM   1116 C CB  . ASN A 1 139 ? 0.231   -11.894 -15.587 1.00 19.09 ? 139 ASN A CB  1 
ATOM   1117 C CG  . ASN A 1 139 ? -0.870  -10.926 -15.975 1.00 16.13 ? 139 ASN A CG  1 
ATOM   1118 O OD1 . ASN A 1 139 ? -2.043  -11.162 -15.686 1.00 16.57 ? 139 ASN A OD1 1 
ATOM   1119 N ND2 . ASN A 1 139 ? -0.498  -9.836  -16.637 1.00 21.29 ? 139 ASN A ND2 1 
HETATM 1120 C C2  . BGC B 2 .   ? -1.450  5.730   16.158  1.00 28.64 ? 1   BGC B C2  1 
HETATM 1121 C C3  . BGC B 2 .   ? -2.371  5.825   14.943  1.00 23.04 ? 1   BGC B C3  1 
HETATM 1122 C C4  . BGC B 2 .   ? -3.582  4.913   15.128  1.00 22.06 ? 1   BGC B C4  1 
HETATM 1123 C C5  . BGC B 2 .   ? -4.218  5.206   16.483  1.00 31.10 ? 1   BGC B C5  1 
HETATM 1124 C C6  . BGC B 2 .   ? -5.402  4.273   16.735  1.00 30.06 ? 1   BGC B C6  1 
HETATM 1125 C C1  . BGC B 2 .   ? -2.264  5.986   17.423  1.00 32.41 ? 1   BGC B C1  1 
HETATM 1126 O O1  . BGC B 2 .   ? -1.407  5.876   18.522  1.00 45.75 ? 1   BGC B O1  1 
HETATM 1127 O O2  . BGC B 2 .   ? -0.410  6.663   16.059  1.00 35.83 ? 1   BGC B O2  1 
HETATM 1128 O O3  . BGC B 2 .   ? -1.647  5.447   13.803  1.00 20.56 ? 1   BGC B O3  1 
HETATM 1129 O O4  . BGC B 2 .   ? -4.530  5.183   14.129  1.00 22.37 ? 1   BGC B O4  1 
HETATM 1130 O O5  . BGC B 2 .   ? -3.283  5.029   17.515  1.00 33.82 ? 1   BGC B O5  1 
HETATM 1131 O O6  . BGC B 2 .   ? -6.219  4.805   17.746  1.00 45.66 ? 1   BGC B O6  1 
HETATM 1132 H H2  . BGC B 2 .   ? -1.061  4.843   16.194  1.00 34.36 ? 1   BGC B H2  1 
HETATM 1133 H H3  . BGC B 2 .   ? -2.690  6.736   14.842  1.00 27.65 ? 1   BGC B H3  1 
HETATM 1134 H H4  . BGC B 2 .   ? -3.299  3.987   15.076  1.00 26.48 ? 1   BGC B H4  1 
HETATM 1135 H H5  . BGC B 2 .   ? -4.524  6.127   16.472  1.00 37.32 ? 1   BGC B H5  1 
HETATM 1136 H H61 . BGC B 2 .   ? -5.918  4.180   15.919  1.00 36.08 ? 1   BGC B H61 1 
HETATM 1137 H H62 . BGC B 2 .   ? -5.073  3.402   17.010  1.00 36.08 ? 1   BGC B H62 1 
HETATM 1138 H H1  . BGC B 2 .   ? -2.661  6.870   17.402  1.00 38.89 ? 1   BGC B H1  1 
HETATM 1139 H HO1 . BGC B 2 .   ? -1.076  6.639   18.699  1.00 54.90 ? 1   BGC B HO1 1 
HETATM 1140 H HO2 . BGC B 2 .   ? 0.229   6.434   16.570  1.00 43.00 ? 1   BGC B HO2 1 
HETATM 1141 H HO3 . BGC B 2 .   ? -1.025  4.910   14.025  1.00 24.67 ? 1   BGC B HO3 1 
HETATM 1142 H HO6 . BGC B 2 .   ? -5.896  4.605   18.508  1.00 54.79 ? 1   BGC B HO6 1 
HETATM 1143 C C1  . GAL B 2 .   ? -4.986  4.039   13.438  1.00 19.72 ? 2   GAL B C1  1 
HETATM 1144 C C2  . GAL B 2 .   ? -5.998  4.536   12.407  1.00 17.51 ? 2   GAL B C2  1 
HETATM 1145 C C3  . GAL B 2 .   ? -6.410  3.450   11.419  1.00 16.02 ? 2   GAL B C3  1 
HETATM 1146 C C4  . GAL B 2 .   ? -5.141  2.827   10.846  1.00 13.90 ? 2   GAL B C4  1 
HETATM 1147 C C5  . GAL B 2 .   ? -4.330  2.313   12.031  1.00 13.08 ? 2   GAL B C5  1 
HETATM 1148 C C6  . GAL B 2 .   ? -3.032  1.619   11.633  1.00 15.16 ? 2   GAL B C6  1 
HETATM 1149 O O2  . GAL B 2 .   ? -7.146  4.960   13.112  1.00 21.96 ? 2   GAL B O2  1 
HETATM 1150 O O3  . GAL B 2 .   ? -7.183  3.948   10.363  1.00 18.52 ? 2   GAL B O3  1 
HETATM 1151 O O4  . GAL B 2 .   ? -4.346  3.717   10.125  1.00 14.74 ? 2   GAL B O4  1 
HETATM 1152 O O5  . GAL B 2 .   ? -3.911  3.398   12.837  1.00 15.92 ? 2   GAL B O5  1 
HETATM 1153 O O6  . GAL B 2 .   ? -2.315  1.243   12.783  1.00 17.81 ? 2   GAL B O6  1 
HETATM 1154 H H1  . GAL B 2 .   ? -5.402  3.392   14.030  1.00 23.66 ? 2   GAL B H1  1 
HETATM 1155 H H2  . GAL B 2 .   ? -5.589  5.252   11.896  1.00 21.01 ? 2   GAL B H2  1 
HETATM 1156 H H3  . GAL B 2 .   ? -6.953  2.799   11.892  1.00 19.23 ? 2   GAL B H3  1 
HETATM 1157 H H4  . GAL B 2 .   ? -5.405  2.131   10.224  1.00 16.68 ? 2   GAL B H4  1 
HETATM 1158 H H5  . GAL B 2 .   ? -4.921  1.691   12.483  1.00 15.70 ? 2   GAL B H5  1 
HETATM 1159 H H61 . GAL B 2 .   ? -3.238  0.828   11.110  1.00 18.19 ? 2   GAL B H61 1 
HETATM 1160 H H62 . GAL B 2 .   ? -2.493  2.225   11.102  1.00 18.19 ? 2   GAL B H62 1 
HETATM 1161 H HO2 . GAL B 2 .   ? -7.381  5.729   12.834  1.00 26.36 ? 2   GAL B HO2 1 
HETATM 1162 H HO3 . GAL B 2 .   ? -8.002  3.959   10.592  1.00 22.23 ? 2   GAL B HO3 1 
HETATM 1163 H HO4 . GAL B 2 .   ? -4.598  3.714   9.312   1.00 17.69 ? 2   GAL B HO4 1 
HETATM 1164 H HO6 . GAL B 2 .   ? -1.714  0.675   12.576  1.00 21.37 ? 2   GAL B HO6 1 
HETATM 1165 O O   . HOH C 3 .   ? 4.152   -18.495 -0.163  1.00 38.66 ? 201 HOH A O   1 
HETATM 1166 O O   . HOH C 3 .   ? -15.692 3.761   -1.631  1.00 25.33 ? 202 HOH A O   1 
HETATM 1167 O O   . HOH C 3 .   ? -3.065  -16.502 -7.692  1.00 33.33 ? 203 HOH A O   1 
HETATM 1168 O O   . HOH C 3 .   ? -11.066 1.465   -13.614 1.00 35.85 ? 204 HOH A O   1 
HETATM 1169 O O   . HOH C 3 .   ? 2.881   -8.380  15.861  1.00 32.50 ? 205 HOH A O   1 
HETATM 1170 O O   . HOH C 3 .   ? 19.663  4.673   -3.189  1.00 38.76 ? 206 HOH A O   1 
HETATM 1171 O O   . HOH C 3 .   ? 2.467   -16.174 -13.191 1.00 24.41 ? 207 HOH A O   1 
HETATM 1172 O O   . HOH C 3 .   ? 9.363   10.265  -7.107  1.00 25.01 ? 208 HOH A O   1 
HETATM 1173 O O   . HOH C 3 .   ? 3.818   -12.346 10.919  1.00 36.54 ? 209 HOH A O   1 
HETATM 1174 O O   . HOH C 3 .   ? 5.895   21.252  0.707   1.00 19.77 ? 210 HOH A O   1 
HETATM 1175 O O   . HOH C 3 .   ? -11.512 2.941   2.307   1.00 21.09 ? 211 HOH A O   1 
HETATM 1176 O O   . HOH C 3 .   ? -15.136 -10.823 -1.799  1.00 23.15 ? 212 HOH A O   1 
HETATM 1177 O O   . HOH C 3 .   ? -5.865  -18.493 2.231   1.00 27.54 ? 213 HOH A O   1 
HETATM 1178 O O   . HOH C 3 .   ? -1.858  -17.222 -3.204  1.00 22.84 ? 214 HOH A O   1 
HETATM 1179 O O   . HOH C 3 .   ? -11.842 -10.710 -5.611  1.00 19.07 ? 215 HOH A O   1 
HETATM 1180 O O   . HOH C 3 .   ? 5.856   -10.499 -10.540 1.00 32.95 ? 216 HOH A O   1 
HETATM 1181 O O   . HOH C 3 .   ? 6.872   -2.175  -10.442 1.00 28.61 ? 217 HOH A O   1 
HETATM 1182 O O   . HOH C 3 .   ? -0.944  11.291  -11.371 1.00 24.32 ? 218 HOH A O   1 
HETATM 1183 O O   . HOH C 3 .   ? -15.646 -2.554  -2.512  1.00 34.49 ? 219 HOH A O   1 
HETATM 1184 O O   . HOH C 3 .   ? -20.703 -4.151  6.148   1.00 41.24 ? 220 HOH A O   1 
HETATM 1185 O O   . HOH C 3 .   ? -9.303  0.158   2.313   1.00 13.14 ? 221 HOH A O   1 
HETATM 1186 O O   . HOH C 3 .   ? 9.563   20.814  -0.627  1.00 38.47 ? 222 HOH A O   1 
HETATM 1187 O O   . HOH C 3 .   ? 16.382  -2.759  -6.424  1.00 31.80 ? 223 HOH A O   1 
HETATM 1188 O O   . HOH C 3 .   ? 3.432   -0.500  17.634  1.00 37.64 ? 224 HOH A O   1 
HETATM 1189 O O   . HOH C 3 .   ? -6.454  9.944   -10.253 1.00 22.11 ? 225 HOH A O   1 
HETATM 1190 O O   . HOH C 3 .   ? 0.637   -12.251 -9.695  1.00 27.69 ? 226 HOH A O   1 
HETATM 1191 O O   . HOH C 3 .   ? -0.315  -11.196 3.885   1.00 15.45 ? 227 HOH A O   1 
HETATM 1192 O O   . HOH C 3 .   ? -0.578  -6.295  -14.810 1.00 31.49 ? 228 HOH A O   1 
HETATM 1193 O O   . HOH C 3 .   ? 14.054  -7.617  -2.900  1.00 18.23 ? 229 HOH A O   1 
HETATM 1194 O O   . HOH C 3 .   ? -4.508  -13.715 -2.994  1.00 14.73 ? 230 HOH A O   1 
HETATM 1195 O O   . HOH C 3 .   ? 6.089   12.188  -4.496  1.00 20.96 ? 231 HOH A O   1 
HETATM 1196 O O   . HOH C 3 .   ? 11.282  13.998  1.039   1.00 36.07 ? 232 HOH A O   1 
HETATM 1197 O O   . HOH C 3 .   ? -2.452  -9.659  -13.340 1.00 22.01 ? 233 HOH A O   1 
HETATM 1198 O O   . HOH C 3 .   ? -12.270 -11.869 5.812   1.00 22.21 ? 234 HOH A O   1 
HETATM 1199 O O   . HOH C 3 .   ? 12.058  -12.940 1.101   1.00 24.19 ? 235 HOH A O   1 
HETATM 1200 O O   . HOH C 3 .   ? -6.280  -7.865  19.143  1.00 35.85 ? 236 HOH A O   1 
HETATM 1201 O O   . HOH C 3 .   ? -13.201 -13.663 4.500   1.00 31.27 ? 237 HOH A O   1 
HETATM 1202 O O   . HOH C 3 .   ? -0.574  -10.075 6.394   1.00 14.58 ? 238 HOH A O   1 
HETATM 1203 O O   . HOH C 3 .   ? -13.994 -8.892  9.276   1.00 21.79 ? 239 HOH A O   1 
HETATM 1204 O O   . HOH C 3 .   ? -11.191 -1.470  13.853  1.00 18.74 ? 240 HOH A O   1 
HETATM 1205 O O   . HOH C 3 .   ? -1.638  -13.048 -9.633  1.00 25.87 ? 241 HOH A O   1 
HETATM 1206 O O   . HOH C 3 .   ? -7.320  11.754  -7.051  1.00 19.60 ? 242 HOH A O   1 
HETATM 1207 O O   . HOH C 3 .   ? -5.394  9.234   7.984   1.00 21.62 ? 243 HOH A O   1 
HETATM 1208 O O   . HOH C 3 .   ? -17.237 -6.897  5.847   1.00 32.77 ? 244 HOH A O   1 
HETATM 1209 O O   . HOH C 3 .   ? 3.956   -8.351  10.432  1.00 20.72 ? 245 HOH A O   1 
HETATM 1210 O O   . HOH C 3 .   ? 3.824   -18.335 -6.031  1.00 31.86 ? 246 HOH A O   1 
HETATM 1211 O O   . HOH C 3 .   ? -13.413 2.433   -5.586  1.00 23.27 ? 247 HOH A O   1 
HETATM 1212 O O   . HOH C 3 .   ? 11.595  -12.936 7.368   1.00 16.54 ? 248 HOH A O   1 
HETATM 1213 O O   . HOH C 3 .   ? 6.945   -14.067 7.881   1.00 30.60 ? 249 HOH A O   1 
HETATM 1214 O O   . HOH C 3 .   ? -12.041 -12.348 8.527   1.00 21.07 ? 250 HOH A O   1 
HETATM 1215 O O   . HOH C 3 .   ? -0.588  -15.494 -8.254  1.00 28.29 ? 251 HOH A O   1 
HETATM 1216 O O   . HOH C 3 .   ? 4.826   6.399   11.231  1.00 34.83 ? 252 HOH A O   1 
HETATM 1217 O O   . HOH C 3 .   ? -1.705  -20.048 1.617   1.00 33.28 ? 253 HOH A O   1 
HETATM 1218 O O   . HOH C 3 .   ? -4.930  -5.111  18.784  1.00 28.98 ? 254 HOH A O   1 
HETATM 1219 O O   . HOH C 3 .   ? 10.477  11.098  7.958   1.00 30.46 ? 255 HOH A O   1 
HETATM 1220 O O   . HOH C 3 .   ? -6.063  -7.829  -10.413 1.00 17.83 ? 256 HOH A O   1 
HETATM 1221 O O   . HOH C 3 .   ? -4.852  -5.335  -11.205 1.00 21.64 ? 257 HOH A O   1 
HETATM 1222 O O   . HOH C 3 .   ? -19.943 -6.828  14.595  1.00 41.78 ? 258 HOH A O   1 
HETATM 1223 O O   . HOH C 3 .   ? -8.159  12.214  -0.352  0.50 25.97 ? 259 HOH A O   1 
HETATM 1224 O O   . HOH C 3 .   ? 4.439   16.482  6.154   1.00 19.94 ? 260 HOH A O   1 
HETATM 1225 O O   . HOH C 3 .   ? 3.469   16.950  -3.221  1.00 21.95 ? 261 HOH A O   1 
HETATM 1226 O O   . HOH C 3 .   ? 10.813  17.810  -5.088  1.00 33.19 ? 262 HOH A O   1 
HETATM 1227 O O   . HOH C 3 .   ? 8.352   10.629  -4.651  1.00 23.07 ? 263 HOH A O   1 
HETATM 1228 O O   . HOH C 3 .   ? -9.030  -9.669  16.218  1.00 29.81 ? 264 HOH A O   1 
HETATM 1229 O O   . HOH C 3 .   ? -2.328  19.181  7.333   1.00 16.51 ? 265 HOH A O   1 
HETATM 1230 O O   . HOH C 3 .   ? 16.132  2.201   -7.896  1.00 36.87 ? 266 HOH A O   1 
HETATM 1231 O O   . HOH C 3 .   ? 3.134   -5.093  -11.320 1.00 21.03 ? 267 HOH A O   1 
HETATM 1232 O O   . HOH C 3 .   ? 3.149   21.920  8.263   1.00 16.24 ? 268 HOH A O   1 
HETATM 1233 O O   . HOH C 3 .   ? -1.451  -9.900  14.129  1.00 24.49 ? 269 HOH A O   1 
HETATM 1234 O O   . HOH C 3 .   ? -14.666 -14.423 -1.525  1.00 36.83 ? 270 HOH A O   1 
HETATM 1235 O O   . HOH C 3 .   ? -13.801 5.947   -6.874  1.00 32.71 ? 271 HOH A O   1 
HETATM 1236 O O   . HOH C 3 .   ? -7.312  15.572  -1.068  1.00 13.58 ? 272 HOH A O   1 
HETATM 1237 O O   . HOH C 3 .   ? -0.545  13.266  11.406  1.00 25.65 ? 273 HOH A O   1 
HETATM 1238 O O   . HOH C 3 .   ? 1.153   9.477   -11.714 1.00 29.57 ? 274 HOH A O   1 
HETATM 1239 O O   . HOH C 3 .   ? -12.254 -5.473  9.081   1.00 13.50 ? 275 HOH A O   1 
HETATM 1240 O O   . HOH C 3 .   ? 14.520  9.501   -2.917  1.00 40.44 ? 276 HOH A O   1 
HETATM 1241 O O   . HOH C 3 .   ? -3.330  -1.749  18.140  1.00 34.55 ? 277 HOH A O   1 
HETATM 1242 O O   . HOH C 3 .   ? -8.925  11.061  -2.832  1.00 17.74 ? 278 HOH A O   1 
HETATM 1243 O O   . HOH C 3 .   ? -12.006 -2.515  -10.492 1.00 24.76 ? 279 HOH A O   1 
HETATM 1244 O O   . HOH C 3 .   ? 3.554   16.702  8.526   1.00 22.67 ? 280 HOH A O   1 
HETATM 1245 O O   . HOH C 3 .   ? 13.167  8.020   -4.934  1.00 36.43 ? 281 HOH A O   1 
HETATM 1246 O O   . HOH C 3 .   ? 9.297   1.012   -7.314  1.00 18.19 ? 282 HOH A O   1 
HETATM 1247 O O   . HOH C 3 .   ? -6.647  -1.940  18.076  1.00 34.79 ? 283 HOH A O   1 
HETATM 1248 O O   . HOH C 3 .   ? -17.237 -9.109  -0.412  1.00 22.91 ? 284 HOH A O   1 
HETATM 1249 O O   . HOH C 3 .   ? 14.538  5.130   -4.459  1.00 31.84 ? 285 HOH A O   1 
HETATM 1250 O O   . HOH C 3 .   ? 3.698   -16.153 1.104   1.00 32.62 ? 286 HOH A O   1 
HETATM 1251 O O   . HOH C 3 .   ? -3.183  -5.407  -13.327 1.00 30.03 ? 287 HOH A O   1 
HETATM 1252 O O   . HOH C 3 .   ? -8.907  -16.843 4.982   1.00 18.96 ? 288 HOH A O   1 
HETATM 1253 O O   . HOH C 3 .   ? 7.476   13.859  -11.299 1.00 30.32 ? 289 HOH A O   1 
HETATM 1254 O O   . HOH C 3 .   ? -3.470  -14.884 11.465  1.00 33.75 ? 290 HOH A O   1 
HETATM 1255 O O   . HOH C 3 .   ? -2.566  5.602   11.180  1.00 18.54 ? 291 HOH A O   1 
HETATM 1256 O O   . HOH C 3 .   ? 2.500   -18.040 -2.396  1.00 26.87 ? 292 HOH A O   1 
HETATM 1257 O O   . HOH C 3 .   ? 7.297   0.319   14.941  1.00 30.46 ? 293 HOH A O   1 
HETATM 1258 O O   . HOH C 3 .   ? 0.248   -0.892  17.992  1.00 23.18 ? 294 HOH A O   1 
HETATM 1259 O O   . HOH C 3 .   ? 13.636  -0.881  5.433   1.00 21.34 ? 295 HOH A O   1 
HETATM 1260 O O   . HOH C 3 .   ? -13.538 -9.438  6.583   1.00 19.27 ? 296 HOH A O   1 
HETATM 1261 O O   . HOH C 3 .   ? -15.784 -6.829  8.416   1.00 27.23 ? 297 HOH A O   1 
HETATM 1262 O O   . HOH C 3 .   ? 10.895  16.399  -0.842  1.00 27.19 ? 298 HOH A O   1 
HETATM 1263 O O   . HOH C 3 .   ? -6.540  11.737  3.621   0.50 13.85 ? 299 HOH A O   1 
HETATM 1264 O O   . HOH C 3 .   ? -15.165 0.084   -2.787  1.00 36.61 ? 300 HOH A O   1 
HETATM 1265 O O   . HOH C 3 .   ? 14.192  9.101   4.840   1.00 31.52 ? 301 HOH A O   1 
HETATM 1266 O O   . HOH C 3 .   ? -5.796  -15.821 -4.327  1.00 29.08 ? 302 HOH A O   1 
HETATM 1267 O O   . HOH C 3 .   ? -4.992  -10.448 -9.826  1.00 15.09 ? 303 HOH A O   1 
HETATM 1268 O O   . HOH C 3 .   ? -18.459 -3.682  9.580   1.00 39.27 ? 304 HOH A O   1 
HETATM 1269 O O   . HOH C 3 .   ? -17.822 -2.018  0.064   1.00 28.00 ? 305 HOH A O   1 
HETATM 1270 O O   . HOH C 3 .   ? -5.943  6.238   9.193   1.00 19.55 ? 306 HOH A O   1 
HETATM 1271 O O   . HOH C 3 .   ? -2.707  -10.432 18.176  1.00 40.64 ? 307 HOH A O   1 
HETATM 1272 O O   . HOH C 3 .   ? -9.792  -16.677 2.352   1.00 37.39 ? 308 HOH A O   1 
HETATM 1273 O O   . HOH C 3 .   ? -11.803 1.583   -8.869  1.00 22.63 ? 309 HOH A O   1 
HETATM 1274 O O   . HOH C 3 .   ? 5.025   -7.092  13.168  1.00 27.94 ? 310 HOH A O   1 
HETATM 1275 O O   . HOH C 3 .   ? -18.480 -1.144  8.988   1.00 39.12 ? 311 HOH A O   1 
HETATM 1276 O O   . HOH C 3 .   ? 1.615   19.087  8.313   1.00 20.20 ? 312 HOH A O   1 
HETATM 1277 O O   . HOH C 3 .   ? -10.865 10.174  -9.163  1.00 30.26 ? 313 HOH A O   1 
HETATM 1278 O O   . HOH C 3 .   ? 9.745   -15.103 -2.278  1.00 25.44 ? 314 HOH A O   1 
HETATM 1279 O O   . HOH C 3 .   ? -19.154 -0.139  7.076   1.00 35.36 ? 315 HOH A O   1 
HETATM 1280 O O   . HOH C 3 .   ? -9.673  11.480  -5.459  1.00 21.01 ? 316 HOH A O   1 
HETATM 1281 O O   . HOH C 3 .   ? 1.418   -16.396 2.886   1.00 22.10 ? 317 HOH A O   1 
HETATM 1282 O O   . HOH C 3 .   ? 3.418   12.844  13.703  1.00 23.74 ? 318 HOH A O   1 
HETATM 1283 O O   . HOH C 3 .   ? 14.356  5.900   9.406   1.00 31.58 ? 319 HOH A O   1 
HETATM 1284 O O   . HOH C 3 .   ? -0.617  -18.040 1.109   1.00 24.22 ? 320 HOH A O   1 
HETATM 1285 O O   . HOH C 3 .   ? -0.668  -16.640 9.796   1.00 39.06 ? 321 HOH A O   1 
HETATM 1286 O O   . HOH C 3 .   ? 2.597   -9.140  -16.097 1.00 26.72 ? 322 HOH A O   1 
HETATM 1287 O O   . HOH C 3 .   ? 0.030   -7.930  15.571  1.00 22.23 ? 323 HOH A O   1 
HETATM 1288 O O   . HOH C 3 .   ? -2.219  2.400   -16.713 1.00 29.55 ? 324 HOH A O   1 
HETATM 1289 O O   . HOH C 3 .   ? -9.358  -1.440  16.374  1.00 11.70 ? 325 HOH A O   1 
HETATM 1290 O O   . HOH C 3 .   ? 14.553  6.961   3.516   1.00 36.16 ? 326 HOH A O   1 
HETATM 1291 O O   . HOH C 3 .   ? 4.339   -16.378 5.803   1.00 36.01 ? 327 HOH A O   1 
HETATM 1292 O O   . HOH C 3 .   ? 6.447   -5.627  15.010  1.00 38.92 ? 328 HOH A O   1 
HETATM 1293 O O   . HOH C 3 .   ? -2.276  -5.496  18.940  1.00 30.75 ? 329 HOH A O   1 
HETATM 1294 O O   . HOH C 3 .   ? 0.944   -15.940 7.756   1.00 33.52 ? 330 HOH A O   1 
HETATM 1295 O O   . HOH C 3 .   ? -5.539  11.442  6.078   0.50 19.70 ? 331 HOH A O   1 
HETATM 1296 O O   . HOH C 3 .   ? 7.816   20.469  2.994   1.00 34.84 ? 332 HOH A O   1 
HETATM 1297 O O   . HOH C 3 .   ? 9.484   -14.497 -4.569  1.00 36.38 ? 333 HOH A O   1 
HETATM 1298 O O   . HOH C 3 .   ? -11.560 -0.308  -11.282 1.00 37.03 ? 334 HOH A O   1 
HETATM 1299 O O   . HOH C 3 .   ? 18.463  -0.769  -6.594  1.00 31.37 ? 335 HOH A O   1 
HETATM 1300 O O   . HOH C 3 .   ? -19.306 -4.553  14.785  1.00 40.30 ? 336 HOH A O   1 
HETATM 1301 O O   . HOH C 3 .   ? -0.962  -7.961  17.954  1.00 32.70 ? 337 HOH A O   1 
HETATM 1302 O O   . HOH C 3 .   ? -15.202 3.496   -3.946  1.00 32.36 ? 338 HOH A O   1 
HETATM 1303 O O   . HOH C 3 .   ? 7.304   18.784  4.862   1.00 33.11 ? 339 HOH A O   1 
HETATM 1304 O O   . HOH C 3 .   ? 6.141   15.752  12.505  1.00 38.52 ? 340 HOH A O   1 
HETATM 1305 O O   . HOH C 3 .   ? 5.931   19.024  7.471   1.00 36.56 ? 341 HOH A O   1 
HETATM 1306 O O   . HOH C 3 .   ? -11.817 12.140  -8.115  1.00 37.37 ? 342 HOH A O   1 
HETATM 1307 O O   . HOH C 3 .   ? 4.311   -10.593 12.288  1.00 32.98 ? 343 HOH A O   1 
HETATM 1308 O O   . HOH C 3 .   ? -8.665  3.069   14.810  1.00 30.26 ? 344 HOH A O   1 
HETATM 1309 O O   . HOH C 3 .   ? 4.361   -9.240  14.329  1.00 38.91 ? 345 HOH A O   1 
HETATM 1310 O O   . HOH C 3 .   ? -0.502  -3.227  19.665  1.00 38.48 ? 346 HOH A O   1 
HETATM 1311 O O   . HOH C 3 .   ? 7.751   -4.528  -11.978 1.00 38.75 ? 347 HOH A O   1 
HETATM 1312 O O   . HOH C 3 .   ? 0.106   -18.275 -1.587  1.00 27.78 ? 348 HOH A O   1 
HETATM 1313 O O   . HOH C 3 .   ? 18.188  -1.698  -8.771  1.00 37.13 ? 349 HOH A O   1 
HETATM 1314 O O   . HOH C 3 .   ? 8.892   -17.743 5.315   1.00 37.75 ? 350 HOH A O   1 
HETATM 1315 O O   . HOH C 3 .   ? 11.290  12.315  -7.715  1.00 37.13 ? 351 HOH A O   1 
HETATM 1316 O O   . HOH C 3 .   ? 10.183  14.642  3.270   1.00 34.21 ? 352 HOH A O   1 
HETATM 1317 O O   . HOH C 3 .   ? 1.681   -16.706 5.621   1.00 30.71 ? 353 HOH A O   1 
HETATM 1318 O O   . HOH C 3 .   ? -3.985  3.932   -18.525 1.00 40.87 ? 354 HOH A O   1 
HETATM 1319 O O   . HOH C 3 .   ? -14.974 1.140   -7.425  1.00 39.96 ? 355 HOH A O   1 
HETATM 1320 O O   . HOH C 3 .   ? -19.189 -7.777  -2.120  1.00 35.29 ? 356 HOH A O   1 
HETATM 1321 O O   . HOH C 3 .   ? -14.506 -5.734  -9.295  1.00 29.12 ? 357 HOH A O   1 
HETATM 1322 O O   . HOH C 3 .   ? 15.253  -5.132  -7.358  1.00 31.64 ? 358 HOH A O   1 
HETATM 1323 O O   . HOH C 3 .   ? 3.283   -20.049 -4.128  1.00 35.79 ? 359 HOH A O   1 
HETATM 1324 O O   . HOH C 3 .   ? -14.697 -12.114 9.156   1.00 31.02 ? 360 HOH A O   1 
HETATM 1325 O O   . HOH C 3 .   ? -14.696 -1.285  -11.011 1.00 37.33 ? 361 HOH A O   1 
HETATM 1326 O O   . HOH C 3 .   ? -1.377  -20.626 4.230   1.00 37.20 ? 362 HOH A O   1 
HETATM 1327 O O   . HOH C 3 .   ? -5.709  13.723  -12.293 1.00 49.79 ? 363 HOH A O   1 
HETATM 1328 O O   . HOH C 3 .   ? -7.897  1.513   16.527  1.00 33.87 ? 364 HOH A O   1 
HETATM 1329 O O   . HOH C 3 .   ? 0.589   -19.127 5.235   1.00 41.77 ? 365 HOH A O   1 
HETATM 1330 O O   . HOH C 3 .   ? -18.025 -2.333  11.684  1.00 42.00 ? 366 HOH A O   1 
HETATM 1331 O O   . HOH C 3 .   ? 6.528   20.259  9.325   1.00 38.49 ? 367 HOH A O   1 
HETATM 1332 O O   . HOH C 3 .   ? -18.337 -9.173  -4.786  1.00 43.20 ? 368 HOH A O   1 
HETATM 1333 O O   . HOH C 3 .   ? -8.282  2.921   19.141  1.00 40.71 ? 369 HOH A O   1 
# 
loop_
_pdbx_poly_seq_scheme.asym_id 
_pdbx_poly_seq_scheme.entity_id 
_pdbx_poly_seq_scheme.seq_id 
_pdbx_poly_seq_scheme.mon_id 
_pdbx_poly_seq_scheme.ndb_seq_num 
_pdbx_poly_seq_scheme.pdb_seq_num 
_pdbx_poly_seq_scheme.auth_seq_num 
_pdbx_poly_seq_scheme.pdb_mon_id 
_pdbx_poly_seq_scheme.auth_mon_id 
_pdbx_poly_seq_scheme.pdb_strand_id 
_pdbx_poly_seq_scheme.pdb_ins_code 
_pdbx_poly_seq_scheme.hetero 
A 1 1   GLY 1   1   ?   ?   ?   A . n 
A 1 2   SER 2   2   ?   ?   ?   A . n 
A 1 3   HIS 3   3   ?   ?   ?   A . n 
A 1 4   MET 4   4   4   MET MET A . n 
A 1 5   GLN 5   5   5   GLN GLN A . n 
A 1 6   VAL 6   6   6   VAL VAL A . n 
A 1 7   PRO 7   7   7   PRO PRO A . n 
A 1 8   HIS 8   8   8   HIS HIS A . n 
A 1 9   THR 9   9   9   THR THR A . n 
A 1 10  GLU 10  10  10  GLU GLU A . n 
A 1 11  SER 11  11  11  SER SER A . n 
A 1 12  VAL 12  12  12  VAL VAL A . n 
A 1 13  SER 13  13  13  SER SER A . n 
A 1 14  LEU 14  14  14  LEU LEU A . n 
A 1 15  SER 15  15  15  SER SER A . n 
A 1 16  ALA 16  16  16  ALA ALA A . n 
A 1 17  GLY 17  17  17  GLY GLY A . n 
A 1 18  SER 18  18  18  SER SER A . n 
A 1 19  THR 19  19  19  THR THR A . n 
A 1 20  VAL 20  20  20  VAL VAL A . n 
A 1 21  THR 21  21  21  THR THR A . n 
A 1 22  ILE 22  22  22  ILE ILE A . n 
A 1 23  LYS 23  23  23  LYS LYS A . n 
A 1 24  GLY 24  24  24  GLY GLY A . n 
A 1 25  ARG 25  25  25  ARG ARG A . n 
A 1 26  PRO 26  26  26  PRO PRO A . n 
A 1 27  LEU 27  27  27  LEU LEU A . n 
A 1 28  VAL 28  28  28  VAL VAL A . n 
A 1 29  CYS 29  29  29  CYS CYS A . n 
A 1 30  PHE 30  30  30  PHE PHE A . n 
A 1 31  PHE 31  31  31  PHE PHE A . n 
A 1 32  ASN 32  32  32  ASN ASN A . n 
A 1 33  GLU 33  33  33  GLU GLU A . n 
A 1 34  PRO 34  34  34  PRO PRO A . n 
A 1 35  HIS 35  35  35  HIS HIS A . n 
A 1 36  LEU 36  36  36  LEU LEU A . n 
A 1 37  GLN 37  37  37  GLN GLN A . n 
A 1 38  VAL 38  38  38  VAL VAL A . n 
A 1 39  ASP 39  39  39  ASP ASP A . n 
A 1 40  PHE 40  40  40  PHE PHE A . n 
A 1 41  HIS 41  41  41  HIS HIS A . n 
A 1 42  THR 42  42  42  THR THR A . n 
A 1 43  GLU 43  43  43  GLU GLU A . n 
A 1 44  MET 44  44  44  MET MET A . n 
A 1 45  LYS 45  45  45  LYS LYS A . n 
A 1 46  GLU 46  46  46  GLU GLU A . n 
A 1 47  ASP 47  47  47  ASP ASP A . n 
A 1 48  SER 48  48  48  SER SER A . n 
A 1 49  ASP 49  49  49  ASP ASP A . n 
A 1 50  ILE 50  50  50  ILE ILE A . n 
A 1 51  ALA 51  51  51  ALA ALA A . n 
A 1 52  PHE 52  52  52  PHE PHE A . n 
A 1 53  HIS 53  53  53  HIS HIS A . n 
A 1 54  PHE 54  54  54  PHE PHE A . n 
A 1 55  GLN 55  55  55  GLN GLN A . n 
A 1 56  VAL 56  56  56  VAL VAL A . n 
A 1 57  TYR 57  57  57  TYR TYR A . n 
A 1 58  PHE 58  58  58  PHE PHE A . n 
A 1 59  GLY 59  59  59  GLY GLY A . n 
A 1 60  ASN 60  60  60  ASN ASN A . n 
A 1 61  ARG 61  61  61  ARG ARG A . n 
A 1 62  VAL 62  62  62  VAL VAL A . n 
A 1 63  VAL 63  63  63  VAL VAL A . n 
A 1 64  MET 64  64  64  MET MET A . n 
A 1 65  ASN 65  65  65  ASN ASN A . n 
A 1 66  SER 66  66  66  SER SER A . n 
A 1 67  ARG 67  67  67  ARG ARG A . n 
A 1 68  GLU 68  68  68  GLU GLU A . n 
A 1 69  PHE 69  69  69  PHE PHE A . n 
A 1 70  LYS 70  70  70  LYS LYS A . n 
A 1 71  ILE 71  71  71  ILE ILE A . n 
A 1 72  TRP 72  72  72  TRP TRP A . n 
A 1 73  LYS 73  73  73  LYS LYS A . n 
A 1 74  GLU 74  74  74  GLU GLU A . n 
A 1 75  GLU 75  75  75  GLU GLU A . n 
A 1 76  VAL 76  76  76  VAL VAL A . n 
A 1 77  GLU 77  77  77  GLU GLU A . n 
A 1 78  SER 78  78  78  SER SER A . n 
A 1 79  LYS 79  79  79  LYS LYS A . n 
A 1 80  ASN 80  80  80  ASN ASN A . n 
A 1 81  MET 81  81  81  MET MET A . n 
A 1 82  PRO 82  82  82  PRO PRO A . n 
A 1 83  PHE 83  83  83  PHE PHE A . n 
A 1 84  GLN 84  84  84  GLN GLN A . n 
A 1 85  ASP 85  85  85  ASP ASP A . n 
A 1 86  GLY 86  86  86  GLY GLY A . n 
A 1 87  GLN 87  87  87  GLN GLN A . n 
A 1 88  GLU 88  88  88  GLU GLU A . n 
A 1 89  PHE 89  89  89  PHE PHE A . n 
A 1 90  GLU 90  90  90  GLU GLU A . n 
A 1 91  LEU 91  91  91  LEU LEU A . n 
A 1 92  SER 92  92  92  SER SER A . n 
A 1 93  ILE 93  93  93  ILE ILE A . n 
A 1 94  LEU 94  94  94  LEU LEU A . n 
A 1 95  VAL 95  95  95  VAL VAL A . n 
A 1 96  LEU 96  96  96  LEU LEU A . n 
A 1 97  GLU 97  97  97  GLU GLU A . n 
A 1 98  ASP 98  98  98  ASP ASP A . n 
A 1 99  LYS 99  99  99  LYS LYS A . n 
A 1 100 TYR 100 100 100 TYR TYR A . n 
A 1 101 GLN 101 101 101 GLN GLN A . n 
A 1 102 VAL 102 102 102 VAL VAL A . n 
A 1 103 MET 103 103 103 MET MET A . n 
A 1 104 VAL 104 104 104 VAL VAL A . n 
A 1 105 ASN 105 105 105 ASN ASN A . n 
A 1 106 GLY 106 106 106 GLY GLY A . n 
A 1 107 GLN 107 107 107 GLN GLN A . n 
A 1 108 ALA 108 108 108 ALA ALA A . n 
A 1 109 TYR 109 109 109 TYR TYR A . n 
A 1 110 TYR 110 110 110 TYR TYR A . n 
A 1 111 ASN 111 111 111 ASN ASN A . n 
A 1 112 PHE 112 112 112 PHE PHE A . n 
A 1 113 ASN 113 113 113 ASN ASN A . n 
A 1 114 HIS 114 114 114 HIS HIS A . n 
A 1 115 ARG 115 115 115 ARG ARG A . n 
A 1 116 ILE 116 116 116 ILE ILE A . n 
A 1 117 PRO 117 117 117 PRO PRO A . n 
A 1 118 VAL 118 118 118 VAL VAL A . n 
A 1 119 SER 119 119 119 SER SER A . n 
A 1 120 SER 120 120 120 SER SER A . n 
A 1 121 VAL 121 121 121 VAL VAL A . n 
A 1 122 LYS 122 122 122 LYS LYS A . n 
A 1 123 MET 123 123 123 MET MET A . n 
A 1 124 VAL 124 124 124 VAL VAL A . n 
A 1 125 GLN 125 125 125 GLN GLN A . n 
A 1 126 VAL 126 126 126 VAL VAL A . n 
A 1 127 TRP 127 127 127 TRP TRP A . n 
A 1 128 ARG 128 128 128 ARG ARG A . n 
A 1 129 ASP 129 129 129 ASP ASP A . n 
A 1 130 ILE 130 130 130 ILE ILE A . n 
A 1 131 SER 131 131 131 SER SER A . n 
A 1 132 LEU 132 132 132 LEU LEU A . n 
A 1 133 THR 133 133 133 THR THR A . n 
A 1 134 LYS 134 134 134 LYS LYS A . n 
A 1 135 PHE 135 135 135 PHE PHE A . n 
A 1 136 ASN 136 136 136 ASN ASN A . n 
A 1 137 VAL 137 137 137 VAL VAL A . n 
A 1 138 SER 138 138 138 SER SER A . n 
A 1 139 ASN 139 139 139 ASN ASN A . n 
# 
_pdbx_contact_author.id                 2 
_pdbx_contact_author.email              sujy100@nenu.edu.cn 
_pdbx_contact_author.name_first         Jiyong 
_pdbx_contact_author.name_last          Su 
_pdbx_contact_author.name_mi            ? 
_pdbx_contact_author.role               'principal investigator/group leader' 
_pdbx_contact_author.identifier_ORCID   0000-0001-8406-1676 
# 
loop_
_pdbx_nonpoly_scheme.asym_id 
_pdbx_nonpoly_scheme.entity_id 
_pdbx_nonpoly_scheme.mon_id 
_pdbx_nonpoly_scheme.ndb_seq_num 
_pdbx_nonpoly_scheme.pdb_seq_num 
_pdbx_nonpoly_scheme.auth_seq_num 
_pdbx_nonpoly_scheme.pdb_mon_id 
_pdbx_nonpoly_scheme.auth_mon_id 
_pdbx_nonpoly_scheme.pdb_strand_id 
_pdbx_nonpoly_scheme.pdb_ins_code 
C 3 HOH 1   201 143 HOH HOH A . 
C 3 HOH 2   202 46  HOH HOH A . 
C 3 HOH 3   203 152 HOH HOH A . 
C 3 HOH 4   204 145 HOH HOH A . 
C 3 HOH 5   205 92  HOH HOH A . 
C 3 HOH 6   206 179 HOH HOH A . 
C 3 HOH 7   207 44  HOH HOH A . 
C 3 HOH 8   208 65  HOH HOH A . 
C 3 HOH 9   209 127 HOH HOH A . 
C 3 HOH 10  210 40  HOH HOH A . 
C 3 HOH 11  211 48  HOH HOH A . 
C 3 HOH 12  212 39  HOH HOH A . 
C 3 HOH 13  213 76  HOH HOH A . 
C 3 HOH 14  214 38  HOH HOH A . 
C 3 HOH 15  215 12  HOH HOH A . 
C 3 HOH 16  216 121 HOH HOH A . 
C 3 HOH 17  217 83  HOH HOH A . 
C 3 HOH 18  218 50  HOH HOH A . 
C 3 HOH 19  219 110 HOH HOH A . 
C 3 HOH 20  220 178 HOH HOH A . 
C 3 HOH 21  221 4   HOH HOH A . 
C 3 HOH 22  222 113 HOH HOH A . 
C 3 HOH 23  223 156 HOH HOH A . 
C 3 HOH 24  224 123 HOH HOH A . 
C 3 HOH 25  225 34  HOH HOH A . 
C 3 HOH 26  226 62  HOH HOH A . 
C 3 HOH 27  227 5   HOH HOH A . 
C 3 HOH 28  228 159 HOH HOH A . 
C 3 HOH 29  229 19  HOH HOH A . 
C 3 HOH 30  230 11  HOH HOH A . 
C 3 HOH 31  231 22  HOH HOH A . 
C 3 HOH 32  232 170 HOH HOH A . 
C 3 HOH 33  233 41  HOH HOH A . 
C 3 HOH 34  234 42  HOH HOH A . 
C 3 HOH 35  235 55  HOH HOH A . 
C 3 HOH 36  236 158 HOH HOH A . 
C 3 HOH 37  237 118 HOH HOH A . 
C 3 HOH 38  238 8   HOH HOH A . 
C 3 HOH 39  239 56  HOH HOH A . 
C 3 HOH 40  240 23  HOH HOH A . 
C 3 HOH 41  241 68  HOH HOH A . 
C 3 HOH 42  242 25  HOH HOH A . 
C 3 HOH 43  243 66  HOH HOH A . 
C 3 HOH 44  244 87  HOH HOH A . 
C 3 HOH 45  245 18  HOH HOH A . 
C 3 HOH 46  246 148 HOH HOH A . 
C 3 HOH 47  247 54  HOH HOH A . 
C 3 HOH 48  248 10  HOH HOH A . 
C 3 HOH 49  249 93  HOH HOH A . 
C 3 HOH 50  250 36  HOH HOH A . 
C 3 HOH 51  251 86  HOH HOH A . 
C 3 HOH 52  252 122 HOH HOH A . 
C 3 HOH 53  253 107 HOH HOH A . 
C 3 HOH 54  254 52  HOH HOH A . 
C 3 HOH 55  255 101 HOH HOH A . 
C 3 HOH 56  256 15  HOH HOH A . 
C 3 HOH 57  257 59  HOH HOH A . 
C 3 HOH 58  258 162 HOH HOH A . 
C 3 HOH 59  259 150 HOH HOH A . 
C 3 HOH 60  260 37  HOH HOH A . 
C 3 HOH 61  261 24  HOH HOH A . 
C 3 HOH 62  262 91  HOH HOH A . 
C 3 HOH 63  263 70  HOH HOH A . 
C 3 HOH 64  264 108 HOH HOH A . 
C 3 HOH 65  265 9   HOH HOH A . 
C 3 HOH 66  266 164 HOH HOH A . 
C 3 HOH 67  267 30  HOH HOH A . 
C 3 HOH 68  268 7   HOH HOH A . 
C 3 HOH 69  269 69  HOH HOH A . 
C 3 HOH 70  270 180 HOH HOH A . 
C 3 HOH 71  271 151 HOH HOH A . 
C 3 HOH 72  272 3   HOH HOH A . 
C 3 HOH 73  273 75  HOH HOH A . 
C 3 HOH 74  274 89  HOH HOH A . 
C 3 HOH 75  275 2   HOH HOH A . 
C 3 HOH 76  276 177 HOH HOH A . 
C 3 HOH 77  277 125 HOH HOH A . 
C 3 HOH 78  278 28  HOH HOH A . 
C 3 HOH 79  279 60  HOH HOH A . 
C 3 HOH 80  280 32  HOH HOH A . 
C 3 HOH 81  281 124 HOH HOH A . 
C 3 HOH 82  282 31  HOH HOH A . 
C 3 HOH 83  283 133 HOH HOH A . 
C 3 HOH 84  284 26  HOH HOH A . 
C 3 HOH 85  285 142 HOH HOH A . 
C 3 HOH 86  286 99  HOH HOH A . 
C 3 HOH 87  287 71  HOH HOH A . 
C 3 HOH 88  288 6   HOH HOH A . 
C 3 HOH 89  289 74  HOH HOH A . 
C 3 HOH 90  290 141 HOH HOH A . 
C 3 HOH 91  291 14  HOH HOH A . 
C 3 HOH 92  292 58  HOH HOH A . 
C 3 HOH 93  293 63  HOH HOH A . 
C 3 HOH 94  294 51  HOH HOH A . 
C 3 HOH 95  295 43  HOH HOH A . 
C 3 HOH 96  296 20  HOH HOH A . 
C 3 HOH 97  297 73  HOH HOH A . 
C 3 HOH 98  298 82  HOH HOH A . 
C 3 HOH 99  299 17  HOH HOH A . 
C 3 HOH 100 300 168 HOH HOH A . 
C 3 HOH 101 301 84  HOH HOH A . 
C 3 HOH 102 302 105 HOH HOH A . 
C 3 HOH 103 303 13  HOH HOH A . 
C 3 HOH 104 304 109 HOH HOH A . 
C 3 HOH 105 305 45  HOH HOH A . 
C 3 HOH 106 306 21  HOH HOH A . 
C 3 HOH 107 307 120 HOH HOH A . 
C 3 HOH 108 308 160 HOH HOH A . 
C 3 HOH 109 309 27  HOH HOH A . 
C 3 HOH 110 310 77  HOH HOH A . 
C 3 HOH 111 311 98  HOH HOH A . 
C 3 HOH 112 312 29  HOH HOH A . 
C 3 HOH 113 313 138 HOH HOH A . 
C 3 HOH 114 314 78  HOH HOH A . 
C 3 HOH 115 315 154 HOH HOH A . 
C 3 HOH 116 316 35  HOH HOH A . 
C 3 HOH 117 317 16  HOH HOH A . 
C 3 HOH 118 318 135 HOH HOH A . 
C 3 HOH 119 319 94  HOH HOH A . 
C 3 HOH 120 320 47  HOH HOH A . 
C 3 HOH 121 321 171 HOH HOH A . 
C 3 HOH 122 322 57  HOH HOH A . 
C 3 HOH 123 323 33  HOH HOH A . 
C 3 HOH 124 324 136 HOH HOH A . 
C 3 HOH 125 325 1   HOH HOH A . 
C 3 HOH 126 326 147 HOH HOH A . 
C 3 HOH 127 327 95  HOH HOH A . 
C 3 HOH 128 328 165 HOH HOH A . 
C 3 HOH 129 329 88  HOH HOH A . 
C 3 HOH 130 330 80  HOH HOH A . 
C 3 HOH 131 331 49  HOH HOH A . 
C 3 HOH 132 332 132 HOH HOH A . 
C 3 HOH 133 333 102 HOH HOH A . 
C 3 HOH 134 334 174 HOH HOH A . 
C 3 HOH 135 335 153 HOH HOH A . 
C 3 HOH 136 336 181 HOH HOH A . 
C 3 HOH 137 337 103 HOH HOH A . 
C 3 HOH 138 338 90  HOH HOH A . 
C 3 HOH 139 339 100 HOH HOH A . 
C 3 HOH 140 340 163 HOH HOH A . 
C 3 HOH 141 341 134 HOH HOH A . 
C 3 HOH 142 342 139 HOH HOH A . 
C 3 HOH 143 343 116 HOH HOH A . 
C 3 HOH 144 344 96  HOH HOH A . 
C 3 HOH 145 345 131 HOH HOH A . 
C 3 HOH 146 346 85  HOH HOH A . 
C 3 HOH 147 347 173 HOH HOH A . 
C 3 HOH 148 348 81  HOH HOH A . 
C 3 HOH 149 349 104 HOH HOH A . 
C 3 HOH 150 350 172 HOH HOH A . 
C 3 HOH 151 351 176 HOH HOH A . 
C 3 HOH 152 352 149 HOH HOH A . 
C 3 HOH 153 353 67  HOH HOH A . 
C 3 HOH 154 354 175 HOH HOH A . 
C 3 HOH 155 355 114 HOH HOH A . 
C 3 HOH 156 356 144 HOH HOH A . 
C 3 HOH 157 357 137 HOH HOH A . 
C 3 HOH 158 358 140 HOH HOH A . 
C 3 HOH 159 359 129 HOH HOH A . 
C 3 HOH 160 360 146 HOH HOH A . 
C 3 HOH 161 361 161 HOH HOH A . 
C 3 HOH 162 362 155 HOH HOH A . 
C 3 HOH 163 363 130 HOH HOH A . 
C 3 HOH 164 364 106 HOH HOH A . 
C 3 HOH 165 365 169 HOH HOH A . 
C 3 HOH 166 366 128 HOH HOH A . 
C 3 HOH 167 367 97  HOH HOH A . 
C 3 HOH 168 368 119 HOH HOH A . 
C 3 HOH 169 369 166 HOH HOH A . 
# 
_pdbx_struct_assembly.id                   1 
_pdbx_struct_assembly.details              author_and_software_defined_assembly 
_pdbx_struct_assembly.method_details       PISA 
_pdbx_struct_assembly.oligomeric_details   dimeric 
_pdbx_struct_assembly.oligomeric_count     2 
# 
_pdbx_struct_assembly_gen.assembly_id       1 
_pdbx_struct_assembly_gen.oper_expression   1,2 
_pdbx_struct_assembly_gen.asym_id_list      A,B,C 
# 
loop_
_pdbx_struct_assembly_prop.biol_id 
_pdbx_struct_assembly_prop.type 
_pdbx_struct_assembly_prop.value 
_pdbx_struct_assembly_prop.details 
1 'ABSA (A^2)' 3000  ? 
1 MORE         7     ? 
1 'SSA (A^2)'  11860 ? 
# 
loop_
_pdbx_struct_oper_list.id 
_pdbx_struct_oper_list.type 
_pdbx_struct_oper_list.name 
_pdbx_struct_oper_list.symmetry_operation 
_pdbx_struct_oper_list.matrix[1][1] 
_pdbx_struct_oper_list.matrix[1][2] 
_pdbx_struct_oper_list.matrix[1][3] 
_pdbx_struct_oper_list.vector[1] 
_pdbx_struct_oper_list.matrix[2][1] 
_pdbx_struct_oper_list.matrix[2][2] 
_pdbx_struct_oper_list.matrix[2][3] 
_pdbx_struct_oper_list.vector[2] 
_pdbx_struct_oper_list.matrix[3][1] 
_pdbx_struct_oper_list.matrix[3][2] 
_pdbx_struct_oper_list.matrix[3][3] 
_pdbx_struct_oper_list.vector[3] 
1 'identity operation'         1_555  x,y,z          1.0000000000  0.0000000000  0.0000000000 0.0000000000   0.0000000000  1.0000000000  0.0000000000  0.0000000000  0.0000000000 0.0000000000  1.0000000000 0.0000000000 
2 'crystal symmetry operation' 12_565 x,x-y+1,-z+5/6 -0.7187651435 -0.0828621364 0.6902974249 -12.7688951364 -0.0828621364 -0.9755857658 -0.2033870200 23.3821307811 0.6902974249 -0.2033870200 0.6943509093 8.0089415116 
# 
loop_
_pdbx_struct_special_symmetry.id 
_pdbx_struct_special_symmetry.PDB_model_num 
_pdbx_struct_special_symmetry.auth_asym_id 
_pdbx_struct_special_symmetry.auth_comp_id 
_pdbx_struct_special_symmetry.auth_seq_id 
_pdbx_struct_special_symmetry.PDB_ins_code 
_pdbx_struct_special_symmetry.label_asym_id 
_pdbx_struct_special_symmetry.label_comp_id 
_pdbx_struct_special_symmetry.label_seq_id 
1 1 A HOH 259 ? C HOH . 
2 1 A HOH 299 ? C HOH . 
3 1 A HOH 331 ? C HOH . 
# 
loop_
_pdbx_audit_revision_history.ordinal 
_pdbx_audit_revision_history.data_content_type 
_pdbx_audit_revision_history.major_revision 
_pdbx_audit_revision_history.minor_revision 
_pdbx_audit_revision_history.revision_date 
1 'Structure model' 1 0 2023-04-12 
2 'Structure model' 1 1 2023-05-31 
3 'Structure model' 1 2 2023-11-29 
# 
_pdbx_audit_revision_details.ordinal             1 
_pdbx_audit_revision_details.revision_ordinal    1 
_pdbx_audit_revision_details.data_content_type   'Structure model' 
_pdbx_audit_revision_details.provider            repository 
_pdbx_audit_revision_details.type                'Initial release' 
_pdbx_audit_revision_details.description         ? 
_pdbx_audit_revision_details.details             ? 
# 
loop_
_pdbx_audit_revision_group.ordinal 
_pdbx_audit_revision_group.revision_ordinal 
_pdbx_audit_revision_group.data_content_type 
_pdbx_audit_revision_group.group 
1 2 'Structure model' 'Database references'    
2 3 'Structure model' 'Data collection'        
3 3 'Structure model' 'Refinement description' 
# 
loop_
_pdbx_audit_revision_category.ordinal 
_pdbx_audit_revision_category.revision_ordinal 
_pdbx_audit_revision_category.data_content_type 
_pdbx_audit_revision_category.category 
1 2 'Structure model' citation                      
2 3 'Structure model' chem_comp_atom                
3 3 'Structure model' chem_comp_bond                
4 3 'Structure model' pdbx_initial_refinement_model 
# 
loop_
_pdbx_audit_revision_item.ordinal 
_pdbx_audit_revision_item.revision_ordinal 
_pdbx_audit_revision_item.data_content_type 
_pdbx_audit_revision_item.item 
1 2 'Structure model' '_citation.journal_volume' 
2 2 'Structure model' '_citation.page_first'     
3 2 'Structure model' '_citation.page_last'      
# 
loop_
_software.citation_id 
_software.classification 
_software.compiler_name 
_software.compiler_version 
_software.contact_author 
_software.contact_author_email 
_software.date 
_software.description 
_software.dependencies 
_software.hardware 
_software.language 
_software.location 
_software.mods 
_software.name 
_software.os 
_software.os_version 
_software.type 
_software.version 
_software.pdbx_ordinal 
? refinement        ? ? ? ? ? ? ? ? ? ? ? PHENIX      ? ? ? 1.17_3644 1 
? 'data extraction' ? ? ? ? ? ? ? ? ? ? ? PDB_EXTRACT ? ? ? 3.27      2 
# 
_pdbx_entry_details.entry_id                 7XXV 
_pdbx_entry_details.has_ligand_of_interest   Y 
_pdbx_entry_details.compound_details         ? 
_pdbx_entry_details.source_details           ? 
_pdbx_entry_details.nonpolymer_details       ? 
_pdbx_entry_details.sequence_details         ? 
# 
loop_
_pdbx_validate_torsion.id 
_pdbx_validate_torsion.PDB_model_num 
_pdbx_validate_torsion.auth_comp_id 
_pdbx_validate_torsion.auth_asym_id 
_pdbx_validate_torsion.auth_seq_id 
_pdbx_validate_torsion.PDB_ins_code 
_pdbx_validate_torsion.label_alt_id 
_pdbx_validate_torsion.phi 
_pdbx_validate_torsion.psi 
1 1 ASN A 60  ? ? -133.13 -74.98  
2 1 LYS A 73  ? ? -98.56  -143.64 
3 1 ARG A 128 ? ? 81.75   -146.65 
4 1 ASP A 129 ? ? -94.80  57.40   
# 
loop_
_pdbx_unobs_or_zero_occ_residues.id 
_pdbx_unobs_or_zero_occ_residues.PDB_model_num 
_pdbx_unobs_or_zero_occ_residues.polymer_flag 
_pdbx_unobs_or_zero_occ_residues.occupancy_flag 
_pdbx_unobs_or_zero_occ_residues.auth_asym_id 
_pdbx_unobs_or_zero_occ_residues.auth_comp_id 
_pdbx_unobs_or_zero_occ_residues.auth_seq_id 
_pdbx_unobs_or_zero_occ_residues.PDB_ins_code 
_pdbx_unobs_or_zero_occ_residues.label_asym_id 
_pdbx_unobs_or_zero_occ_residues.label_comp_id 
_pdbx_unobs_or_zero_occ_residues.label_seq_id 
1 1 Y 1 A GLY 1 ? A GLY 1 
2 1 Y 1 A SER 2 ? A SER 2 
3 1 Y 1 A HIS 3 ? A HIS 3 
# 
loop_
_chem_comp_atom.comp_id 
_chem_comp_atom.atom_id 
_chem_comp_atom.type_symbol 
_chem_comp_atom.pdbx_aromatic_flag 
_chem_comp_atom.pdbx_stereo_config 
_chem_comp_atom.pdbx_ordinal 
ALA N    N N N 1   
ALA CA   C N S 2   
ALA C    C N N 3   
ALA O    O N N 4   
ALA CB   C N N 5   
ALA OXT  O N N 6   
ALA H    H N N 7   
ALA H2   H N N 8   
ALA HA   H N N 9   
ALA HB1  H N N 10  
ALA HB2  H N N 11  
ALA HB3  H N N 12  
ALA HXT  H N N 13  
ARG N    N N N 14  
ARG CA   C N S 15  
ARG C    C N N 16  
ARG O    O N N 17  
ARG CB   C N N 18  
ARG CG   C N N 19  
ARG CD   C N N 20  
ARG NE   N N N 21  
ARG CZ   C N N 22  
ARG NH1  N N N 23  
ARG NH2  N N N 24  
ARG OXT  O N N 25  
ARG H    H N N 26  
ARG H2   H N N 27  
ARG HA   H N N 28  
ARG HB2  H N N 29  
ARG HB3  H N N 30  
ARG HG2  H N N 31  
ARG HG3  H N N 32  
ARG HD2  H N N 33  
ARG HD3  H N N 34  
ARG HE   H N N 35  
ARG HH11 H N N 36  
ARG HH12 H N N 37  
ARG HH21 H N N 38  
ARG HH22 H N N 39  
ARG HXT  H N N 40  
ASN N    N N N 41  
ASN CA   C N S 42  
ASN C    C N N 43  
ASN O    O N N 44  
ASN CB   C N N 45  
ASN CG   C N N 46  
ASN OD1  O N N 47  
ASN ND2  N N N 48  
ASN OXT  O N N 49  
ASN H    H N N 50  
ASN H2   H N N 51  
ASN HA   H N N 52  
ASN HB2  H N N 53  
ASN HB3  H N N 54  
ASN HD21 H N N 55  
ASN HD22 H N N 56  
ASN HXT  H N N 57  
ASP N    N N N 58  
ASP CA   C N S 59  
ASP C    C N N 60  
ASP O    O N N 61  
ASP CB   C N N 62  
ASP CG   C N N 63  
ASP OD1  O N N 64  
ASP OD2  O N N 65  
ASP OXT  O N N 66  
ASP H    H N N 67  
ASP H2   H N N 68  
ASP HA   H N N 69  
ASP HB2  H N N 70  
ASP HB3  H N N 71  
ASP HD2  H N N 72  
ASP HXT  H N N 73  
BGC C2   C N R 74  
BGC C3   C N S 75  
BGC C4   C N S 76  
BGC C5   C N R 77  
BGC C6   C N N 78  
BGC C1   C N R 79  
BGC O1   O N N 80  
BGC O2   O N N 81  
BGC O3   O N N 82  
BGC O4   O N N 83  
BGC O5   O N N 84  
BGC O6   O N N 85  
BGC H2   H N N 86  
BGC H3   H N N 87  
BGC H4   H N N 88  
BGC H5   H N N 89  
BGC H61  H N N 90  
BGC H62  H N N 91  
BGC H1   H N N 92  
BGC HO1  H N N 93  
BGC HO2  H N N 94  
BGC HO3  H N N 95  
BGC HO4  H N N 96  
BGC HO6  H N N 97  
CYS N    N N N 98  
CYS CA   C N R 99  
CYS C    C N N 100 
CYS O    O N N 101 
CYS CB   C N N 102 
CYS SG   S N N 103 
CYS OXT  O N N 104 
CYS H    H N N 105 
CYS H2   H N N 106 
CYS HA   H N N 107 
CYS HB2  H N N 108 
CYS HB3  H N N 109 
CYS HG   H N N 110 
CYS HXT  H N N 111 
GAL C1   C N R 112 
GAL C2   C N R 113 
GAL C3   C N S 114 
GAL C4   C N R 115 
GAL C5   C N R 116 
GAL C6   C N N 117 
GAL O1   O N N 118 
GAL O2   O N N 119 
GAL O3   O N N 120 
GAL O4   O N N 121 
GAL O5   O N N 122 
GAL O6   O N N 123 
GAL H1   H N N 124 
GAL H2   H N N 125 
GAL H3   H N N 126 
GAL H4   H N N 127 
GAL H5   H N N 128 
GAL H61  H N N 129 
GAL H62  H N N 130 
GAL HO1  H N N 131 
GAL HO2  H N N 132 
GAL HO3  H N N 133 
GAL HO4  H N N 134 
GAL HO6  H N N 135 
GLN N    N N N 136 
GLN CA   C N S 137 
GLN C    C N N 138 
GLN O    O N N 139 
GLN CB   C N N 140 
GLN CG   C N N 141 
GLN CD   C N N 142 
GLN OE1  O N N 143 
GLN NE2  N N N 144 
GLN OXT  O N N 145 
GLN H    H N N 146 
GLN H2   H N N 147 
GLN HA   H N N 148 
GLN HB2  H N N 149 
GLN HB3  H N N 150 
GLN HG2  H N N 151 
GLN HG3  H N N 152 
GLN HE21 H N N 153 
GLN HE22 H N N 154 
GLN HXT  H N N 155 
GLU N    N N N 156 
GLU CA   C N S 157 
GLU C    C N N 158 
GLU O    O N N 159 
GLU CB   C N N 160 
GLU CG   C N N 161 
GLU CD   C N N 162 
GLU OE1  O N N 163 
GLU OE2  O N N 164 
GLU OXT  O N N 165 
GLU H    H N N 166 
GLU H2   H N N 167 
GLU HA   H N N 168 
GLU HB2  H N N 169 
GLU HB3  H N N 170 
GLU HG2  H N N 171 
GLU HG3  H N N 172 
GLU HE2  H N N 173 
GLU HXT  H N N 174 
GLY N    N N N 175 
GLY CA   C N N 176 
GLY C    C N N 177 
GLY O    O N N 178 
GLY OXT  O N N 179 
GLY H    H N N 180 
GLY H2   H N N 181 
GLY HA2  H N N 182 
GLY HA3  H N N 183 
GLY HXT  H N N 184 
HIS N    N N N 185 
HIS CA   C N S 186 
HIS C    C N N 187 
HIS O    O N N 188 
HIS CB   C N N 189 
HIS CG   C Y N 190 
HIS ND1  N Y N 191 
HIS CD2  C Y N 192 
HIS CE1  C Y N 193 
HIS NE2  N Y N 194 
HIS OXT  O N N 195 
HIS H    H N N 196 
HIS H2   H N N 197 
HIS HA   H N N 198 
HIS HB2  H N N 199 
HIS HB3  H N N 200 
HIS HD1  H N N 201 
HIS HD2  H N N 202 
HIS HE1  H N N 203 
HIS HE2  H N N 204 
HIS HXT  H N N 205 
HOH O    O N N 206 
HOH H1   H N N 207 
HOH H2   H N N 208 
ILE N    N N N 209 
ILE CA   C N S 210 
ILE C    C N N 211 
ILE O    O N N 212 
ILE CB   C N S 213 
ILE CG1  C N N 214 
ILE CG2  C N N 215 
ILE CD1  C N N 216 
ILE OXT  O N N 217 
ILE H    H N N 218 
ILE H2   H N N 219 
ILE HA   H N N 220 
ILE HB   H N N 221 
ILE HG12 H N N 222 
ILE HG13 H N N 223 
ILE HG21 H N N 224 
ILE HG22 H N N 225 
ILE HG23 H N N 226 
ILE HD11 H N N 227 
ILE HD12 H N N 228 
ILE HD13 H N N 229 
ILE HXT  H N N 230 
LEU N    N N N 231 
LEU CA   C N S 232 
LEU C    C N N 233 
LEU O    O N N 234 
LEU CB   C N N 235 
LEU CG   C N N 236 
LEU CD1  C N N 237 
LEU CD2  C N N 238 
LEU OXT  O N N 239 
LEU H    H N N 240 
LEU H2   H N N 241 
LEU HA   H N N 242 
LEU HB2  H N N 243 
LEU HB3  H N N 244 
LEU HG   H N N 245 
LEU HD11 H N N 246 
LEU HD12 H N N 247 
LEU HD13 H N N 248 
LEU HD21 H N N 249 
LEU HD22 H N N 250 
LEU HD23 H N N 251 
LEU HXT  H N N 252 
LYS N    N N N 253 
LYS CA   C N S 254 
LYS C    C N N 255 
LYS O    O N N 256 
LYS CB   C N N 257 
LYS CG   C N N 258 
LYS CD   C N N 259 
LYS CE   C N N 260 
LYS NZ   N N N 261 
LYS OXT  O N N 262 
LYS H    H N N 263 
LYS H2   H N N 264 
LYS HA   H N N 265 
LYS HB2  H N N 266 
LYS HB3  H N N 267 
LYS HG2  H N N 268 
LYS HG3  H N N 269 
LYS HD2  H N N 270 
LYS HD3  H N N 271 
LYS HE2  H N N 272 
LYS HE3  H N N 273 
LYS HZ1  H N N 274 
LYS HZ2  H N N 275 
LYS HZ3  H N N 276 
LYS HXT  H N N 277 
MET N    N N N 278 
MET CA   C N S 279 
MET C    C N N 280 
MET O    O N N 281 
MET CB   C N N 282 
MET CG   C N N 283 
MET SD   S N N 284 
MET CE   C N N 285 
MET OXT  O N N 286 
MET H    H N N 287 
MET H2   H N N 288 
MET HA   H N N 289 
MET HB2  H N N 290 
MET HB3  H N N 291 
MET HG2  H N N 292 
MET HG3  H N N 293 
MET HE1  H N N 294 
MET HE2  H N N 295 
MET HE3  H N N 296 
MET HXT  H N N 297 
PHE N    N N N 298 
PHE CA   C N S 299 
PHE C    C N N 300 
PHE O    O N N 301 
PHE CB   C N N 302 
PHE CG   C Y N 303 
PHE CD1  C Y N 304 
PHE CD2  C Y N 305 
PHE CE1  C Y N 306 
PHE CE2  C Y N 307 
PHE CZ   C Y N 308 
PHE OXT  O N N 309 
PHE H    H N N 310 
PHE H2   H N N 311 
PHE HA   H N N 312 
PHE HB2  H N N 313 
PHE HB3  H N N 314 
PHE HD1  H N N 315 
PHE HD2  H N N 316 
PHE HE1  H N N 317 
PHE HE2  H N N 318 
PHE HZ   H N N 319 
PHE HXT  H N N 320 
PRO N    N N N 321 
PRO CA   C N S 322 
PRO C    C N N 323 
PRO O    O N N 324 
PRO CB   C N N 325 
PRO CG   C N N 326 
PRO CD   C N N 327 
PRO OXT  O N N 328 
PRO H    H N N 329 
PRO HA   H N N 330 
PRO HB2  H N N 331 
PRO HB3  H N N 332 
PRO HG2  H N N 333 
PRO HG3  H N N 334 
PRO HD2  H N N 335 
PRO HD3  H N N 336 
PRO HXT  H N N 337 
SER N    N N N 338 
SER CA   C N S 339 
SER C    C N N 340 
SER O    O N N 341 
SER CB   C N N 342 
SER OG   O N N 343 
SER OXT  O N N 344 
SER H    H N N 345 
SER H2   H N N 346 
SER HA   H N N 347 
SER HB2  H N N 348 
SER HB3  H N N 349 
SER HG   H N N 350 
SER HXT  H N N 351 
THR N    N N N 352 
THR CA   C N S 353 
THR C    C N N 354 
THR O    O N N 355 
THR CB   C N R 356 
THR OG1  O N N 357 
THR CG2  C N N 358 
THR OXT  O N N 359 
THR H    H N N 360 
THR H2   H N N 361 
THR HA   H N N 362 
THR HB   H N N 363 
THR HG1  H N N 364 
THR HG21 H N N 365 
THR HG22 H N N 366 
THR HG23 H N N 367 
THR HXT  H N N 368 
TRP N    N N N 369 
TRP CA   C N S 370 
TRP C    C N N 371 
TRP O    O N N 372 
TRP CB   C N N 373 
TRP CG   C Y N 374 
TRP CD1  C Y N 375 
TRP CD2  C Y N 376 
TRP NE1  N Y N 377 
TRP CE2  C Y N 378 
TRP CE3  C Y N 379 
TRP CZ2  C Y N 380 
TRP CZ3  C Y N 381 
TRP CH2  C Y N 382 
TRP OXT  O N N 383 
TRP H    H N N 384 
TRP H2   H N N 385 
TRP HA   H N N 386 
TRP HB2  H N N 387 
TRP HB3  H N N 388 
TRP HD1  H N N 389 
TRP HE1  H N N 390 
TRP HE3  H N N 391 
TRP HZ2  H N N 392 
TRP HZ3  H N N 393 
TRP HH2  H N N 394 
TRP HXT  H N N 395 
TYR N    N N N 396 
TYR CA   C N S 397 
TYR C    C N N 398 
TYR O    O N N 399 
TYR CB   C N N 400 
TYR CG   C Y N 401 
TYR CD1  C Y N 402 
TYR CD2  C Y N 403 
TYR CE1  C Y N 404 
TYR CE2  C Y N 405 
TYR CZ   C Y N 406 
TYR OH   O N N 407 
TYR OXT  O N N 408 
TYR H    H N N 409 
TYR H2   H N N 410 
TYR HA   H N N 411 
TYR HB2  H N N 412 
TYR HB3  H N N 413 
TYR HD1  H N N 414 
TYR HD2  H N N 415 
TYR HE1  H N N 416 
TYR HE2  H N N 417 
TYR HH   H N N 418 
TYR HXT  H N N 419 
VAL N    N N N 420 
VAL CA   C N S 421 
VAL C    C N N 422 
VAL O    O N N 423 
VAL CB   C N N 424 
VAL CG1  C N N 425 
VAL CG2  C N N 426 
VAL OXT  O N N 427 
VAL H    H N N 428 
VAL H2   H N N 429 
VAL HA   H N N 430 
VAL HB   H N N 431 
VAL HG11 H N N 432 
VAL HG12 H N N 433 
VAL HG13 H N N 434 
VAL HG21 H N N 435 
VAL HG22 H N N 436 
VAL HG23 H N N 437 
VAL HXT  H N N 438 
# 
loop_
_chem_comp_bond.comp_id 
_chem_comp_bond.atom_id_1 
_chem_comp_bond.atom_id_2 
_chem_comp_bond.value_order 
_chem_comp_bond.pdbx_aromatic_flag 
_chem_comp_bond.pdbx_stereo_config 
_chem_comp_bond.pdbx_ordinal 
ALA N   CA   sing N N 1   
ALA N   H    sing N N 2   
ALA N   H2   sing N N 3   
ALA CA  C    sing N N 4   
ALA CA  CB   sing N N 5   
ALA CA  HA   sing N N 6   
ALA C   O    doub N N 7   
ALA C   OXT  sing N N 8   
ALA CB  HB1  sing N N 9   
ALA CB  HB2  sing N N 10  
ALA CB  HB3  sing N N 11  
ALA OXT HXT  sing N N 12  
ARG N   CA   sing N N 13  
ARG N   H    sing N N 14  
ARG N   H2   sing N N 15  
ARG CA  C    sing N N 16  
ARG CA  CB   sing N N 17  
ARG CA  HA   sing N N 18  
ARG C   O    doub N N 19  
ARG C   OXT  sing N N 20  
ARG CB  CG   sing N N 21  
ARG CB  HB2  sing N N 22  
ARG CB  HB3  sing N N 23  
ARG CG  CD   sing N N 24  
ARG CG  HG2  sing N N 25  
ARG CG  HG3  sing N N 26  
ARG CD  NE   sing N N 27  
ARG CD  HD2  sing N N 28  
ARG CD  HD3  sing N N 29  
ARG NE  CZ   sing N N 30  
ARG NE  HE   sing N N 31  
ARG CZ  NH1  sing N N 32  
ARG CZ  NH2  doub N N 33  
ARG NH1 HH11 sing N N 34  
ARG NH1 HH12 sing N N 35  
ARG NH2 HH21 sing N N 36  
ARG NH2 HH22 sing N N 37  
ARG OXT HXT  sing N N 38  
ASN N   CA   sing N N 39  
ASN N   H    sing N N 40  
ASN N   H2   sing N N 41  
ASN CA  C    sing N N 42  
ASN CA  CB   sing N N 43  
ASN CA  HA   sing N N 44  
ASN C   O    doub N N 45  
ASN C   OXT  sing N N 46  
ASN CB  CG   sing N N 47  
ASN CB  HB2  sing N N 48  
ASN CB  HB3  sing N N 49  
ASN CG  OD1  doub N N 50  
ASN CG  ND2  sing N N 51  
ASN ND2 HD21 sing N N 52  
ASN ND2 HD22 sing N N 53  
ASN OXT HXT  sing N N 54  
ASP N   CA   sing N N 55  
ASP N   H    sing N N 56  
ASP N   H2   sing N N 57  
ASP CA  C    sing N N 58  
ASP CA  CB   sing N N 59  
ASP CA  HA   sing N N 60  
ASP C   O    doub N N 61  
ASP C   OXT  sing N N 62  
ASP CB  CG   sing N N 63  
ASP CB  HB2  sing N N 64  
ASP CB  HB3  sing N N 65  
ASP CG  OD1  doub N N 66  
ASP CG  OD2  sing N N 67  
ASP OD2 HD2  sing N N 68  
ASP OXT HXT  sing N N 69  
BGC C2  C3   sing N N 70  
BGC C2  C1   sing N N 71  
BGC C2  O2   sing N N 72  
BGC C2  H2   sing N N 73  
BGC C3  C4   sing N N 74  
BGC C3  O3   sing N N 75  
BGC C3  H3   sing N N 76  
BGC C4  C5   sing N N 77  
BGC C4  O4   sing N N 78  
BGC C4  H4   sing N N 79  
BGC C5  C6   sing N N 80  
BGC C5  O5   sing N N 81  
BGC C5  H5   sing N N 82  
BGC C6  O6   sing N N 83  
BGC C6  H61  sing N N 84  
BGC C6  H62  sing N N 85  
BGC C1  O1   sing N N 86  
BGC C1  O5   sing N N 87  
BGC C1  H1   sing N N 88  
BGC O1  HO1  sing N N 89  
BGC O2  HO2  sing N N 90  
BGC O3  HO3  sing N N 91  
BGC O4  HO4  sing N N 92  
BGC O6  HO6  sing N N 93  
CYS N   CA   sing N N 94  
CYS N   H    sing N N 95  
CYS N   H2   sing N N 96  
CYS CA  C    sing N N 97  
CYS CA  CB   sing N N 98  
CYS CA  HA   sing N N 99  
CYS C   O    doub N N 100 
CYS C   OXT  sing N N 101 
CYS CB  SG   sing N N 102 
CYS CB  HB2  sing N N 103 
CYS CB  HB3  sing N N 104 
CYS SG  HG   sing N N 105 
CYS OXT HXT  sing N N 106 
GAL C1  C2   sing N N 107 
GAL C1  O1   sing N N 108 
GAL C1  O5   sing N N 109 
GAL C1  H1   sing N N 110 
GAL C2  C3   sing N N 111 
GAL C2  O2   sing N N 112 
GAL C2  H2   sing N N 113 
GAL C3  C4   sing N N 114 
GAL C3  O3   sing N N 115 
GAL C3  H3   sing N N 116 
GAL C4  C5   sing N N 117 
GAL C4  O4   sing N N 118 
GAL C4  H4   sing N N 119 
GAL C5  C6   sing N N 120 
GAL C5  O5   sing N N 121 
GAL C5  H5   sing N N 122 
GAL C6  O6   sing N N 123 
GAL C6  H61  sing N N 124 
GAL C6  H62  sing N N 125 
GAL O1  HO1  sing N N 126 
GAL O2  HO2  sing N N 127 
GAL O3  HO3  sing N N 128 
GAL O4  HO4  sing N N 129 
GAL O6  HO6  sing N N 130 
GLN N   CA   sing N N 131 
GLN N   H    sing N N 132 
GLN N   H2   sing N N 133 
GLN CA  C    sing N N 134 
GLN CA  CB   sing N N 135 
GLN CA  HA   sing N N 136 
GLN C   O    doub N N 137 
GLN C   OXT  sing N N 138 
GLN CB  CG   sing N N 139 
GLN CB  HB2  sing N N 140 
GLN CB  HB3  sing N N 141 
GLN CG  CD   sing N N 142 
GLN CG  HG2  sing N N 143 
GLN CG  HG3  sing N N 144 
GLN CD  OE1  doub N N 145 
GLN CD  NE2  sing N N 146 
GLN NE2 HE21 sing N N 147 
GLN NE2 HE22 sing N N 148 
GLN OXT HXT  sing N N 149 
GLU N   CA   sing N N 150 
GLU N   H    sing N N 151 
GLU N   H2   sing N N 152 
GLU CA  C    sing N N 153 
GLU CA  CB   sing N N 154 
GLU CA  HA   sing N N 155 
GLU C   O    doub N N 156 
GLU C   OXT  sing N N 157 
GLU CB  CG   sing N N 158 
GLU CB  HB2  sing N N 159 
GLU CB  HB3  sing N N 160 
GLU CG  CD   sing N N 161 
GLU CG  HG2  sing N N 162 
GLU CG  HG3  sing N N 163 
GLU CD  OE1  doub N N 164 
GLU CD  OE2  sing N N 165 
GLU OE2 HE2  sing N N 166 
GLU OXT HXT  sing N N 167 
GLY N   CA   sing N N 168 
GLY N   H    sing N N 169 
GLY N   H2   sing N N 170 
GLY CA  C    sing N N 171 
GLY CA  HA2  sing N N 172 
GLY CA  HA3  sing N N 173 
GLY C   O    doub N N 174 
GLY C   OXT  sing N N 175 
GLY OXT HXT  sing N N 176 
HIS N   CA   sing N N 177 
HIS N   H    sing N N 178 
HIS N   H2   sing N N 179 
HIS CA  C    sing N N 180 
HIS CA  CB   sing N N 181 
HIS CA  HA   sing N N 182 
HIS C   O    doub N N 183 
HIS C   OXT  sing N N 184 
HIS CB  CG   sing N N 185 
HIS CB  HB2  sing N N 186 
HIS CB  HB3  sing N N 187 
HIS CG  ND1  sing Y N 188 
HIS CG  CD2  doub Y N 189 
HIS ND1 CE1  doub Y N 190 
HIS ND1 HD1  sing N N 191 
HIS CD2 NE2  sing Y N 192 
HIS CD2 HD2  sing N N 193 
HIS CE1 NE2  sing Y N 194 
HIS CE1 HE1  sing N N 195 
HIS NE2 HE2  sing N N 196 
HIS OXT HXT  sing N N 197 
HOH O   H1   sing N N 198 
HOH O   H2   sing N N 199 
ILE N   CA   sing N N 200 
ILE N   H    sing N N 201 
ILE N   H2   sing N N 202 
ILE CA  C    sing N N 203 
ILE CA  CB   sing N N 204 
ILE CA  HA   sing N N 205 
ILE C   O    doub N N 206 
ILE C   OXT  sing N N 207 
ILE CB  CG1  sing N N 208 
ILE CB  CG2  sing N N 209 
ILE CB  HB   sing N N 210 
ILE CG1 CD1  sing N N 211 
ILE CG1 HG12 sing N N 212 
ILE CG1 HG13 sing N N 213 
ILE CG2 HG21 sing N N 214 
ILE CG2 HG22 sing N N 215 
ILE CG2 HG23 sing N N 216 
ILE CD1 HD11 sing N N 217 
ILE CD1 HD12 sing N N 218 
ILE CD1 HD13 sing N N 219 
ILE OXT HXT  sing N N 220 
LEU N   CA   sing N N 221 
LEU N   H    sing N N 222 
LEU N   H2   sing N N 223 
LEU CA  C    sing N N 224 
LEU CA  CB   sing N N 225 
LEU CA  HA   sing N N 226 
LEU C   O    doub N N 227 
LEU C   OXT  sing N N 228 
LEU CB  CG   sing N N 229 
LEU CB  HB2  sing N N 230 
LEU CB  HB3  sing N N 231 
LEU CG  CD1  sing N N 232 
LEU CG  CD2  sing N N 233 
LEU CG  HG   sing N N 234 
LEU CD1 HD11 sing N N 235 
LEU CD1 HD12 sing N N 236 
LEU CD1 HD13 sing N N 237 
LEU CD2 HD21 sing N N 238 
LEU CD2 HD22 sing N N 239 
LEU CD2 HD23 sing N N 240 
LEU OXT HXT  sing N N 241 
LYS N   CA   sing N N 242 
LYS N   H    sing N N 243 
LYS N   H2   sing N N 244 
LYS CA  C    sing N N 245 
LYS CA  CB   sing N N 246 
LYS CA  HA   sing N N 247 
LYS C   O    doub N N 248 
LYS C   OXT  sing N N 249 
LYS CB  CG   sing N N 250 
LYS CB  HB2  sing N N 251 
LYS CB  HB3  sing N N 252 
LYS CG  CD   sing N N 253 
LYS CG  HG2  sing N N 254 
LYS CG  HG3  sing N N 255 
LYS CD  CE   sing N N 256 
LYS CD  HD2  sing N N 257 
LYS CD  HD3  sing N N 258 
LYS CE  NZ   sing N N 259 
LYS CE  HE2  sing N N 260 
LYS CE  HE3  sing N N 261 
LYS NZ  HZ1  sing N N 262 
LYS NZ  HZ2  sing N N 263 
LYS NZ  HZ3  sing N N 264 
LYS OXT HXT  sing N N 265 
MET N   CA   sing N N 266 
MET N   H    sing N N 267 
MET N   H2   sing N N 268 
MET CA  C    sing N N 269 
MET CA  CB   sing N N 270 
MET CA  HA   sing N N 271 
MET C   O    doub N N 272 
MET C   OXT  sing N N 273 
MET CB  CG   sing N N 274 
MET CB  HB2  sing N N 275 
MET CB  HB3  sing N N 276 
MET CG  SD   sing N N 277 
MET CG  HG2  sing N N 278 
MET CG  HG3  sing N N 279 
MET SD  CE   sing N N 280 
MET CE  HE1  sing N N 281 
MET CE  HE2  sing N N 282 
MET CE  HE3  sing N N 283 
MET OXT HXT  sing N N 284 
PHE N   CA   sing N N 285 
PHE N   H    sing N N 286 
PHE N   H2   sing N N 287 
PHE CA  C    sing N N 288 
PHE CA  CB   sing N N 289 
PHE CA  HA   sing N N 290 
PHE C   O    doub N N 291 
PHE C   OXT  sing N N 292 
PHE CB  CG   sing N N 293 
PHE CB  HB2  sing N N 294 
PHE CB  HB3  sing N N 295 
PHE CG  CD1  doub Y N 296 
PHE CG  CD2  sing Y N 297 
PHE CD1 CE1  sing Y N 298 
PHE CD1 HD1  sing N N 299 
PHE CD2 CE2  doub Y N 300 
PHE CD2 HD2  sing N N 301 
PHE CE1 CZ   doub Y N 302 
PHE CE1 HE1  sing N N 303 
PHE CE2 CZ   sing Y N 304 
PHE CE2 HE2  sing N N 305 
PHE CZ  HZ   sing N N 306 
PHE OXT HXT  sing N N 307 
PRO N   CA   sing N N 308 
PRO N   CD   sing N N 309 
PRO N   H    sing N N 310 
PRO CA  C    sing N N 311 
PRO CA  CB   sing N N 312 
PRO CA  HA   sing N N 313 
PRO C   O    doub N N 314 
PRO C   OXT  sing N N 315 
PRO CB  CG   sing N N 316 
PRO CB  HB2  sing N N 317 
PRO CB  HB3  sing N N 318 
PRO CG  CD   sing N N 319 
PRO CG  HG2  sing N N 320 
PRO CG  HG3  sing N N 321 
PRO CD  HD2  sing N N 322 
PRO CD  HD3  sing N N 323 
PRO OXT HXT  sing N N 324 
SER N   CA   sing N N 325 
SER N   H    sing N N 326 
SER N   H2   sing N N 327 
SER CA  C    sing N N 328 
SER CA  CB   sing N N 329 
SER CA  HA   sing N N 330 
SER C   O    doub N N 331 
SER C   OXT  sing N N 332 
SER CB  OG   sing N N 333 
SER CB  HB2  sing N N 334 
SER CB  HB3  sing N N 335 
SER OG  HG   sing N N 336 
SER OXT HXT  sing N N 337 
THR N   CA   sing N N 338 
THR N   H    sing N N 339 
THR N   H2   sing N N 340 
THR CA  C    sing N N 341 
THR CA  CB   sing N N 342 
THR CA  HA   sing N N 343 
THR C   O    doub N N 344 
THR C   OXT  sing N N 345 
THR CB  OG1  sing N N 346 
THR CB  CG2  sing N N 347 
THR CB  HB   sing N N 348 
THR OG1 HG1  sing N N 349 
THR CG2 HG21 sing N N 350 
THR CG2 HG22 sing N N 351 
THR CG2 HG23 sing N N 352 
THR OXT HXT  sing N N 353 
TRP N   CA   sing N N 354 
TRP N   H    sing N N 355 
TRP N   H2   sing N N 356 
TRP CA  C    sing N N 357 
TRP CA  CB   sing N N 358 
TRP CA  HA   sing N N 359 
TRP C   O    doub N N 360 
TRP C   OXT  sing N N 361 
TRP CB  CG   sing N N 362 
TRP CB  HB2  sing N N 363 
TRP CB  HB3  sing N N 364 
TRP CG  CD1  doub Y N 365 
TRP CG  CD2  sing Y N 366 
TRP CD1 NE1  sing Y N 367 
TRP CD1 HD1  sing N N 368 
TRP CD2 CE2  doub Y N 369 
TRP CD2 CE3  sing Y N 370 
TRP NE1 CE2  sing Y N 371 
TRP NE1 HE1  sing N N 372 
TRP CE2 CZ2  sing Y N 373 
TRP CE3 CZ3  doub Y N 374 
TRP CE3 HE3  sing N N 375 
TRP CZ2 CH2  doub Y N 376 
TRP CZ2 HZ2  sing N N 377 
TRP CZ3 CH2  sing Y N 378 
TRP CZ3 HZ3  sing N N 379 
TRP CH2 HH2  sing N N 380 
TRP OXT HXT  sing N N 381 
TYR N   CA   sing N N 382 
TYR N   H    sing N N 383 
TYR N   H2   sing N N 384 
TYR CA  C    sing N N 385 
TYR CA  CB   sing N N 386 
TYR CA  HA   sing N N 387 
TYR C   O    doub N N 388 
TYR C   OXT  sing N N 389 
TYR CB  CG   sing N N 390 
TYR CB  HB2  sing N N 391 
TYR CB  HB3  sing N N 392 
TYR CG  CD1  doub Y N 393 
TYR CG  CD2  sing Y N 394 
TYR CD1 CE1  sing Y N 395 
TYR CD1 HD1  sing N N 396 
TYR CD2 CE2  doub Y N 397 
TYR CD2 HD2  sing N N 398 
TYR CE1 CZ   doub Y N 399 
TYR CE1 HE1  sing N N 400 
TYR CE2 CZ   sing Y N 401 
TYR CE2 HE2  sing N N 402 
TYR CZ  OH   sing N N 403 
TYR OH  HH   sing N N 404 
TYR OXT HXT  sing N N 405 
VAL N   CA   sing N N 406 
VAL N   H    sing N N 407 
VAL N   H2   sing N N 408 
VAL CA  C    sing N N 409 
VAL CA  CB   sing N N 410 
VAL CA  HA   sing N N 411 
VAL C   O    doub N N 412 
VAL C   OXT  sing N N 413 
VAL CB  CG1  sing N N 414 
VAL CB  CG2  sing N N 415 
VAL CB  HB   sing N N 416 
VAL CG1 HG11 sing N N 417 
VAL CG1 HG12 sing N N 418 
VAL CG1 HG13 sing N N 419 
VAL CG2 HG21 sing N N 420 
VAL CG2 HG22 sing N N 421 
VAL CG2 HG23 sing N N 422 
VAL OXT HXT  sing N N 423 
# 
_pdbx_audit_support.funding_organization   'Not funded' 
_pdbx_audit_support.country                ? 
_pdbx_audit_support.grant_number           ? 
_pdbx_audit_support.ordinal                1 
# 
loop_
_pdbx_branch_scheme.asym_id 
_pdbx_branch_scheme.entity_id 
_pdbx_branch_scheme.mon_id 
_pdbx_branch_scheme.num 
_pdbx_branch_scheme.pdb_asym_id 
_pdbx_branch_scheme.pdb_mon_id 
_pdbx_branch_scheme.pdb_seq_num 
_pdbx_branch_scheme.auth_asym_id 
_pdbx_branch_scheme.auth_mon_id 
_pdbx_branch_scheme.auth_seq_num 
_pdbx_branch_scheme.hetero 
B 2 BGC 1 B BGC 1 A LIG 201 n 
B 2 GAL 2 B GAL 2 A LIG 201 n 
# 
loop_
_pdbx_chem_comp_identifier.comp_id 
_pdbx_chem_comp_identifier.type 
_pdbx_chem_comp_identifier.program 
_pdbx_chem_comp_identifier.program_version 
_pdbx_chem_comp_identifier.identifier 
BGC 'CONDENSED IUPAC CARBOHYDRATE SYMBOL' GMML     1.0 DGlcpb              
BGC 'COMMON NAME'                         GMML     1.0 b-D-glucopyranose   
BGC 'IUPAC CARBOHYDRATE SYMBOL'           PDB-CARE 1.0 b-D-Glcp            
BGC 'SNFG CARBOHYDRATE SYMBOL'            GMML     1.0 Glc                 
GAL 'CONDENSED IUPAC CARBOHYDRATE SYMBOL' GMML     1.0 DGalpb              
GAL 'COMMON NAME'                         GMML     1.0 b-D-galactopyranose 
GAL 'IUPAC CARBOHYDRATE SYMBOL'           PDB-CARE 1.0 b-D-Galp            
GAL 'SNFG CARBOHYDRATE SYMBOL'            GMML     1.0 Gal                 
# 
_pdbx_entity_branch.entity_id   2 
_pdbx_entity_branch.type        oligosaccharide 
# 
loop_
_pdbx_entity_branch_descriptor.ordinal 
_pdbx_entity_branch_descriptor.entity_id 
_pdbx_entity_branch_descriptor.descriptor 
_pdbx_entity_branch_descriptor.type 
_pdbx_entity_branch_descriptor.program 
_pdbx_entity_branch_descriptor.program_version 
1 2 DGalpb1-4DGlcpb1-ROH                                       'Glycam Condensed Sequence' GMML       1.0   
2 2 'WURCS=2.0/2,2,1/[a2122h-1b_1-5][a2112h-1b_1-5]/1-2/a4-b1' WURCS                       PDB2Glycan 1.1.0 
3 2 '[][b-D-Glcp]{[(4+1)][b-D-Galp]{}}'                        LINUCS                      PDB-CARE   ?     
# 
_pdbx_entity_branch_link.link_id                    1 
_pdbx_entity_branch_link.entity_id                  2 
_pdbx_entity_branch_link.entity_branch_list_num_1   2 
_pdbx_entity_branch_link.comp_id_1                  GAL 
_pdbx_entity_branch_link.atom_id_1                  C1 
_pdbx_entity_branch_link.leaving_atom_id_1          O1 
_pdbx_entity_branch_link.entity_branch_list_num_2   1 
_pdbx_entity_branch_link.comp_id_2                  BGC 
_pdbx_entity_branch_link.atom_id_2                  O4 
_pdbx_entity_branch_link.leaving_atom_id_2          HO4 
_pdbx_entity_branch_link.value_order                sing 
_pdbx_entity_branch_link.details                    ? 
# 
loop_
_pdbx_entity_branch_list.entity_id 
_pdbx_entity_branch_list.comp_id 
_pdbx_entity_branch_list.num 
_pdbx_entity_branch_list.hetero 
2 BGC 1 n 
2 GAL 2 n 
# 
loop_
_pdbx_entity_instance_feature.ordinal 
_pdbx_entity_instance_feature.comp_id 
_pdbx_entity_instance_feature.asym_id 
_pdbx_entity_instance_feature.seq_num 
_pdbx_entity_instance_feature.auth_comp_id 
_pdbx_entity_instance_feature.auth_asym_id 
_pdbx_entity_instance_feature.auth_seq_num 
_pdbx_entity_instance_feature.feature_type 
_pdbx_entity_instance_feature.details 
1 BGC ? ? BGC ? ? 'SUBJECT OF INVESTIGATION' ? 
2 GAL ? ? GAL ? ? 'SUBJECT OF INVESTIGATION' ? 
# 
_pdbx_entity_nonpoly.entity_id   3 
_pdbx_entity_nonpoly.name        water 
_pdbx_entity_nonpoly.comp_id     HOH 
# 
_pdbx_initial_refinement_model.id               1 
_pdbx_initial_refinement_model.entity_id_list   ? 
_pdbx_initial_refinement_model.type             'experimental model' 
_pdbx_initial_refinement_model.source_name      PDB 
_pdbx_initial_refinement_model.accession_code   5XRG 
_pdbx_initial_refinement_model.details          ? 
# 
_pdbx_struct_assembly_auth_evidence.id                     1 
_pdbx_struct_assembly_auth_evidence.assembly_id            1 
_pdbx_struct_assembly_auth_evidence.experimental_support   none 
_pdbx_struct_assembly_auth_evidence.details                ? 
# 
